data_6DU8
#
_entry.id   6DU8
#
_cell.length_a   1.0
_cell.length_b   1.0
_cell.length_c   1.0
_cell.angle_alpha   90.0
_cell.angle_beta   90.0
_cell.angle_gamma   90.0
#
_symmetry.space_group_name_H-M   'P 1'
#
loop_
_entity.id
_entity.type
_entity.pdbx_description
1 polymer 'Polycystic kidney disease 2-like 1 protein'
2 non-polymer 2-acetamido-2-deoxy-beta-D-glucopyranose
#
_entity_poly.entity_id   1
_entity_poly.type   'polypeptide(L)'
_entity_poly.pdbx_seq_one_letter_code
;MNAVGSPEGQELQKLGSGAWDNPAYSGPPSPHGTLRVCTISSTGPLQPQPKKPEDEPQETAYRTQVSSCCLHICQGIRGL
WGTTLTENTAENRELYIKTTLRELLVYIVFLVDICLLTYGMTSSSAYYYTKVMSELFLHTPSDTGVSFQAISSMADFWDF
AQGPLLDSLYWTKWYNNQSLGHGSHSFIYYENMLLGVPRLRQLKVRNDSCVVHEDFREDILSCYDVYSPDKEEQLPFGPF
NGTAWTYHSQDELGGFSHWGRLTSYSGGGYYLDLPGSRQGSAEALRALQEGLWLDRGTRVVFIDFSVYNANINLFCVLRL
VVEFPATGGAIPSWQIRTVKLIRYVSNWDFFIVGCEVIFCVFIFYYVVEEILELHIHRLRYLSSIWNILDLVVILLSIVA
VGFHIFRTLEVNRLMGKLLQQPNTYADFEFLAFWQTQYNNMNAVNLFFAWIKIFKYISFNKTMTQLSSTLARCAKDILGF
AVMFFIVFFAYAQLGYLLFGTQVENFSTFIKCIFTQFRIILGDFDYNAIDNANRILGPAYFVTYVFFVFFVLLNMFLAII
NDTYSEVKEELAGQKDELQLSDLLKQGYNKTLLRLRLRKERVSDVQKVLQGGEQEIQFEDFTNTLRELGHAEHEITELTA
TFTKFDRDGNRILDEKEQEKMRQDLEEERVALNTEIEKLGRSIVSSPQGKSGPEAARAGGWVSGEEFYMLTRRVLQLETV
LEGVVSQIDAVGSKLKMLERKGWLAPSPGVKEQAIWKHPQPAPAVTPDPWGVQGGQESEVPYKREEEALEERRLSRGEIP
TLQRS
;
_entity_poly.pdbx_strand_id   A,B,C,D
#
loop_
_chem_comp.id
_chem_comp.type
_chem_comp.name
_chem_comp.formula
NAG D-saccharide, beta linking 2-acetamido-2-deoxy-beta-D-glucopyranose 'C8 H15 N O6'
#
# COMPACT_ATOMS: atom_id res chain seq x y z
N LEU A 101 46.46 10.49 22.34
CA LEU A 101 47.21 11.75 22.45
C LEU A 101 46.71 12.50 23.68
N ARG A 102 47.37 13.60 24.03
CA ARG A 102 47.00 14.34 25.21
C ARG A 102 45.84 15.28 24.97
N GLU A 103 45.44 15.45 23.71
CA GLU A 103 44.33 16.30 23.34
C GLU A 103 43.21 15.56 22.60
N LEU A 104 43.53 14.42 21.98
CA LEU A 104 42.57 13.68 21.19
C LEU A 104 41.94 12.55 21.97
N LEU A 105 42.73 11.81 22.74
CA LEU A 105 42.25 10.66 23.52
C LEU A 105 41.39 11.10 24.70
N VAL A 106 41.57 12.33 25.18
CA VAL A 106 40.72 12.89 26.20
C VAL A 106 39.30 13.06 25.68
N TYR A 107 39.20 13.44 24.40
CA TYR A 107 37.90 13.60 23.76
C TYR A 107 37.24 12.25 23.54
N ILE A 108 38.04 11.19 23.33
CA ILE A 108 37.47 9.85 23.20
C ILE A 108 36.91 9.40 24.55
N VAL A 109 37.64 9.67 25.63
CA VAL A 109 37.14 9.45 26.98
C VAL A 109 35.90 10.27 27.21
N PHE A 110 35.90 11.52 26.74
CA PHE A 110 34.68 12.34 26.77
C PHE A 110 33.58 11.76 25.91
N LEU A 111 33.91 11.18 24.75
CA LEU A 111 32.89 10.50 23.94
C LEU A 111 32.24 9.34 24.68
N VAL A 112 33.06 8.39 25.15
CA VAL A 112 32.59 7.18 25.80
C VAL A 112 31.87 7.49 27.11
N ASP A 113 32.24 8.56 27.81
CA ASP A 113 31.43 9.00 28.93
C ASP A 113 30.09 9.59 28.47
N ILE A 114 30.11 10.45 27.45
CA ILE A 114 28.85 11.05 26.98
C ILE A 114 28.04 10.03 26.18
N CYS A 115 28.68 9.02 25.61
CA CYS A 115 27.89 7.93 25.04
C CYS A 115 27.18 7.14 26.12
N LEU A 116 27.95 6.71 27.13
CA LEU A 116 27.39 5.88 28.21
C LEU A 116 26.40 6.66 29.06
N LEU A 117 26.54 7.98 29.07
CA LEU A 117 25.56 8.80 29.79
C LEU A 117 24.22 8.87 29.05
N THR A 118 24.24 9.02 27.73
CA THR A 118 22.99 9.08 26.97
C THR A 118 22.26 7.74 26.93
N TYR A 119 23.06 6.68 26.94
CA TYR A 119 22.53 5.33 26.89
C TYR A 119 22.28 4.82 28.29
N GLY A 120 22.54 5.69 29.26
CA GLY A 120 22.34 5.38 30.66
C GLY A 120 20.87 5.08 30.87
N MET A 121 20.04 5.86 30.19
CA MET A 121 18.60 5.69 30.26
C MET A 121 18.07 5.59 28.84
N THR A 122 18.38 4.46 28.20
CA THR A 122 17.96 4.18 26.84
C THR A 122 17.38 2.77 26.86
N SER A 123 16.22 2.66 27.48
CA SER A 123 15.50 1.40 27.62
C SER A 123 15.40 0.75 26.25
N SER A 124 15.91 -0.47 26.11
CA SER A 124 15.88 -1.13 24.83
C SER A 124 14.56 -1.83 24.77
N SER A 125 13.77 -1.64 25.81
CA SER A 125 12.47 -2.29 25.86
C SER A 125 11.35 -1.26 25.88
N ALA A 126 11.48 -0.21 25.08
CA ALA A 126 10.52 0.88 25.11
C ALA A 126 9.59 0.94 23.91
N TYR A 127 10.04 0.56 22.72
CA TYR A 127 9.19 0.75 21.55
C TYR A 127 8.09 -0.30 21.47
N TYR A 128 8.30 -1.47 22.08
CA TYR A 128 7.15 -2.38 22.22
C TYR A 128 6.17 -1.89 23.27
N TYR A 129 6.63 -1.13 24.25
CA TYR A 129 5.73 -0.53 25.22
C TYR A 129 4.91 0.56 24.56
N THR A 130 5.53 1.27 23.63
CA THR A 130 4.81 2.23 22.80
C THR A 130 3.85 1.54 21.84
N LYS A 131 4.21 0.36 21.31
CA LYS A 131 3.26 -0.43 20.51
C LYS A 131 2.02 -0.79 21.31
N VAL A 132 2.19 -1.40 22.48
CA VAL A 132 1.04 -1.84 23.28
C VAL A 132 0.24 -0.64 23.73
N MET A 133 0.91 0.44 24.10
CA MET A 133 0.21 1.58 24.65
C MET A 133 -0.51 2.40 23.58
N SER A 134 0.14 2.63 22.44
CA SER A 134 -0.50 3.26 21.30
C SER A 134 -1.66 2.43 20.79
N GLU A 135 -1.40 1.19 20.38
CA GLU A 135 -2.44 0.35 19.81
C GLU A 135 -3.37 -0.27 20.85
N LEU A 136 -3.34 0.18 22.10
CA LEU A 136 -4.41 -0.20 23.01
C LEU A 136 -5.51 0.84 23.06
N PHE A 137 -5.18 2.13 22.88
CA PHE A 137 -6.18 3.19 22.90
C PHE A 137 -6.51 3.74 21.52
N LEU A 138 -5.49 3.92 20.67
CA LEU A 138 -5.71 4.45 19.32
C LEU A 138 -6.54 3.50 18.47
N HIS A 139 -6.02 2.30 18.21
CA HIS A 139 -6.56 1.44 17.17
C HIS A 139 -7.68 0.54 17.66
N THR A 140 -8.15 0.73 18.87
CA THR A 140 -9.20 -0.14 19.40
C THR A 140 -10.55 0.28 18.84
N PRO A 141 -11.32 -0.63 18.26
CA PRO A 141 -12.67 -0.28 17.80
C PRO A 141 -13.67 -0.23 18.95
N SER A 142 -14.67 0.63 18.75
CA SER A 142 -15.74 0.80 19.71
C SER A 142 -16.80 -0.30 19.52
N ASP A 143 -17.95 -0.11 20.15
CA ASP A 143 -19.09 -0.98 19.86
C ASP A 143 -19.61 -0.72 18.44
N THR A 144 -19.82 0.55 18.11
CA THR A 144 -20.22 0.92 16.75
C THR A 144 -19.04 1.07 15.81
N GLY A 145 -17.82 0.84 16.27
CA GLY A 145 -16.69 0.74 15.38
C GLY A 145 -16.01 2.04 15.02
N VAL A 146 -15.63 2.83 16.03
CA VAL A 146 -14.87 4.06 15.80
C VAL A 146 -13.56 3.97 16.58
N SER A 147 -12.47 4.31 15.91
CA SER A 147 -11.13 4.29 16.48
C SER A 147 -10.56 5.70 16.48
N PHE A 148 -9.51 5.90 17.28
CA PHE A 148 -9.00 7.25 17.51
C PHE A 148 -8.30 7.80 16.29
N GLN A 149 -7.66 6.97 15.48
CA GLN A 149 -7.03 7.52 14.28
C GLN A 149 -8.05 7.77 13.19
N ALA A 150 -9.27 7.26 13.34
CA ALA A 150 -10.35 7.44 12.38
C ALA A 150 -11.60 8.02 13.05
N ILE A 151 -11.42 9.06 13.85
CA ILE A 151 -12.53 9.88 14.34
C ILE A 151 -12.56 11.16 13.52
N SER A 152 -13.76 11.54 13.06
CA SER A 152 -13.93 12.81 12.37
C SER A 152 -15.16 13.59 12.80
N SER A 153 -16.17 12.95 13.36
CA SER A 153 -17.38 13.66 13.75
C SER A 153 -17.24 14.14 15.19
N MET A 154 -18.34 14.59 15.77
CA MET A 154 -18.38 14.97 17.17
C MET A 154 -19.23 14.03 18.01
N ALA A 155 -20.29 13.46 17.43
CA ALA A 155 -21.14 12.54 18.19
C ALA A 155 -20.50 11.18 18.37
N ASP A 156 -19.40 10.89 17.66
CA ASP A 156 -18.69 9.63 17.82
C ASP A 156 -17.44 9.76 18.67
N PHE A 157 -16.97 11.00 18.93
CA PHE A 157 -16.03 11.23 20.02
C PHE A 157 -16.61 10.77 21.34
N TRP A 158 -17.91 10.99 21.56
CA TRP A 158 -18.57 10.50 22.76
C TRP A 158 -18.95 9.03 22.69
N ASP A 159 -18.61 8.33 21.61
CA ASP A 159 -18.57 6.88 21.65
C ASP A 159 -17.16 6.37 21.90
N PHE A 160 -16.16 7.09 21.35
CA PHE A 160 -14.76 6.76 21.63
C PHE A 160 -14.42 6.93 23.10
N ALA A 161 -14.97 7.96 23.73
CA ALA A 161 -14.65 8.23 25.13
C ALA A 161 -15.64 7.58 26.08
N GLN A 162 -16.41 6.59 25.61
CA GLN A 162 -17.25 5.83 26.51
C GLN A 162 -17.14 4.32 26.28
N GLY A 163 -16.77 3.89 25.07
CA GLY A 163 -16.51 2.49 24.86
C GLY A 163 -15.04 2.07 24.91
N PRO A 164 -14.22 2.56 23.97
CA PRO A 164 -12.83 2.10 23.91
C PRO A 164 -11.84 2.91 24.72
N LEU A 165 -12.33 3.75 25.64
CA LEU A 165 -11.46 4.36 26.62
C LEU A 165 -12.04 4.32 28.03
N LEU A 166 -13.32 4.01 28.18
CA LEU A 166 -13.88 3.73 29.48
C LEU A 166 -13.99 2.24 29.76
N ASP A 167 -14.27 1.44 28.73
CA ASP A 167 -14.15 0.00 28.81
C ASP A 167 -12.76 -0.48 28.43
N SER A 168 -11.77 0.42 28.43
CA SER A 168 -10.40 0.06 28.12
C SER A 168 -9.42 0.75 29.06
N LEU A 169 -9.85 1.05 30.29
CA LEU A 169 -9.01 1.69 31.28
C LEU A 169 -9.13 1.09 32.67
N TYR A 170 -10.26 0.45 32.99
CA TYR A 170 -10.63 0.08 34.35
C TYR A 170 -10.82 -1.43 34.43
N TRP A 171 -9.77 -2.12 34.87
CA TRP A 171 -9.75 -3.58 34.93
C TRP A 171 -9.95 -4.06 36.36
N THR A 172 -10.78 -5.09 36.51
CA THR A 172 -11.00 -5.73 37.80
C THR A 172 -11.48 -7.17 37.60
N GLY A 181 -1.32 -8.84 38.83
CA GLY A 181 -2.60 -9.09 39.47
C GLY A 181 -3.57 -7.93 39.32
N HIS A 182 -4.43 -7.74 40.31
CA HIS A 182 -5.38 -6.63 40.30
C HIS A 182 -5.75 -6.24 41.72
N GLY A 183 -5.56 -4.96 42.05
CA GLY A 183 -5.97 -4.39 43.31
C GLY A 183 -7.01 -3.31 43.15
N SER A 184 -6.62 -2.04 43.37
CA SER A 184 -7.50 -0.92 43.08
C SER A 184 -6.76 0.26 42.46
N HIS A 185 -5.61 0.03 41.82
CA HIS A 185 -4.83 1.07 41.17
C HIS A 185 -4.91 1.01 39.66
N SER A 186 -5.76 0.14 39.11
CA SER A 186 -6.13 0.07 37.69
C SER A 186 -4.91 -0.20 36.80
N PHE A 187 -4.35 -1.39 36.98
CA PHE A 187 -3.42 -1.92 36.00
C PHE A 187 -4.15 -2.18 34.69
N ILE A 188 -3.69 -1.53 33.61
CA ILE A 188 -4.42 -1.51 32.35
C ILE A 188 -4.14 -2.74 31.50
N TYR A 189 -2.95 -3.33 31.62
CA TYR A 189 -2.68 -4.59 30.96
C TYR A 189 -2.75 -5.79 31.91
N TYR A 190 -2.69 -5.53 33.23
CA TYR A 190 -2.21 -6.34 34.37
C TYR A 190 -0.70 -6.24 34.56
N GLU A 191 -0.02 -5.34 33.86
CA GLU A 191 1.42 -5.22 34.03
C GLU A 191 1.94 -3.79 34.08
N ASN A 192 1.06 -2.79 34.21
CA ASN A 192 1.46 -1.39 34.31
C ASN A 192 0.35 -0.57 34.93
N MET A 193 0.71 0.25 35.91
CA MET A 193 -0.27 0.89 36.76
C MET A 193 -0.68 2.25 36.24
N LEU A 194 -1.93 2.61 36.50
CA LEU A 194 -2.45 3.95 36.20
C LEU A 194 -2.21 4.84 37.39
N LEU A 195 -1.30 5.80 37.24
CA LEU A 195 -0.90 6.69 38.33
C LEU A 195 -1.62 8.02 38.17
N GLY A 196 -2.43 8.35 39.15
CA GLY A 196 -3.26 9.53 39.04
C GLY A 196 -4.56 9.21 38.33
N VAL A 197 -5.15 10.26 37.76
CA VAL A 197 -6.37 10.15 36.96
C VAL A 197 -6.26 11.08 35.76
N PRO A 198 -6.92 10.73 34.65
CA PRO A 198 -6.86 11.58 33.45
C PRO A 198 -7.61 12.89 33.64
N ARG A 199 -7.33 13.82 32.72
CA ARG A 199 -8.16 15.02 32.67
C ARG A 199 -8.34 15.50 31.24
N LEU A 200 -9.40 16.30 31.06
CA LEU A 200 -10.00 16.67 29.78
C LEU A 200 -10.08 18.18 29.69
N ARG A 201 -9.02 18.85 29.28
CA ARG A 201 -9.07 20.30 29.21
C ARG A 201 -9.44 20.73 27.80
N GLN A 202 -10.37 21.69 27.71
CA GLN A 202 -11.03 22.11 26.49
C GLN A 202 -10.77 23.58 26.23
N LEU A 203 -10.27 23.91 25.05
CA LEU A 203 -10.27 25.32 24.68
C LEU A 203 -11.57 25.66 23.98
N LYS A 204 -11.95 26.94 24.04
CA LYS A 204 -13.09 27.43 23.26
C LYS A 204 -12.72 28.78 22.67
N VAL A 205 -13.58 29.28 21.78
CA VAL A 205 -13.48 30.61 21.22
C VAL A 205 -14.87 31.24 21.23
N ARG A 206 -14.90 32.57 21.17
CA ARG A 206 -16.12 33.30 21.51
C ARG A 206 -16.91 33.69 20.26
N ASN A 207 -18.20 34.03 20.49
CA ASN A 207 -19.16 34.34 19.40
C ASN A 207 -18.89 35.55 18.53
N ASP A 208 -18.59 36.70 19.12
CA ASP A 208 -18.19 37.86 18.32
C ASP A 208 -16.68 37.91 18.09
N SER A 209 -16.12 36.83 17.55
CA SER A 209 -14.68 36.80 17.32
C SER A 209 -14.30 37.54 16.05
N CYS A 210 -15.07 37.32 14.98
CA CYS A 210 -15.01 38.15 13.78
C CYS A 210 -16.42 38.30 13.25
N VAL A 211 -16.61 39.29 12.38
CA VAL A 211 -17.94 39.65 11.92
C VAL A 211 -18.15 39.09 10.51
N VAL A 212 -19.36 38.58 10.27
CA VAL A 212 -19.71 38.04 8.95
C VAL A 212 -19.80 39.18 7.95
N HIS A 213 -19.60 38.87 6.68
CA HIS A 213 -19.79 39.90 5.66
C HIS A 213 -21.28 40.10 5.39
N GLU A 214 -21.62 41.34 5.01
CA GLU A 214 -23.00 41.84 5.06
C GLU A 214 -23.95 41.19 4.08
N ASP A 215 -23.43 40.43 3.10
CA ASP A 215 -24.31 39.68 2.22
C ASP A 215 -25.05 38.58 2.96
N PHE A 216 -24.42 38.00 3.98
CA PHE A 216 -25.01 36.95 4.81
C PHE A 216 -25.28 37.50 6.21
N ARG A 217 -26.54 37.76 6.51
CA ARG A 217 -27.01 38.09 7.84
C ARG A 217 -28.28 37.29 8.10
N GLU A 218 -28.94 37.59 9.22
CA GLU A 218 -30.31 37.20 9.57
C GLU A 218 -30.48 35.69 9.86
N ASP A 219 -29.48 34.89 9.52
CA ASP A 219 -29.51 33.44 9.73
C ASP A 219 -28.21 32.89 10.28
N ILE A 220 -27.11 33.61 10.14
CA ILE A 220 -25.76 33.09 10.28
C ILE A 220 -25.05 33.93 11.36
N LEU A 221 -25.85 34.35 12.35
CA LEU A 221 -25.51 35.45 13.24
C LEU A 221 -24.31 35.17 14.16
N SER A 222 -24.08 33.91 14.52
CA SER A 222 -22.98 33.56 15.40
C SER A 222 -21.78 33.10 14.56
N CYS A 223 -20.62 33.69 14.82
CA CYS A 223 -19.47 33.57 13.91
C CYS A 223 -18.19 33.25 14.69
N TYR A 224 -17.91 31.96 14.87
CA TYR A 224 -16.72 31.48 15.56
C TYR A 224 -15.51 31.62 14.64
N ASP A 225 -14.32 31.19 15.06
CA ASP A 225 -13.14 31.58 14.31
C ASP A 225 -12.03 30.55 14.51
N VAL A 226 -10.99 30.68 13.69
CA VAL A 226 -9.79 29.87 13.84
C VAL A 226 -9.10 30.24 15.15
N TYR A 227 -8.33 29.31 15.71
CA TYR A 227 -7.76 29.52 17.02
C TYR A 227 -6.55 30.43 16.94
N SER A 228 -6.45 31.32 17.92
CA SER A 228 -5.33 32.24 18.10
C SER A 228 -5.08 32.31 19.61
N PRO A 229 -3.92 32.84 20.04
CA PRO A 229 -3.76 33.12 21.48
C PRO A 229 -4.75 34.13 22.04
N ASP A 230 -5.37 34.95 21.20
CA ASP A 230 -6.48 35.79 21.61
C ASP A 230 -7.78 35.01 21.42
N LYS A 231 -8.92 35.71 21.54
CA LYS A 231 -10.23 35.27 21.07
C LYS A 231 -10.78 34.05 21.81
N GLU A 232 -10.27 33.70 22.99
CA GLU A 232 -10.82 32.56 23.72
C GLU A 232 -12.10 32.96 24.45
N GLU A 233 -12.57 32.08 25.33
CA GLU A 233 -13.67 32.37 26.23
C GLU A 233 -13.17 32.22 27.66
N GLN A 234 -12.90 33.34 28.33
CA GLN A 234 -12.66 33.31 29.76
C GLN A 234 -13.96 33.45 30.55
N LEU A 235 -14.98 32.66 30.21
CA LEU A 235 -16.28 32.84 30.81
C LEU A 235 -16.91 31.48 31.12
N PRO A 236 -17.56 31.34 32.26
CA PRO A 236 -18.35 30.13 32.52
C PRO A 236 -19.64 30.14 31.72
N PHE A 237 -20.09 28.93 31.37
CA PHE A 237 -21.31 28.78 30.56
C PHE A 237 -22.29 27.73 31.07
N GLY A 238 -21.87 26.76 31.87
CA GLY A 238 -22.74 25.67 32.26
C GLY A 238 -23.69 26.05 33.38
N PRO A 239 -24.38 25.06 33.94
CA PRO A 239 -25.36 25.33 35.00
C PRO A 239 -24.77 25.83 36.31
N PHE A 240 -23.84 25.09 36.89
CA PHE A 240 -23.31 25.44 38.21
C PHE A 240 -21.83 25.06 38.24
N ASN A 241 -21.10 25.65 39.19
CA ASN A 241 -19.68 25.41 39.41
C ASN A 241 -19.37 23.94 39.61
N GLY A 242 -18.65 23.33 38.66
CA GLY A 242 -18.18 21.97 38.81
C GLY A 242 -16.81 21.78 38.20
N THR A 243 -16.14 22.90 37.93
CA THR A 243 -14.78 22.90 37.38
C THR A 243 -14.66 22.60 35.88
N ALA A 244 -15.63 21.85 35.36
CA ALA A 244 -15.66 21.45 33.97
C ALA A 244 -16.35 22.48 33.08
N TRP A 245 -17.02 23.46 33.69
CA TRP A 245 -17.74 24.49 32.96
C TRP A 245 -17.19 25.88 33.24
N THR A 246 -16.13 26.01 34.02
CA THR A 246 -15.56 27.29 34.41
C THR A 246 -14.14 27.37 33.89
N TYR A 247 -13.80 28.51 33.28
CA TYR A 247 -12.45 28.69 32.76
C TYR A 247 -11.44 28.77 33.90
N HIS A 248 -10.25 28.27 33.62
CA HIS A 248 -9.11 28.35 34.51
C HIS A 248 -7.93 28.86 33.72
N SER A 249 -7.06 29.64 34.36
CA SER A 249 -6.08 30.43 33.62
C SER A 249 -4.94 29.55 33.12
N GLN A 250 -3.97 30.19 32.48
CA GLN A 250 -2.80 29.47 31.99
C GLN A 250 -1.86 29.11 33.13
N ASP A 251 -1.91 29.84 34.24
CA ASP A 251 -1.03 29.59 35.37
C ASP A 251 -1.75 29.10 36.60
N GLU A 252 -3.04 28.79 36.51
CA GLU A 252 -3.67 27.97 37.54
C GLU A 252 -3.39 26.49 37.32
N LEU A 253 -3.01 26.11 36.12
CA LEU A 253 -2.82 24.70 35.78
C LEU A 253 -1.37 24.42 35.41
N GLY A 254 -0.72 25.38 34.76
CA GLY A 254 0.69 25.26 34.49
C GLY A 254 1.04 24.50 33.24
N GLY A 255 0.05 24.03 32.49
CA GLY A 255 0.32 23.27 31.28
C GLY A 255 0.92 24.16 30.21
N PHE A 256 1.99 23.67 29.58
CA PHE A 256 2.70 24.40 28.54
C PHE A 256 1.81 24.50 27.28
N SER A 257 2.23 25.36 26.35
CA SER A 257 1.56 25.49 25.06
C SER A 257 1.72 24.20 24.26
N HIS A 258 0.63 23.45 24.14
CA HIS A 258 0.60 22.30 23.24
C HIS A 258 0.74 22.74 21.79
N TRP A 259 1.42 21.94 21.00
CA TRP A 259 1.50 22.17 19.56
C TRP A 259 0.75 21.05 18.87
N GLY A 260 -0.43 21.40 18.34
CA GLY A 260 -1.25 20.47 17.59
C GLY A 260 -0.85 20.46 16.13
N ARG A 261 -1.80 20.05 15.29
CA ARG A 261 -1.50 19.94 13.87
C ARG A 261 -1.60 21.28 13.16
N LEU A 262 -2.61 22.09 13.47
CA LEU A 262 -2.82 23.33 12.73
C LEU A 262 -1.89 24.44 13.23
N THR A 263 -2.12 24.88 14.47
CA THR A 263 -1.37 25.95 15.13
C THR A 263 -1.17 25.58 16.58
N SER A 264 -0.41 26.39 17.31
CA SER A 264 -0.13 26.16 18.72
C SER A 264 -1.37 26.40 19.57
N TYR A 265 -1.25 26.14 20.86
CA TYR A 265 -2.38 26.32 21.79
C TYR A 265 -1.83 26.92 23.08
N SER A 266 -2.61 26.87 24.15
CA SER A 266 -2.20 27.46 25.42
C SER A 266 -2.70 26.58 26.56
N GLY A 267 -2.55 27.06 27.78
CA GLY A 267 -2.98 26.35 28.97
C GLY A 267 -4.42 26.60 29.34
N GLY A 268 -5.35 26.05 28.56
CA GLY A 268 -6.74 26.44 28.64
C GLY A 268 -7.47 25.79 29.80
N GLY A 269 -8.78 26.06 29.85
CA GLY A 269 -9.57 25.79 31.01
C GLY A 269 -10.50 24.61 30.84
N TYR A 270 -11.61 24.66 31.57
CA TYR A 270 -12.80 23.80 31.41
C TYR A 270 -12.54 22.34 31.76
N TYR A 271 -11.42 22.05 32.40
CA TYR A 271 -10.93 20.68 32.56
C TYR A 271 -11.81 19.89 33.53
N LEU A 272 -11.72 18.57 33.42
CA LEU A 272 -12.45 17.67 34.32
C LEU A 272 -11.49 16.56 34.72
N ASP A 273 -11.03 16.59 35.97
CA ASP A 273 -10.29 15.46 36.52
C ASP A 273 -11.23 14.28 36.69
N LEU A 274 -10.90 13.17 36.07
CA LEU A 274 -11.80 12.02 36.10
C LEU A 274 -11.77 11.32 37.45
N PRO A 275 -12.85 10.63 37.81
CA PRO A 275 -12.80 9.73 38.97
C PRO A 275 -12.05 8.45 38.62
N GLY A 276 -12.03 7.52 39.58
CA GLY A 276 -11.22 6.33 39.43
C GLY A 276 -11.97 5.03 39.48
N SER A 277 -13.14 4.96 38.85
CA SER A 277 -13.93 3.75 38.85
C SER A 277 -14.74 3.66 37.57
N ARG A 278 -15.15 2.44 37.24
CA ARG A 278 -15.86 2.19 35.97
C ARG A 278 -17.24 2.84 35.97
N GLN A 279 -18.01 2.64 37.03
CA GLN A 279 -19.32 3.28 37.12
C GLN A 279 -19.19 4.79 37.30
N GLY A 280 -18.12 5.24 37.97
CA GLY A 280 -17.98 6.66 38.27
C GLY A 280 -17.70 7.49 37.04
N SER A 281 -16.81 7.03 36.16
CA SER A 281 -16.49 7.80 34.97
C SER A 281 -17.64 7.79 33.97
N ALA A 282 -18.41 6.71 33.94
CA ALA A 282 -19.58 6.66 33.07
C ALA A 282 -20.68 7.57 33.57
N GLU A 283 -20.91 7.60 34.89
CA GLU A 283 -21.88 8.53 35.44
C GLU A 283 -21.41 9.97 35.38
N ALA A 284 -20.09 10.19 35.26
CA ALA A 284 -19.59 11.53 34.98
C ALA A 284 -19.88 11.93 33.54
N LEU A 285 -19.42 11.14 32.57
CA LEU A 285 -19.48 11.55 31.17
C LEU A 285 -20.89 11.49 30.59
N ARG A 286 -21.74 10.56 31.05
CA ARG A 286 -23.11 10.52 30.56
C ARG A 286 -23.90 11.73 31.06
N ALA A 287 -23.66 12.14 32.30
CA ALA A 287 -24.23 13.40 32.77
C ALA A 287 -23.58 14.60 32.13
N LEU A 288 -22.37 14.43 31.59
CA LEU A 288 -21.70 15.52 30.89
C LEU A 288 -22.20 15.67 29.46
N GLN A 289 -22.86 14.64 28.91
CA GLN A 289 -23.41 14.76 27.55
C GLN A 289 -24.56 15.76 27.49
N GLU A 290 -25.58 15.60 28.35
CA GLU A 290 -26.77 16.44 28.24
C GLU A 290 -26.49 17.89 28.62
N GLY A 291 -25.41 18.14 29.37
CA GLY A 291 -24.96 19.49 29.57
C GLY A 291 -24.33 20.13 28.34
N LEU A 292 -23.97 19.31 27.35
CA LEU A 292 -23.33 19.74 26.10
C LEU A 292 -22.03 20.48 26.39
N TRP A 293 -21.11 19.78 27.06
CA TRP A 293 -19.80 20.35 27.36
C TRP A 293 -18.97 20.55 26.10
N LEU A 294 -19.22 19.74 25.08
CA LEU A 294 -18.58 19.88 23.79
C LEU A 294 -19.52 20.60 22.83
N ASP A 295 -19.54 21.93 22.95
CA ASP A 295 -20.44 22.72 22.14
C ASP A 295 -19.76 23.37 20.94
N ARG A 296 -20.58 24.07 20.18
CA ARG A 296 -20.39 24.35 18.76
C ARG A 296 -19.46 25.55 18.67
N GLY A 297 -18.17 25.28 18.54
CA GLY A 297 -17.18 26.35 18.65
C GLY A 297 -15.99 25.94 19.50
N THR A 298 -15.90 24.65 19.80
CA THR A 298 -14.72 24.10 20.44
C THR A 298 -13.56 24.15 19.45
N ARG A 299 -12.33 24.21 19.96
CA ARG A 299 -11.18 24.15 19.08
C ARG A 299 -10.25 22.98 19.39
N VAL A 300 -9.96 22.68 20.65
CA VAL A 300 -9.31 21.43 21.05
C VAL A 300 -10.01 20.86 22.27
N VAL A 301 -10.17 19.54 22.28
CA VAL A 301 -10.44 18.78 23.48
C VAL A 301 -9.25 17.87 23.71
N PHE A 302 -8.61 18.01 24.87
CA PHE A 302 -7.54 17.11 25.22
C PHE A 302 -8.07 15.98 26.09
N ILE A 303 -7.29 14.91 26.16
CA ILE A 303 -7.39 13.98 27.27
C ILE A 303 -6.00 13.45 27.56
N ASP A 304 -5.57 13.60 28.81
CA ASP A 304 -4.20 13.30 29.20
C ASP A 304 -4.22 12.35 30.38
N PHE A 305 -3.44 11.27 30.28
CA PHE A 305 -3.02 10.53 31.47
C PHE A 305 -1.71 9.82 31.16
N SER A 306 -1.27 8.96 32.07
CA SER A 306 0.05 8.35 31.95
C SER A 306 0.06 7.07 32.76
N VAL A 307 0.91 6.14 32.35
CA VAL A 307 1.05 4.87 33.03
C VAL A 307 2.54 4.49 33.15
N TYR A 308 2.84 3.77 34.23
CA TYR A 308 4.18 3.38 34.65
C TYR A 308 4.18 1.90 35.03
N ASN A 309 5.19 1.17 34.56
CA ASN A 309 5.39 -0.22 34.94
C ASN A 309 6.65 -0.39 35.78
N ALA A 310 6.63 -1.39 36.65
CA ALA A 310 7.77 -1.70 37.50
C ALA A 310 8.89 -2.40 36.75
N ASN A 311 8.55 -3.14 35.70
CA ASN A 311 9.37 -4.23 35.20
C ASN A 311 10.61 -3.75 34.48
N ILE A 312 10.58 -2.56 33.90
CA ILE A 312 11.73 -1.98 33.22
C ILE A 312 11.96 -0.52 33.60
N ASN A 313 11.15 0.03 34.51
CA ASN A 313 11.25 1.39 35.04
C ASN A 313 11.16 2.45 33.93
N LEU A 314 9.97 2.51 33.31
CA LEU A 314 9.67 3.51 32.30
C LEU A 314 8.33 4.16 32.57
N PHE A 315 8.32 5.50 32.53
CA PHE A 315 7.09 6.27 32.50
C PHE A 315 6.70 6.51 31.05
N CYS A 316 5.50 6.10 30.68
CA CYS A 316 4.97 6.54 29.40
C CYS A 316 3.79 7.46 29.64
N VAL A 317 3.76 8.55 28.87
CA VAL A 317 2.73 9.57 28.99
C VAL A 317 1.90 9.54 27.71
N LEU A 318 0.62 9.84 27.84
CA LEU A 318 -0.26 9.78 26.71
C LEU A 318 -1.13 11.02 26.68
N ARG A 319 -0.96 11.79 25.61
CA ARG A 319 -1.73 12.97 25.27
C ARG A 319 -2.53 12.68 24.03
N LEU A 320 -3.86 12.81 24.11
CA LEU A 320 -4.73 12.49 23.00
C LEU A 320 -5.55 13.74 22.66
N VAL A 321 -5.37 14.22 21.44
CA VAL A 321 -5.91 15.51 20.97
C VAL A 321 -7.05 15.23 20.01
N VAL A 322 -8.21 15.84 20.25
CA VAL A 322 -9.33 15.80 19.31
C VAL A 322 -9.65 17.26 19.02
N GLU A 323 -9.15 17.78 17.91
CA GLU A 323 -9.28 19.19 17.60
C GLU A 323 -10.37 19.40 16.57
N PHE A 324 -11.25 20.35 16.85
CA PHE A 324 -12.37 20.66 15.98
C PHE A 324 -12.03 21.98 15.31
N PRO A 325 -11.64 21.99 14.03
CA PRO A 325 -11.21 23.24 13.40
C PRO A 325 -12.40 24.16 13.12
N ALA A 326 -12.07 25.35 12.61
CA ALA A 326 -13.09 26.34 12.27
C ALA A 326 -14.01 25.84 11.17
N THR A 327 -13.48 25.03 10.25
CA THR A 327 -14.27 24.50 9.14
C THR A 327 -15.31 23.50 9.60
N GLY A 328 -15.05 22.79 10.69
CA GLY A 328 -15.86 21.67 11.11
C GLY A 328 -15.03 20.40 11.21
N GLY A 329 -15.73 19.33 11.54
CA GLY A 329 -15.13 18.02 11.59
C GLY A 329 -14.30 17.80 12.84
N ALA A 330 -13.35 16.88 12.71
CA ALA A 330 -12.34 16.59 13.72
C ALA A 330 -11.17 15.92 13.03
N ILE A 331 -9.97 16.42 13.28
CA ILE A 331 -8.77 15.86 12.66
C ILE A 331 -7.77 15.43 13.74
N PRO A 332 -7.84 14.19 14.22
CA PRO A 332 -7.21 13.85 15.49
C PRO A 332 -5.70 13.70 15.36
N SER A 333 -5.04 13.85 16.51
CA SER A 333 -3.63 13.58 16.63
C SER A 333 -3.38 13.04 18.03
N TRP A 334 -2.28 12.32 18.18
CA TRP A 334 -1.88 11.73 19.45
C TRP A 334 -0.45 12.16 19.73
N GLN A 335 -0.03 11.92 20.98
CA GLN A 335 1.36 12.17 21.34
C GLN A 335 1.70 11.22 22.47
N ILE A 336 2.38 10.12 22.16
CA ILE A 336 2.79 9.12 23.15
C ILE A 336 4.30 9.23 23.31
N ARG A 337 4.75 9.53 24.53
CA ARG A 337 6.16 9.67 24.84
C ARG A 337 6.49 8.73 26.00
N THR A 338 7.60 8.02 25.91
CA THR A 338 7.92 6.93 26.84
C THR A 338 9.39 7.06 27.25
N VAL A 339 9.66 7.52 28.46
CA VAL A 339 11.04 7.67 28.91
C VAL A 339 11.27 7.17 30.33
N LYS A 340 12.50 7.24 30.80
CA LYS A 340 12.89 6.66 32.10
C LYS A 340 12.28 7.18 33.40
N LEU A 341 12.24 8.50 33.55
CA LEU A 341 11.68 9.12 34.74
C LEU A 341 12.65 9.02 35.92
N ILE A 342 13.24 7.84 36.10
CA ILE A 342 14.19 7.62 37.18
C ILE A 342 15.58 7.27 36.63
N ARG A 343 16.59 7.96 37.14
CA ARG A 343 17.96 7.72 36.71
C ARG A 343 18.06 7.67 35.19
N PHE A 351 23.05 1.69 42.14
CA PHE A 351 23.98 2.45 41.31
C PHE A 351 23.34 2.85 39.98
N ILE A 352 22.79 4.06 39.93
CA ILE A 352 22.20 4.60 38.71
C ILE A 352 22.70 6.02 38.50
N VAL A 353 23.42 6.56 39.48
CA VAL A 353 23.76 7.98 39.50
C VAL A 353 25.24 8.27 39.42
N GLY A 354 26.13 7.32 39.75
CA GLY A 354 27.55 7.64 39.85
C GLY A 354 28.29 7.82 38.55
N CYS A 355 27.69 7.43 37.42
CA CYS A 355 28.31 7.66 36.12
C CYS A 355 28.23 9.11 35.68
N GLU A 356 27.43 9.93 36.34
CA GLU A 356 27.19 11.31 35.95
C GLU A 356 28.19 12.28 36.55
N VAL A 357 28.80 11.94 37.68
CA VAL A 357 29.72 12.88 38.32
C VAL A 357 31.04 12.99 37.57
N ILE A 358 31.39 12.00 36.76
CA ILE A 358 32.53 12.19 35.87
C ILE A 358 32.12 13.02 34.66
N PHE A 359 30.86 12.92 34.22
CA PHE A 359 30.37 13.73 33.11
C PHE A 359 30.27 15.20 33.48
N CYS A 360 29.95 15.49 34.74
CA CYS A 360 29.89 16.88 35.20
C CYS A 360 31.26 17.55 35.20
N VAL A 361 32.34 16.78 35.23
CA VAL A 361 33.69 17.35 35.19
C VAL A 361 33.98 17.97 33.83
N PHE A 362 33.51 17.34 32.75
CA PHE A 362 33.96 17.69 31.41
C PHE A 362 33.45 19.04 30.94
N ILE A 363 32.33 19.53 31.48
CA ILE A 363 31.84 20.87 31.16
C ILE A 363 32.88 21.92 31.58
N PHE A 364 33.29 21.86 32.85
CA PHE A 364 34.33 22.76 33.33
C PHE A 364 35.69 22.45 32.72
N TYR A 365 35.91 21.20 32.30
CA TYR A 365 37.16 20.83 31.66
C TYR A 365 37.29 21.50 30.29
N TYR A 366 36.19 21.61 29.54
CA TYR A 366 36.26 22.14 28.19
C TYR A 366 35.93 23.61 28.06
N VAL A 367 35.17 24.20 28.99
CA VAL A 367 34.93 25.65 28.88
C VAL A 367 36.21 26.43 29.12
N VAL A 368 37.10 25.91 29.98
CA VAL A 368 38.37 26.59 30.25
C VAL A 368 39.29 26.50 29.05
N GLU A 369 39.36 25.32 28.42
CA GLU A 369 40.18 25.17 27.22
C GLU A 369 39.61 25.93 26.03
N GLU A 370 38.31 26.21 26.02
CA GLU A 370 37.75 27.09 25.01
C GLU A 370 38.11 28.56 25.28
N ILE A 371 37.93 29.01 26.54
CA ILE A 371 38.08 30.44 26.79
C ILE A 371 39.54 30.85 26.88
N LEU A 372 40.46 29.93 27.22
CA LEU A 372 41.88 30.27 27.19
C LEU A 372 42.36 30.51 25.77
N GLU A 373 41.76 29.82 24.80
CA GLU A 373 41.95 30.20 23.41
C GLU A 373 41.22 31.50 23.09
N LEU A 374 40.06 31.73 23.72
CA LEU A 374 39.28 32.91 23.45
C LEU A 374 39.76 34.14 24.23
N HIS A 375 40.52 33.95 25.32
CA HIS A 375 40.97 35.11 26.10
C HIS A 375 42.10 35.86 25.40
N ILE A 376 43.05 35.13 24.81
CA ILE A 376 44.22 35.73 24.18
C ILE A 376 44.03 35.53 22.68
N HIS A 377 42.77 35.58 22.25
CA HIS A 377 42.41 35.32 20.87
C HIS A 377 42.89 36.44 19.95
N ARG A 378 43.17 36.07 18.70
CA ARG A 378 43.50 37.05 17.68
C ARG A 378 42.22 37.74 17.20
N LEU A 379 42.39 38.72 16.30
CA LEU A 379 41.27 39.49 15.77
C LEU A 379 40.52 38.78 14.65
N ARG A 380 40.73 37.47 14.48
CA ARG A 380 40.10 36.68 13.41
C ARG A 380 39.74 35.33 14.03
N TYR A 381 38.49 35.19 14.44
CA TYR A 381 38.02 33.94 15.02
C TYR A 381 37.25 33.11 13.99
N SER A 384 36.77 30.11 12.45
CA SER A 384 36.23 29.02 11.64
C SER A 384 35.03 28.39 12.32
N ILE A 385 34.38 27.46 11.62
CA ILE A 385 33.16 26.84 12.13
C ILE A 385 33.44 25.75 13.16
N TRP A 386 34.70 25.41 13.40
CA TRP A 386 35.00 24.51 14.50
C TRP A 386 34.81 25.17 15.87
N ASN A 387 34.87 26.50 15.93
CA ASN A 387 34.60 27.21 17.18
C ASN A 387 33.13 27.09 17.57
N ILE A 388 32.22 27.31 16.62
CA ILE A 388 30.80 27.12 16.92
C ILE A 388 30.45 25.64 17.01
N LEU A 389 31.28 24.77 16.42
CA LEU A 389 31.14 23.33 16.65
C LEU A 389 31.44 22.97 18.10
N ASP A 390 32.48 23.59 18.68
CA ASP A 390 32.71 23.46 20.11
C ASP A 390 31.55 24.05 20.91
N LEU A 391 31.05 25.22 20.49
CA LEU A 391 30.07 25.95 21.28
C LEU A 391 28.72 25.23 21.32
N VAL A 392 28.31 24.62 20.21
CA VAL A 392 26.98 24.01 20.16
C VAL A 392 26.94 22.73 20.99
N VAL A 393 28.09 22.06 21.18
CA VAL A 393 28.11 20.87 22.02
C VAL A 393 28.44 21.22 23.47
N ILE A 394 29.05 22.39 23.72
CA ILE A 394 29.26 22.82 25.10
C ILE A 394 27.98 23.37 25.71
N LEU A 395 27.28 24.25 24.98
CA LEU A 395 26.12 24.93 25.53
C LEU A 395 24.94 23.98 25.80
N LEU A 396 24.82 22.91 25.02
CA LEU A 396 23.79 21.92 25.30
C LEU A 396 24.07 21.10 26.56
N SER A 397 25.33 21.01 26.98
CA SER A 397 25.68 20.17 28.12
C SER A 397 25.17 20.77 29.42
N ILE A 398 25.25 22.09 29.58
CA ILE A 398 24.74 22.74 30.78
C ILE A 398 23.22 22.64 30.84
N VAL A 399 22.56 22.78 29.68
CA VAL A 399 21.11 22.62 29.58
C VAL A 399 20.71 21.19 29.94
N ALA A 400 21.55 20.22 29.56
CA ALA A 400 21.29 18.83 29.91
C ALA A 400 21.43 18.61 31.42
N VAL A 401 22.56 19.03 32.00
CA VAL A 401 22.81 18.77 33.41
C VAL A 401 21.91 19.59 34.33
N GLY A 402 21.29 20.65 33.83
CA GLY A 402 20.30 21.35 34.63
C GLY A 402 19.01 20.58 34.83
N PHE A 403 18.66 19.73 33.85
CA PHE A 403 17.38 19.03 33.88
C PHE A 403 17.31 17.96 34.96
N HIS A 404 18.44 17.44 35.43
CA HIS A 404 18.43 16.35 36.41
C HIS A 404 17.90 16.82 37.75
N ILE A 405 18.30 18.03 38.17
CA ILE A 405 17.82 18.60 39.42
C ILE A 405 16.32 18.85 39.35
N PHE A 406 15.85 19.32 38.19
CA PHE A 406 14.43 19.57 38.00
C PHE A 406 13.63 18.27 38.02
N ARG A 407 14.21 17.19 37.46
CA ARG A 407 13.55 15.89 37.55
C ARG A 407 13.49 15.40 38.99
N THR A 408 14.61 15.50 39.72
CA THR A 408 14.65 14.99 41.08
C THR A 408 13.78 15.80 42.02
N LEU A 409 13.50 17.06 41.71
CA LEU A 409 12.48 17.79 42.45
C LEU A 409 11.08 17.39 42.01
N GLU A 410 10.81 17.36 40.71
CA GLU A 410 9.43 17.26 40.25
C GLU A 410 8.87 15.86 40.36
N VAL A 411 9.65 14.82 40.06
CA VAL A 411 9.19 13.45 40.19
C VAL A 411 8.86 13.13 41.64
N ASN A 412 9.69 13.61 42.56
CA ASN A 412 9.44 13.43 43.99
C ASN A 412 8.22 14.21 44.44
N ARG A 413 8.06 15.44 43.95
CA ARG A 413 6.87 16.23 44.28
C ARG A 413 5.60 15.58 43.75
N LEU A 414 5.67 14.98 42.57
CA LEU A 414 4.47 14.41 41.95
C LEU A 414 4.06 13.13 42.64
N MET A 415 5.01 12.29 43.05
CA MET A 415 4.55 11.15 43.84
C MET A 415 4.24 11.53 45.28
N GLY A 416 4.78 12.62 45.80
CA GLY A 416 4.33 13.12 47.08
C GLY A 416 2.92 13.66 47.04
N LYS A 417 2.53 14.19 45.89
CA LYS A 417 1.18 14.71 45.68
C LYS A 417 0.16 13.58 45.60
N LEU A 418 0.60 12.34 45.37
CA LEU A 418 -0.29 11.26 45.00
C LEU A 418 -0.51 10.21 46.09
N LEU A 419 0.45 9.95 46.97
CA LEU A 419 0.25 8.88 47.94
C LEU A 419 -0.73 9.29 49.04
N GLN A 420 -0.79 10.57 49.36
CA GLN A 420 -1.99 11.14 49.96
C GLN A 420 -2.76 11.85 48.86
N GLN A 421 -4.10 11.92 49.02
CA GLN A 421 -5.06 12.37 48.01
C GLN A 421 -4.85 11.65 46.69
N PRO A 422 -5.18 10.35 46.59
CA PRO A 422 -4.81 9.59 45.39
C PRO A 422 -5.66 9.87 44.18
N ASN A 423 -6.75 10.62 44.30
CA ASN A 423 -7.63 10.90 43.18
C ASN A 423 -7.30 12.28 42.58
N THR A 424 -6.11 12.44 42.04
CA THR A 424 -5.73 13.71 41.46
C THR A 424 -4.79 13.52 40.28
N TYR A 425 -4.85 14.48 39.35
CA TYR A 425 -4.00 14.46 38.17
C TYR A 425 -2.61 14.95 38.52
N ALA A 426 -1.65 14.03 38.57
CA ALA A 426 -0.26 14.42 38.70
C ALA A 426 0.26 14.79 37.32
N ASP A 427 0.64 16.05 37.13
CA ASP A 427 1.02 16.51 35.80
C ASP A 427 2.40 16.02 35.40
N PHE A 428 2.44 14.95 34.62
CA PHE A 428 3.69 14.44 34.09
C PHE A 428 4.02 14.98 32.71
N GLU A 429 3.08 15.66 32.05
CA GLU A 429 3.26 16.05 30.66
C GLU A 429 4.33 17.12 30.50
N PHE A 430 4.51 17.97 31.50
CA PHE A 430 5.49 19.05 31.41
C PHE A 430 6.91 18.51 31.37
N LEU A 431 7.32 17.81 32.43
CA LEU A 431 8.66 17.22 32.41
C LEU A 431 8.75 16.04 31.47
N ALA A 432 7.63 15.48 31.02
CA ALA A 432 7.67 14.49 29.97
C ALA A 432 8.11 15.09 28.65
N PHE A 433 7.50 16.23 28.29
CA PHE A 433 7.91 16.95 27.08
C PHE A 433 9.34 17.47 27.22
N TRP A 434 9.72 17.92 28.40
CA TRP A 434 11.07 18.43 28.55
C TRP A 434 12.11 17.32 28.64
N GLN A 435 11.77 16.16 29.20
CA GLN A 435 12.61 14.98 29.13
C GLN A 435 12.74 14.48 27.70
N THR A 436 11.68 14.60 26.91
CA THR A 436 11.76 14.15 25.53
C THR A 436 12.64 15.08 24.70
N GLN A 437 12.46 16.39 24.85
CA GLN A 437 13.40 17.32 24.21
C GLN A 437 14.79 17.25 24.84
N TYR A 438 14.89 16.75 26.07
CA TYR A 438 16.19 16.52 26.71
C TYR A 438 16.95 15.40 26.04
N ASN A 439 16.35 14.22 25.88
CA ASN A 439 17.14 13.17 25.25
C ASN A 439 17.20 13.34 23.73
N ASN A 440 16.30 14.13 23.14
CA ASN A 440 16.54 14.64 21.79
C ASN A 440 17.80 15.49 21.74
N MET A 441 17.98 16.40 22.70
CA MET A 441 19.17 17.23 22.72
C MET A 441 20.42 16.42 23.04
N ASN A 442 20.27 15.34 23.82
CA ASN A 442 21.39 14.44 24.05
C ASN A 442 21.76 13.70 22.78
N ALA A 443 20.76 13.32 21.98
CA ALA A 443 21.05 12.73 20.68
C ALA A 443 21.75 13.72 19.75
N VAL A 444 21.32 14.99 19.78
CA VAL A 444 21.87 15.98 18.86
C VAL A 444 23.30 16.37 19.26
N ASN A 445 23.56 16.59 20.55
CA ASN A 445 24.95 16.93 20.90
C ASN A 445 25.86 15.71 20.89
N LEU A 446 25.30 14.51 21.08
CA LEU A 446 26.06 13.29 20.86
C LEU A 446 26.47 13.17 19.39
N PHE A 447 25.54 13.49 18.47
CA PHE A 447 25.87 13.48 17.05
C PHE A 447 26.91 14.54 16.70
N PHE A 448 26.83 15.70 17.35
CA PHE A 448 27.84 16.74 17.12
C PHE A 448 29.19 16.31 17.66
N ALA A 449 29.20 15.56 18.76
CA ALA A 449 30.45 14.99 19.26
C ALA A 449 31.01 13.96 18.29
N TRP A 450 30.14 13.12 17.71
CA TRP A 450 30.60 12.15 16.71
C TRP A 450 31.11 12.83 15.45
N ILE A 451 30.53 13.97 15.08
CA ILE A 451 31.05 14.71 13.94
C ILE A 451 32.32 15.46 14.30
N LYS A 452 32.54 15.74 15.59
CA LYS A 452 33.72 16.47 16.04
C LYS A 452 34.96 15.59 16.18
N ILE A 453 34.88 14.31 15.80
CA ILE A 453 36.04 13.43 15.85
C ILE A 453 37.06 13.81 14.77
N PHE A 454 36.64 14.56 13.75
CA PHE A 454 37.52 14.98 12.67
C PHE A 454 38.54 16.05 13.06
N LYS A 455 38.56 16.49 14.31
CA LYS A 455 39.63 17.36 14.81
C LYS A 455 40.87 16.49 15.00
N TYR A 456 41.70 16.44 13.97
CA TYR A 456 42.90 15.60 13.98
C TYR A 456 44.13 16.40 14.41
N PHE A 480 25.25 26.40 -8.55
CA PHE A 480 25.19 27.71 -7.91
C PHE A 480 23.83 27.94 -7.25
N ALA A 481 22.80 27.33 -7.85
CA ALA A 481 21.46 27.14 -7.28
C ALA A 481 20.66 28.42 -7.09
N VAL A 482 21.18 29.58 -7.51
CA VAL A 482 20.40 30.80 -7.48
C VAL A 482 19.29 30.74 -8.53
N MET A 483 19.57 30.14 -9.68
CA MET A 483 18.56 29.83 -10.68
C MET A 483 17.83 28.53 -10.39
N PHE A 484 17.96 27.98 -9.19
CA PHE A 484 17.27 26.76 -8.80
C PHE A 484 16.32 26.96 -7.63
N PHE A 485 16.70 27.75 -6.63
CA PHE A 485 15.82 27.93 -5.48
C PHE A 485 14.62 28.83 -5.81
N ILE A 486 14.82 29.88 -6.60
CA ILE A 486 13.73 30.81 -6.86
C ILE A 486 12.67 30.21 -7.76
N VAL A 487 13.03 29.22 -8.58
CA VAL A 487 12.05 28.43 -9.31
C VAL A 487 11.60 27.20 -8.53
N PHE A 488 12.40 26.73 -7.56
CA PHE A 488 11.99 25.63 -6.68
C PHE A 488 10.80 26.03 -5.83
N PHE A 489 10.93 27.17 -5.14
CA PHE A 489 9.80 27.70 -4.38
C PHE A 489 8.70 28.24 -5.30
N ALA A 490 9.01 28.56 -6.56
CA ALA A 490 7.96 28.93 -7.50
C ALA A 490 7.08 27.74 -7.85
N TYR A 491 7.69 26.59 -8.14
CA TYR A 491 6.90 25.36 -8.33
C TYR A 491 6.19 24.96 -7.05
N ALA A 492 6.79 25.22 -5.89
CA ALA A 492 6.11 24.97 -4.62
C ALA A 492 4.88 25.85 -4.48
N GLN A 493 4.99 27.10 -4.91
CA GLN A 493 3.89 28.06 -4.84
C GLN A 493 2.79 27.70 -5.83
N LEU A 494 3.17 27.25 -7.02
CA LEU A 494 2.22 26.77 -8.02
C LEU A 494 1.50 25.52 -7.50
N GLY A 495 2.22 24.62 -6.84
CA GLY A 495 1.60 23.44 -6.29
C GLY A 495 0.71 23.75 -5.12
N TYR A 496 1.05 24.78 -4.34
CA TYR A 496 0.17 25.17 -3.24
C TYR A 496 -1.10 25.83 -3.74
N LEU A 497 -1.05 26.55 -4.85
CA LEU A 497 -2.26 27.23 -5.30
C LEU A 497 -3.14 26.35 -6.18
N LEU A 498 -2.54 25.54 -7.07
CA LEU A 498 -3.30 24.49 -7.76
C LEU A 498 -3.81 23.45 -6.78
N PHE A 499 -2.90 22.82 -6.05
CA PHE A 499 -3.20 21.76 -5.11
C PHE A 499 -3.24 22.45 -3.74
N GLY A 500 -4.37 23.07 -3.47
CA GLY A 500 -4.64 23.76 -2.23
C GLY A 500 -5.38 22.73 -1.44
N THR A 501 -6.68 22.67 -1.67
CA THR A 501 -7.47 21.56 -1.17
C THR A 501 -7.22 20.31 -2.04
N GLN A 502 -8.05 19.30 -1.82
CA GLN A 502 -8.14 18.02 -2.54
C GLN A 502 -6.98 17.08 -2.25
N VAL A 503 -5.96 17.53 -1.54
CA VAL A 503 -4.82 16.71 -1.21
C VAL A 503 -4.33 17.13 0.17
N GLU A 504 -4.09 16.17 1.05
CA GLU A 504 -3.65 16.51 2.38
C GLU A 504 -2.14 16.57 2.47
N ASN A 505 -1.49 16.16 1.41
CA ASN A 505 -0.18 16.64 1.08
C ASN A 505 -0.34 17.97 0.33
N PHE A 506 0.78 18.60 -0.05
CA PHE A 506 0.82 19.86 -0.79
C PHE A 506 0.06 21.01 -0.11
N SER A 507 -0.16 20.97 1.20
CA SER A 507 -1.33 21.66 1.73
C SER A 507 -0.99 22.95 2.47
N THR A 508 0.20 23.07 3.03
CA THR A 508 0.74 24.35 3.44
C THR A 508 1.93 24.64 2.56
N PHE A 509 2.64 25.73 2.83
CA PHE A 509 3.74 26.04 1.94
C PHE A 509 4.96 25.16 2.22
N ILE A 510 5.20 24.87 3.50
CA ILE A 510 6.33 24.04 3.89
C ILE A 510 6.18 22.65 3.30
N LYS A 511 4.98 22.08 3.44
CA LYS A 511 4.72 20.76 2.90
C LYS A 511 4.85 20.73 1.39
N CYS A 512 4.74 21.87 0.71
CA CYS A 512 5.11 21.97 -0.69
C CYS A 512 6.61 22.13 -0.91
N ILE A 513 7.44 22.12 0.12
CA ILE A 513 8.84 21.82 -0.08
C ILE A 513 9.15 20.37 0.25
N PHE A 514 8.46 19.81 1.24
CA PHE A 514 8.74 18.43 1.61
C PHE A 514 8.22 17.44 0.56
N THR A 515 7.03 17.68 0.03
CA THR A 515 6.49 16.84 -1.03
C THR A 515 7.28 17.00 -2.32
N GLN A 516 7.56 18.24 -2.67
CA GLN A 516 8.25 18.58 -3.90
C GLN A 516 9.74 18.29 -3.80
N PHE A 517 10.22 17.92 -2.61
CA PHE A 517 11.53 17.30 -2.40
C PHE A 517 11.47 15.77 -2.42
N ARG A 518 10.42 15.17 -1.85
CA ARG A 518 10.20 13.73 -1.96
C ARG A 518 10.03 13.29 -3.41
N ILE A 519 9.50 14.16 -4.26
CA ILE A 519 9.38 13.87 -5.69
C ILE A 519 10.76 13.74 -6.34
N ILE A 520 11.78 14.42 -5.80
CA ILE A 520 13.13 14.23 -6.32
C ILE A 520 13.66 12.86 -5.93
N LEU A 521 13.18 12.30 -4.82
CA LEU A 521 13.61 10.97 -4.40
C LEU A 521 12.79 9.88 -5.08
N GLY A 522 11.47 9.98 -5.02
CA GLY A 522 10.66 9.01 -5.71
C GLY A 522 9.39 8.61 -4.99
N ASP A 523 9.17 9.15 -3.80
CA ASP A 523 7.89 8.94 -3.12
C ASP A 523 6.94 10.04 -3.59
N PHE A 524 5.93 9.66 -4.36
CA PHE A 524 4.91 10.60 -4.81
C PHE A 524 3.61 9.84 -5.06
N ASP A 525 2.52 10.58 -5.10
CA ASP A 525 1.18 10.02 -5.29
C ASP A 525 0.59 10.72 -6.50
N TYR A 526 0.85 10.15 -7.68
CA TYR A 526 0.36 10.72 -8.93
C TYR A 526 -1.13 10.51 -9.11
N ASN A 527 -1.71 9.55 -8.39
CA ASN A 527 -3.15 9.29 -8.44
C ASN A 527 -3.94 10.25 -7.54
N ALA A 528 -3.30 11.31 -7.02
CA ALA A 528 -4.00 12.42 -6.40
C ALA A 528 -3.50 13.77 -6.90
N ILE A 529 -2.49 13.78 -7.78
CA ILE A 529 -2.23 14.93 -8.63
C ILE A 529 -3.13 14.88 -9.87
N ASP A 530 -3.23 13.72 -10.49
CA ASP A 530 -4.10 13.54 -11.65
C ASP A 530 -5.57 13.46 -11.26
N ASN A 531 -5.88 13.26 -9.99
CA ASN A 531 -7.27 13.23 -9.53
C ASN A 531 -7.68 14.57 -8.92
N ALA A 532 -6.98 15.64 -9.24
CA ALA A 532 -7.26 16.97 -8.69
C ALA A 532 -7.84 17.91 -9.73
N ASN A 533 -7.18 18.09 -10.86
CA ASN A 533 -7.67 18.94 -11.93
C ASN A 533 -7.70 18.29 -13.30
N ARG A 534 -6.83 17.32 -13.57
CA ARG A 534 -6.67 16.49 -14.77
C ARG A 534 -6.04 17.23 -15.95
N ILE A 535 -5.79 18.52 -15.87
CA ILE A 535 -5.24 19.29 -16.99
C ILE A 535 -3.88 19.91 -16.64
N LEU A 536 -3.80 20.58 -15.49
CA LEU A 536 -2.55 21.21 -15.09
C LEU A 536 -1.73 20.35 -14.14
N GLY A 537 -2.34 19.35 -13.51
CA GLY A 537 -1.64 18.41 -12.67
C GLY A 537 -0.51 17.67 -13.35
N PRO A 538 -0.82 16.92 -14.41
CA PRO A 538 0.26 16.33 -15.23
C PRO A 538 1.14 17.35 -15.90
N ALA A 539 0.60 18.54 -16.20
CA ALA A 539 1.40 19.58 -16.84
C ALA A 539 2.43 20.14 -15.89
N TYR A 540 2.05 20.33 -14.63
CA TYR A 540 3.01 20.63 -13.57
C TYR A 540 4.02 19.51 -13.41
N PHE A 541 3.54 18.26 -13.36
CA PHE A 541 4.37 17.13 -12.96
C PHE A 541 5.47 16.85 -13.96
N VAL A 542 5.12 16.74 -15.24
CA VAL A 542 6.07 16.31 -16.27
C VAL A 542 7.17 17.34 -16.46
N THR A 543 6.80 18.63 -16.49
CA THR A 543 7.84 19.63 -16.71
C THR A 543 8.61 19.93 -15.44
N TYR A 544 8.06 19.66 -14.25
CA TYR A 544 8.85 19.80 -13.04
C TYR A 544 9.90 18.70 -12.95
N VAL A 545 9.52 17.47 -13.29
CA VAL A 545 10.46 16.36 -13.29
C VAL A 545 11.53 16.57 -14.36
N PHE A 546 11.15 17.13 -15.52
CA PHE A 546 12.15 17.43 -16.55
C PHE A 546 13.06 18.58 -16.12
N PHE A 547 12.52 19.54 -15.36
CA PHE A 547 13.35 20.61 -14.81
C PHE A 547 14.36 20.07 -13.81
N VAL A 548 13.93 19.16 -12.93
CA VAL A 548 14.83 18.59 -11.94
C VAL A 548 15.94 17.79 -12.63
N PHE A 549 15.59 17.04 -13.67
CA PHE A 549 16.62 16.29 -14.39
C PHE A 549 17.58 17.22 -15.14
N PHE A 550 17.05 18.33 -15.68
CA PHE A 550 17.89 19.28 -16.41
C PHE A 550 18.86 20.00 -15.47
N VAL A 551 18.40 20.36 -14.28
CA VAL A 551 19.28 21.11 -13.37
C VAL A 551 20.23 20.16 -12.64
N LEU A 552 19.85 18.89 -12.46
CA LEU A 552 20.79 17.93 -11.92
C LEU A 552 21.82 17.48 -12.94
N LEU A 553 21.50 17.59 -14.23
CA LEU A 553 22.50 17.26 -15.25
C LEU A 553 23.43 18.43 -15.57
N ASN A 554 22.92 19.67 -15.56
CA ASN A 554 23.67 20.81 -16.06
C ASN A 554 24.91 21.13 -15.21
N MET A 555 24.85 20.90 -13.91
CA MET A 555 25.94 21.31 -13.03
C MET A 555 27.18 20.44 -13.17
N PHE A 556 27.04 19.20 -13.60
CA PHE A 556 28.13 18.23 -13.57
C PHE A 556 29.06 18.31 -14.76
N LEU A 557 28.57 18.77 -15.92
CA LEU A 557 29.37 18.76 -17.16
C LEU A 557 30.54 19.72 -17.09
N ALA A 558 30.37 20.87 -16.45
CA ALA A 558 31.49 21.80 -16.31
C ALA A 558 32.27 21.58 -15.03
N ILE A 559 31.74 20.81 -14.08
CA ILE A 559 32.41 20.54 -12.81
C ILE A 559 33.17 19.23 -12.82
N ILE A 560 33.04 18.44 -13.90
CA ILE A 560 33.76 17.18 -13.97
C ILE A 560 35.27 17.38 -14.14
N ASN A 561 35.71 18.54 -14.63
CA ASN A 561 37.14 18.78 -14.84
C ASN A 561 37.67 19.92 -13.96
N LEU B 101 16.34 49.18 -9.06
CA LEU B 101 16.58 49.89 -10.32
C LEU B 101 15.26 50.50 -10.79
N ARG B 102 15.30 51.31 -11.84
CA ARG B 102 14.10 51.96 -12.32
C ARG B 102 13.26 51.07 -13.21
N GLU B 103 13.80 49.91 -13.59
CA GLU B 103 13.10 48.95 -14.42
C GLU B 103 12.93 47.58 -13.76
N LEU B 104 13.77 47.25 -12.78
CA LEU B 104 13.76 45.95 -12.15
C LEU B 104 12.98 45.96 -10.85
N LEU B 105 13.16 47.00 -10.03
CA LEU B 105 12.50 47.11 -8.72
C LEU B 105 11.01 47.40 -8.87
N VAL B 106 10.59 47.98 -10.00
CA VAL B 106 9.20 48.17 -10.30
C VAL B 106 8.50 46.82 -10.47
N TYR B 107 9.22 45.87 -11.08
CA TYR B 107 8.69 44.53 -11.27
C TYR B 107 8.61 43.80 -9.95
N ILE B 108 9.51 44.10 -9.00
CA ILE B 108 9.43 43.49 -7.68
C ILE B 108 8.20 44.03 -6.94
N VAL B 109 7.96 45.32 -7.05
CA VAL B 109 6.73 45.92 -6.54
C VAL B 109 5.53 45.31 -7.23
N PHE B 110 5.62 45.09 -8.54
CA PHE B 110 4.59 44.33 -9.25
C PHE B 110 4.47 42.89 -8.78
N LEU B 111 5.60 42.24 -8.44
CA LEU B 111 5.54 40.90 -7.87
C LEU B 111 4.78 40.86 -6.55
N VAL B 112 5.22 41.68 -5.59
CA VAL B 112 4.66 41.71 -4.24
C VAL B 112 3.21 42.17 -4.25
N ASP B 113 2.82 43.03 -5.19
CA ASP B 113 1.39 43.30 -5.35
C ASP B 113 0.64 42.10 -5.93
N ILE B 114 1.19 41.46 -6.97
CA ILE B 114 0.50 40.31 -7.57
C ILE B 114 0.64 39.08 -6.67
N CYS B 115 1.66 39.03 -5.82
CA CYS B 115 1.68 37.96 -4.81
C CYS B 115 0.58 38.18 -3.78
N LEU B 116 0.53 39.39 -3.22
CA LEU B 116 -0.45 39.69 -2.17
C LEU B 116 -1.87 39.68 -2.71
N LEU B 117 -2.02 39.91 -4.01
CA LEU B 117 -3.35 39.82 -4.60
C LEU B 117 -3.83 38.37 -4.73
N THR B 118 -2.95 37.45 -5.13
CA THR B 118 -3.34 36.05 -5.25
C THR B 118 -3.59 35.39 -3.90
N TYR B 119 -2.84 35.86 -2.91
CA TYR B 119 -2.94 35.33 -1.56
C TYR B 119 -3.98 36.10 -0.78
N GLY B 120 -4.60 37.06 -1.47
CA GLY B 120 -5.63 37.89 -0.88
C GLY B 120 -6.77 37.00 -0.45
N MET B 121 -7.04 36.00 -1.29
CA MET B 121 -8.09 35.03 -1.01
C MET B 121 -7.50 33.64 -1.15
N THR B 122 -6.65 33.31 -0.19
CA THR B 122 -5.98 32.01 -0.15
C THR B 122 -6.15 31.49 1.28
N SER B 123 -7.39 31.12 1.58
CA SER B 123 -7.77 30.60 2.89
C SER B 123 -6.80 29.50 3.27
N SER B 124 -6.12 29.64 4.40
CA SER B 124 -5.16 28.64 4.80
C SER B 124 -5.94 27.62 5.56
N SER B 125 -7.24 27.83 5.63
CA SER B 125 -8.09 26.89 6.37
C SER B 125 -9.09 26.24 5.44
N ALA B 126 -8.64 25.84 4.25
CA ALA B 126 -9.55 25.31 3.24
C ALA B 126 -9.42 23.80 3.02
N TYR B 127 -8.22 23.24 3.13
CA TYR B 127 -8.07 21.83 2.78
C TYR B 127 -8.62 20.91 3.87
N TYR B 128 -8.68 21.38 5.11
CA TYR B 128 -9.42 20.59 6.10
C TYR B 128 -10.93 20.71 5.90
N TYR B 129 -11.39 21.80 5.31
CA TYR B 129 -12.81 21.92 4.96
C TYR B 129 -13.14 20.98 3.82
N THR B 130 -12.20 20.82 2.91
CA THR B 130 -12.33 19.82 1.85
C THR B 130 -12.24 18.40 2.41
N LYS B 131 -11.41 18.16 3.44
CA LYS B 131 -11.42 16.86 4.12
C LYS B 131 -12.78 16.53 4.71
N VAL B 132 -13.33 17.43 5.53
CA VAL B 132 -14.61 17.16 6.18
C VAL B 132 -15.71 17.03 5.15
N MET B 133 -15.67 17.86 4.11
CA MET B 133 -16.75 17.88 3.15
C MET B 133 -16.69 16.70 2.19
N SER B 134 -15.50 16.36 1.71
CA SER B 134 -15.30 15.15 0.91
C SER B 134 -15.63 13.90 1.70
N GLU B 135 -14.95 13.68 2.82
CA GLU B 135 -15.17 12.47 3.61
C GLU B 135 -16.43 12.51 4.47
N LEU B 136 -17.32 13.47 4.26
CA LEU B 136 -18.64 13.34 4.88
C LEU B 136 -19.65 12.70 3.94
N PHE B 137 -19.52 12.91 2.63
CA PHE B 137 -20.43 12.33 1.66
C PHE B 137 -19.84 11.17 0.88
N LEU B 138 -18.57 11.29 0.47
CA LEU B 138 -17.92 10.23 -0.29
C LEU B 138 -17.77 8.96 0.53
N HIS B 139 -17.00 9.02 1.62
CA HIS B 139 -16.54 7.83 2.30
C HIS B 139 -17.51 7.32 3.35
N THR B 140 -18.69 7.87 3.43
CA THR B 140 -19.64 7.43 4.44
C THR B 140 -20.31 6.14 4.02
N PRO B 141 -20.31 5.10 4.85
CA PRO B 141 -21.02 3.87 4.51
C PRO B 141 -22.52 4.01 4.74
N SER B 142 -23.26 3.25 3.93
CA SER B 142 -24.71 3.20 4.02
C SER B 142 -25.14 2.23 5.12
N ASP B 143 -26.43 1.90 5.14
CA ASP B 143 -26.89 0.82 6.01
C ASP B 143 -26.35 -0.53 5.52
N THR B 144 -26.51 -0.80 4.23
CA THR B 144 -25.95 -2.01 3.63
C THR B 144 -24.49 -1.85 3.22
N GLY B 145 -23.89 -0.69 3.46
CA GLY B 145 -22.45 -0.55 3.31
C GLY B 145 -21.97 -0.22 1.92
N VAL B 146 -22.52 0.84 1.32
CA VAL B 146 -22.03 1.32 0.02
C VAL B 146 -21.61 2.77 0.17
N SER B 147 -20.44 3.09 -0.36
CA SER B 147 -19.86 4.43 -0.32
C SER B 147 -19.70 4.95 -1.74
N PHE B 148 -19.52 6.27 -1.85
CA PHE B 148 -19.56 6.91 -3.16
C PHE B 148 -18.33 6.58 -3.99
N GLN B 149 -17.18 6.37 -3.37
CA GLN B 149 -16.02 6.00 -4.17
C GLN B 149 -16.06 4.54 -4.56
N ALA B 150 -16.94 3.75 -3.96
CA ALA B 150 -17.10 2.33 -4.24
C ALA B 150 -18.54 1.99 -4.59
N ILE B 151 -19.15 2.79 -5.47
CA ILE B 151 -20.42 2.44 -6.11
C ILE B 151 -20.12 1.95 -7.52
N SER B 152 -20.74 0.83 -7.90
CA SER B 152 -20.62 0.33 -9.27
C SER B 152 -21.93 -0.14 -9.87
N SER B 153 -22.92 -0.50 -9.07
CA SER B 153 -24.18 -1.00 -9.61
C SER B 153 -25.13 0.17 -9.82
N MET B 154 -26.39 -0.14 -10.07
CA MET B 154 -27.43 0.87 -10.17
C MET B 154 -28.44 0.79 -9.04
N ALA B 155 -28.71 -0.42 -8.52
CA ALA B 155 -29.66 -0.55 -7.42
C ALA B 155 -29.08 -0.10 -6.09
N ASP B 156 -27.76 0.13 -6.02
CA ASP B 156 -27.13 0.62 -4.80
C ASP B 156 -26.83 2.11 -4.85
N PHE B 157 -26.89 2.74 -6.04
CA PHE B 157 -27.00 4.19 -6.13
C PHE B 157 -28.22 4.69 -5.38
N TRP B 158 -29.34 3.96 -5.46
CA TRP B 158 -30.53 4.31 -4.71
C TRP B 158 -30.50 3.87 -3.26
N ASP B 159 -29.40 3.26 -2.81
CA ASP B 159 -29.14 3.18 -1.38
C ASP B 159 -28.20 4.30 -0.93
N PHE B 160 -27.25 4.66 -1.80
CA PHE B 160 -26.37 5.81 -1.52
C PHE B 160 -27.15 7.11 -1.43
N ALA B 161 -28.15 7.28 -2.28
CA ALA B 161 -28.92 8.51 -2.30
C ALA B 161 -30.15 8.45 -1.41
N GLN B 162 -30.21 7.48 -0.49
CA GLN B 162 -31.28 7.47 0.49
C GLN B 162 -30.77 7.25 1.91
N GLY B 163 -29.62 6.60 2.08
CA GLY B 163 -29.03 6.50 3.39
C GLY B 163 -27.94 7.52 3.72
N PRO B 164 -26.80 7.46 3.00
CA PRO B 164 -25.69 8.34 3.35
C PRO B 164 -25.67 9.69 2.65
N LEU B 165 -26.79 10.08 2.04
CA LEU B 165 -26.94 11.44 1.57
C LEU B 165 -28.30 12.03 1.91
N LEU B 166 -29.26 11.23 2.33
CA LEU B 166 -30.49 11.74 2.89
C LEU B 166 -30.49 11.72 4.41
N ASP B 167 -29.85 10.71 5.01
CA ASP B 167 -29.56 10.73 6.44
C ASP B 167 -28.22 11.38 6.74
N SER B 168 -27.67 12.14 5.79
CA SER B 168 -26.43 12.85 5.99
C SER B 168 -26.48 14.26 5.44
N LEU B 169 -27.67 14.86 5.41
CA LEU B 169 -27.84 16.22 4.91
C LEU B 169 -28.76 17.07 5.78
N TYR B 170 -29.67 16.45 6.53
CA TYR B 170 -30.79 17.13 7.18
C TYR B 170 -30.70 16.92 8.69
N TRP B 171 -30.13 17.90 9.38
CA TRP B 171 -29.89 17.82 10.82
C TRP B 171 -30.91 18.66 11.58
N THR B 172 -31.42 18.09 12.67
CA THR B 172 -32.34 18.80 13.56
C THR B 172 -32.28 18.19 14.95
N GLY B 181 -25.54 25.97 16.16
CA GLY B 181 -26.84 25.52 16.61
C GLY B 181 -27.64 24.85 15.51
N HIS B 182 -28.96 24.96 15.57
CA HIS B 182 -29.84 24.40 14.54
C HIS B 182 -31.13 25.20 14.46
N GLY B 183 -31.44 25.67 13.26
CA GLY B 183 -32.69 26.35 12.97
C GLY B 183 -33.52 25.61 11.94
N SER B 184 -33.61 26.16 10.72
CA SER B 184 -34.25 25.43 9.62
C SER B 184 -33.51 25.62 8.30
N HIS B 185 -32.22 25.94 8.33
CA HIS B 185 -31.41 26.12 7.13
C HIS B 185 -30.43 24.98 6.91
N SER B 186 -30.52 23.91 7.71
CA SER B 186 -29.81 22.64 7.53
C SER B 186 -28.29 22.83 7.55
N PHE B 187 -27.80 23.23 8.71
CA PHE B 187 -26.37 23.13 8.98
C PHE B 187 -25.97 21.66 9.03
N ILE B 188 -25.03 21.27 8.16
CA ILE B 188 -24.70 19.87 7.95
C ILE B 188 -23.71 19.35 8.98
N TYR B 189 -22.83 20.20 9.49
CA TYR B 189 -21.97 19.80 10.59
C TYR B 189 -22.45 20.32 11.94
N TYR B 190 -23.34 21.33 11.94
CA TYR B 190 -23.61 22.40 12.92
C TYR B 190 -22.68 23.59 12.76
N GLU B 191 -21.88 23.65 11.69
CA GLU B 191 -20.98 24.78 11.52
C GLU B 191 -20.91 25.31 10.09
N ASN B 192 -21.80 24.88 9.20
CA ASN B 192 -21.83 25.36 7.82
C ASN B 192 -23.19 25.11 7.21
N MET B 193 -23.74 26.13 6.57
CA MET B 193 -25.14 26.12 6.17
C MET B 193 -25.32 25.59 4.76
N LEU B 194 -26.47 24.94 4.54
CA LEU B 194 -26.87 24.49 3.21
C LEU B 194 -27.66 25.59 2.54
N LEU B 195 -27.07 26.21 1.52
CA LEU B 195 -27.68 27.34 0.83
C LEU B 195 -28.34 26.84 -0.45
N GLY B 196 -29.64 27.01 -0.54
CA GLY B 196 -30.37 26.47 -1.66
C GLY B 196 -30.76 25.03 -1.40
N VAL B 197 -30.98 24.31 -2.50
CA VAL B 197 -31.30 22.88 -2.46
C VAL B 197 -30.58 22.18 -3.61
N PRO B 198 -30.24 20.90 -3.43
CA PRO B 198 -29.55 20.17 -4.50
C PRO B 198 -30.44 19.91 -5.70
N ARG B 199 -29.79 19.54 -6.80
CA ARG B 199 -30.57 19.02 -7.93
C ARG B 199 -29.82 17.93 -8.66
N LEU B 200 -30.61 17.14 -9.41
CA LEU B 200 -30.23 15.84 -9.98
C LEU B 200 -30.50 15.87 -11.47
N ARG B 201 -29.59 16.37 -12.28
CA ARG B 201 -29.84 16.42 -13.71
C ARG B 201 -29.22 15.20 -14.38
N GLN B 202 -30.01 14.58 -15.27
CA GLN B 202 -29.73 13.28 -15.87
C GLN B 202 -29.64 13.41 -17.38
N LEU B 203 -28.54 12.95 -17.96
CA LEU B 203 -28.54 12.81 -19.41
C LEU B 203 -29.06 11.44 -19.79
N LYS B 204 -29.61 11.34 -21.01
CA LYS B 204 -29.98 10.05 -21.56
C LYS B 204 -29.56 10.00 -23.02
N VAL B 205 -29.67 8.82 -23.62
CA VAL B 205 -29.46 8.61 -25.04
C VAL B 205 -30.57 7.71 -25.56
N ARG B 206 -30.80 7.77 -26.87
CA ARG B 206 -32.02 7.23 -27.45
C ARG B 206 -31.82 5.83 -28.02
N ASN B 207 -32.96 5.13 -28.21
CA ASN B 207 -32.97 3.71 -28.67
C ASN B 207 -32.41 3.39 -30.04
N ASP B 208 -32.80 4.13 -31.07
CA ASP B 208 -32.18 3.94 -32.38
C ASP B 208 -30.95 4.83 -32.58
N SER B 209 -29.99 4.73 -31.66
CA SER B 209 -28.80 5.57 -31.76
C SER B 209 -27.81 4.99 -32.76
N CYS B 210 -27.60 3.67 -32.70
CA CYS B 210 -26.89 2.94 -33.75
C CYS B 210 -27.57 1.59 -33.90
N VAL B 211 -27.30 0.93 -35.02
CA VAL B 211 -28.01 -0.29 -35.38
C VAL B 211 -27.11 -1.49 -35.08
N VAL B 212 -27.72 -2.55 -34.55
CA VAL B 212 -26.98 -3.78 -34.26
C VAL B 212 -26.58 -4.46 -35.55
N HIS B 213 -25.53 -5.25 -35.50
CA HIS B 213 -25.16 -6.02 -36.69
C HIS B 213 -26.08 -7.22 -36.85
N GLU B 214 -26.30 -7.62 -38.11
CA GLU B 214 -27.40 -8.49 -38.50
C GLU B 214 -27.30 -9.91 -37.99
N ASP B 215 -26.14 -10.32 -37.47
CA ASP B 215 -26.04 -11.63 -36.84
C ASP B 215 -26.87 -11.71 -35.57
N PHE B 216 -27.00 -10.60 -34.85
CA PHE B 216 -27.79 -10.52 -33.63
C PHE B 216 -29.03 -9.66 -33.88
N ARG B 217 -30.18 -10.29 -33.99
CA ARG B 217 -31.47 -9.64 -34.03
C ARG B 217 -32.41 -10.41 -33.11
N GLU B 218 -33.70 -10.04 -33.15
CA GLU B 218 -34.85 -10.78 -32.61
C GLU B 218 -34.89 -10.83 -31.07
N ASP B 219 -33.80 -10.45 -30.41
CA ASP B 219 -33.71 -10.46 -28.95
C ASP B 219 -33.05 -9.22 -28.39
N ILE B 220 -32.30 -8.49 -29.20
CA ILE B 220 -31.33 -7.49 -28.75
C ILE B 220 -31.70 -6.16 -29.41
N LEU B 221 -33.01 -5.97 -29.59
CA LEU B 221 -33.57 -4.99 -30.51
C LEU B 221 -33.28 -3.53 -30.14
N SER B 222 -33.13 -3.22 -28.85
CA SER B 222 -32.87 -1.87 -28.41
C SER B 222 -31.36 -1.67 -28.21
N CYS B 223 -30.81 -0.63 -28.81
CA CYS B 223 -29.35 -0.49 -28.94
C CYS B 223 -28.90 0.92 -28.56
N TYR B 224 -28.59 1.12 -27.28
CA TYR B 224 -28.12 2.40 -26.76
C TYR B 224 -26.66 2.59 -27.15
N ASP B 225 -26.01 3.68 -26.72
CA ASP B 225 -24.73 4.00 -27.33
C ASP B 225 -23.89 4.83 -26.36
N VAL B 226 -22.61 4.97 -26.71
CA VAL B 226 -21.71 5.84 -25.97
C VAL B 226 -22.17 7.29 -26.12
N TYR B 227 -21.82 8.13 -25.16
CA TYR B 227 -22.34 9.49 -25.15
C TYR B 227 -21.58 10.35 -26.14
N SER B 228 -22.32 11.20 -26.83
CA SER B 228 -21.82 12.19 -27.77
C SER B 228 -22.66 13.45 -27.56
N PRO B 229 -22.22 14.61 -28.07
CA PRO B 229 -23.12 15.77 -28.08
C PRO B 229 -24.39 15.59 -28.90
N ASP B 230 -24.42 14.63 -29.83
CA ASP B 230 -25.64 14.23 -30.50
C ASP B 230 -26.30 13.11 -29.68
N LYS B 231 -27.32 12.48 -30.27
CA LYS B 231 -27.87 11.20 -29.85
C LYS B 231 -28.54 11.23 -28.47
N GLU B 232 -28.91 12.38 -27.94
CA GLU B 232 -29.59 12.42 -26.65
C GLU B 232 -31.07 12.10 -26.82
N GLU B 233 -31.84 12.31 -25.75
CA GLU B 233 -33.29 12.21 -25.79
C GLU B 233 -33.87 13.57 -25.41
N GLN B 234 -34.33 14.33 -26.39
CA GLN B 234 -35.11 15.52 -26.10
C GLN B 234 -36.60 15.19 -26.01
N LEU B 235 -36.96 14.17 -25.23
CA LEU B 235 -38.33 13.71 -25.21
C LEU B 235 -38.75 13.37 -23.78
N PRO B 236 -39.96 13.72 -23.38
CA PRO B 236 -40.48 13.24 -22.09
C PRO B 236 -40.87 11.78 -22.17
N PHE B 237 -40.74 11.10 -21.02
CA PHE B 237 -41.04 9.67 -20.95
C PHE B 237 -41.89 9.25 -19.76
N GLY B 238 -41.96 10.02 -18.68
CA GLY B 238 -42.65 9.60 -17.48
C GLY B 238 -44.16 9.77 -17.58
N PRO B 239 -44.84 9.59 -16.45
CA PRO B 239 -46.31 9.70 -16.45
C PRO B 239 -46.86 11.09 -16.73
N PHE B 240 -46.46 12.09 -15.96
CA PHE B 240 -47.02 13.42 -16.08
C PHE B 240 -45.92 14.44 -15.81
N ASN B 241 -46.15 15.68 -16.25
CA ASN B 241 -45.22 16.80 -16.06
C ASN B 241 -44.88 17.02 -14.60
N GLY B 242 -43.62 16.79 -14.24
CA GLY B 242 -43.14 17.09 -12.91
C GLY B 242 -41.71 17.59 -12.93
N THR B 243 -41.24 17.97 -14.13
CA THR B 243 -39.90 18.52 -14.32
C THR B 243 -38.75 17.50 -14.32
N ALA B 244 -38.96 16.39 -13.62
CA ALA B 244 -37.97 15.34 -13.49
C ALA B 244 -38.05 14.33 -14.63
N TRP B 245 -39.12 14.38 -15.42
CA TRP B 245 -39.33 13.47 -16.52
C TRP B 245 -39.38 14.17 -17.86
N THR B 246 -39.16 15.48 -17.91
CA THR B 246 -39.25 16.26 -19.13
C THR B 246 -37.90 16.89 -19.41
N TYR B 247 -37.45 16.80 -20.66
CA TYR B 247 -36.16 17.38 -21.03
C TYR B 247 -36.22 18.90 -20.95
N HIS B 248 -35.08 19.48 -20.59
CA HIS B 248 -34.88 20.92 -20.57
C HIS B 248 -33.59 21.22 -21.30
N SER B 249 -33.54 22.35 -22.00
CA SER B 249 -32.49 22.58 -22.98
C SER B 249 -31.18 22.93 -22.29
N GLN B 250 -30.16 23.21 -23.11
CA GLN B 250 -28.87 23.60 -22.57
C GLN B 250 -28.89 25.04 -22.06
N ASP B 251 -29.81 25.86 -22.56
CA ASP B 251 -29.89 27.26 -22.15
C ASP B 251 -31.16 27.59 -21.39
N GLU B 252 -31.96 26.60 -21.02
CA GLU B 252 -32.95 26.82 -19.98
C GLU B 252 -32.34 26.73 -18.59
N LEU B 253 -31.19 26.09 -18.47
CA LEU B 253 -30.58 25.86 -17.17
C LEU B 253 -29.24 26.57 -17.06
N GLY B 254 -28.51 26.65 -18.17
CA GLY B 254 -27.30 27.42 -18.20
C GLY B 254 -26.07 26.70 -17.71
N GLY B 255 -26.18 25.44 -17.33
CA GLY B 255 -25.04 24.70 -16.84
C GLY B 255 -24.05 24.42 -17.95
N PHE B 256 -22.76 24.68 -17.66
CA PHE B 256 -21.69 24.49 -18.62
C PHE B 256 -21.49 22.99 -18.90
N SER B 257 -20.72 22.69 -19.95
CA SER B 257 -20.35 21.32 -20.28
C SER B 257 -19.47 20.74 -19.18
N HIS B 258 -20.03 19.83 -18.40
CA HIS B 258 -19.24 19.06 -17.44
C HIS B 258 -18.25 18.17 -18.16
N TRP B 259 -17.07 18.00 -17.57
CA TRP B 259 -16.10 17.05 -18.07
C TRP B 259 -15.96 15.93 -17.07
N GLY B 260 -16.51 14.77 -17.43
CA GLY B 260 -16.43 13.58 -16.61
C GLY B 260 -15.16 12.81 -16.90
N ARG B 261 -15.20 11.51 -16.59
CA ARG B 261 -14.01 10.69 -16.78
C ARG B 261 -13.83 10.25 -18.22
N LEU B 262 -14.92 9.84 -18.89
CA LEU B 262 -14.79 9.28 -20.23
C LEU B 262 -14.66 10.39 -21.28
N THR B 263 -15.74 11.16 -21.46
CA THR B 263 -15.84 12.24 -22.43
C THR B 263 -16.61 13.38 -21.80
N SER B 264 -16.70 14.51 -22.52
CA SER B 264 -17.41 15.69 -22.04
C SER B 264 -18.91 15.46 -22.03
N TYR B 265 -19.66 16.43 -21.53
CA TYR B 265 -21.12 16.33 -21.45
C TYR B 265 -21.71 17.68 -21.84
N SER B 266 -22.98 17.91 -21.54
CA SER B 266 -23.64 19.15 -21.89
C SER B 266 -24.61 19.53 -20.78
N GLY B 267 -25.42 20.56 -21.03
CA GLY B 267 -26.39 21.03 -20.07
C GLY B 267 -27.72 20.32 -20.16
N GLY B 268 -27.77 19.07 -19.71
CA GLY B 268 -28.89 18.20 -19.98
C GLY B 268 -30.07 18.46 -19.08
N GLY B 269 -31.09 17.61 -19.24
CA GLY B 269 -32.39 17.87 -18.70
C GLY B 269 -32.73 16.98 -17.52
N TYR B 270 -34.03 16.74 -17.35
CA TYR B 270 -34.62 15.72 -16.47
C TYR B 270 -34.41 16.01 -14.99
N TYR B 271 -33.98 17.22 -14.65
CA TYR B 271 -33.49 17.55 -13.32
C TYR B 271 -34.63 17.56 -12.30
N LEU B 272 -34.26 17.43 -11.03
CA LEU B 272 -35.23 17.48 -9.93
C LEU B 272 -34.61 18.32 -8.83
N ASP B 273 -35.13 19.53 -8.65
CA ASP B 273 -34.77 20.34 -7.49
C ASP B 273 -35.35 19.70 -6.24
N LEU B 274 -34.49 19.38 -5.29
CA LEU B 274 -34.95 18.67 -4.10
C LEU B 274 -35.72 19.59 -3.16
N PRO B 275 -36.61 19.04 -2.35
CA PRO B 275 -37.19 19.81 -1.24
C PRO B 275 -36.19 19.97 -0.11
N GLY B 276 -36.65 20.58 0.98
CA GLY B 276 -35.75 20.93 2.07
C GLY B 276 -36.10 20.32 3.41
N SER B 277 -36.49 19.05 3.43
CA SER B 277 -36.84 18.39 4.67
C SER B 277 -36.54 16.91 4.56
N ARG B 278 -36.40 16.27 5.72
CA ARG B 278 -36.01 14.86 5.76
C ARG B 278 -37.11 13.95 5.22
N GLN B 279 -38.35 14.16 5.67
CA GLN B 279 -39.46 13.37 5.15
C GLN B 279 -39.76 13.73 3.69
N GLY B 280 -39.52 14.99 3.31
CA GLY B 280 -39.88 15.44 1.97
C GLY B 280 -39.00 14.83 0.90
N SER B 281 -37.69 14.77 1.13
CA SER B 281 -36.79 14.21 0.13
C SER B 281 -36.94 12.70 0.02
N ALA B 282 -37.27 12.04 1.13
CA ALA B 282 -37.51 10.61 1.08
C ALA B 282 -38.81 10.29 0.36
N GLU B 283 -39.87 11.08 0.60
CA GLU B 283 -41.10 10.87 -0.14
C GLU B 283 -40.98 11.29 -1.60
N ALA B 284 -39.99 12.14 -1.92
CA ALA B 284 -39.69 12.42 -3.32
C ALA B 284 -39.00 11.23 -3.97
N LEU B 285 -37.88 10.78 -3.41
CA LEU B 285 -37.05 9.78 -4.08
C LEU B 285 -37.65 8.38 -4.04
N ARG B 286 -38.40 8.03 -2.98
CA ARG B 286 -39.05 6.72 -2.94
C ARG B 286 -40.17 6.64 -3.98
N ALA B 287 -40.90 7.73 -4.17
CA ALA B 287 -41.86 7.79 -5.27
C ALA B 287 -41.17 7.90 -6.61
N LEU B 288 -39.91 8.34 -6.63
CA LEU B 288 -39.16 8.41 -7.87
C LEU B 288 -38.58 7.05 -8.26
N GLN B 289 -38.50 6.11 -7.32
CA GLN B 289 -38.00 4.76 -7.65
C GLN B 289 -38.96 4.01 -8.57
N GLU B 290 -40.24 3.90 -8.18
CA GLU B 290 -41.17 3.07 -8.95
C GLU B 290 -41.49 3.68 -10.31
N GLY B 291 -41.26 4.98 -10.48
CA GLY B 291 -41.32 5.57 -11.80
C GLY B 291 -40.15 5.19 -12.70
N LEU B 292 -39.08 4.65 -12.11
CA LEU B 292 -37.86 4.25 -12.81
C LEU B 292 -37.25 5.42 -13.57
N TRP B 293 -36.92 6.47 -12.81
CA TRP B 293 -36.29 7.64 -13.40
C TRP B 293 -34.88 7.35 -13.89
N LEU B 294 -34.23 6.37 -13.27
CA LEU B 294 -32.92 5.91 -13.71
C LEU B 294 -33.07 4.64 -14.54
N ASP B 295 -33.41 4.83 -15.81
CA ASP B 295 -33.65 3.70 -16.68
C ASP B 295 -32.47 3.38 -17.58
N ARG B 296 -32.67 2.33 -18.37
CA ARG B 296 -31.62 1.48 -18.92
C ARG B 296 -31.11 2.17 -20.18
N GLY B 297 -30.05 2.95 -20.03
CA GLY B 297 -29.61 3.81 -21.11
C GLY B 297 -29.26 5.20 -20.63
N THR B 298 -29.17 5.36 -19.31
CA THR B 298 -28.65 6.59 -18.73
C THR B 298 -27.16 6.70 -19.04
N ARG B 299 -26.64 7.91 -19.09
CA ARG B 299 -25.21 8.09 -19.27
C ARG B 299 -24.54 8.84 -18.13
N VAL B 300 -25.13 9.92 -17.61
CA VAL B 300 -24.71 10.53 -16.36
C VAL B 300 -25.93 10.86 -15.51
N VAL B 301 -25.81 10.64 -14.21
CA VAL B 301 -26.68 11.24 -13.22
C VAL B 301 -25.82 12.14 -12.37
N PHE B 302 -26.17 13.43 -12.32
CA PHE B 302 -25.48 14.34 -11.45
C PHE B 302 -26.24 14.49 -10.14
N ILE B 303 -25.54 14.98 -9.13
CA ILE B 303 -26.18 15.62 -7.99
C ILE B 303 -25.29 16.74 -7.52
N ASP B 304 -25.85 17.95 -7.45
CA ASP B 304 -25.08 19.15 -7.17
C ASP B 304 -25.73 19.89 -6.01
N PHE B 305 -24.90 20.26 -5.03
CA PHE B 305 -25.27 21.33 -4.10
C PHE B 305 -24.00 21.96 -3.55
N SER B 306 -24.14 22.83 -2.57
CA SER B 306 -23.00 23.60 -2.08
C SER B 306 -23.31 24.06 -0.67
N VAL B 307 -22.26 24.28 0.11
CA VAL B 307 -22.39 24.75 1.48
C VAL B 307 -21.34 25.83 1.77
N TYR B 308 -21.72 26.75 2.66
CA TYR B 308 -20.97 27.94 3.03
C TYR B 308 -20.96 28.07 4.55
N ASN B 309 -19.79 28.37 5.11
CA ASN B 309 -19.66 28.65 6.54
C ASN B 309 -19.29 30.11 6.78
N ALA B 310 -19.71 30.62 7.93
CA ALA B 310 -19.41 32.00 8.32
C ALA B 310 -17.97 32.17 8.79
N ASN B 311 -17.39 31.12 9.34
CA ASN B 311 -16.26 31.23 10.25
C ASN B 311 -14.97 31.63 9.56
N ILE B 312 -14.81 31.30 8.28
CA ILE B 312 -13.63 31.66 7.51
C ILE B 312 -13.99 32.23 6.14
N ASN B 313 -15.28 32.36 5.83
CA ASN B 313 -15.81 32.95 4.59
C ASN B 313 -15.32 32.18 3.35
N LEU B 314 -15.76 30.92 3.25
CA LEU B 314 -15.48 30.08 2.10
C LEU B 314 -16.74 29.41 1.60
N PHE B 315 -16.96 29.49 0.29
CA PHE B 315 -17.96 28.69 -0.40
C PHE B 315 -17.30 27.41 -0.88
N CYS B 316 -17.84 26.27 -0.47
CA CYS B 316 -17.44 25.03 -1.11
C CYS B 316 -18.61 24.46 -1.90
N VAL B 317 -18.31 24.00 -3.10
CA VAL B 317 -19.30 23.46 -4.01
C VAL B 317 -19.03 21.98 -4.18
N LEU B 318 -20.09 21.20 -4.36
CA LEU B 318 -19.95 19.78 -4.46
C LEU B 318 -20.78 19.26 -5.62
N ARG B 319 -20.06 18.68 -6.58
CA ARG B 319 -20.62 18.04 -7.77
C ARG B 319 -20.29 16.56 -7.66
N LEU B 320 -21.32 15.71 -7.68
CA LEU B 320 -21.14 14.27 -7.53
C LEU B 320 -21.72 13.58 -8.76
N VAL B 321 -20.85 12.88 -9.48
CA VAL B 321 -21.16 12.30 -10.79
C VAL B 321 -21.27 10.79 -10.63
N VAL B 322 -22.38 10.21 -11.11
CA VAL B 322 -22.54 8.76 -11.17
C VAL B 322 -22.83 8.46 -12.64
N GLU B 323 -21.82 8.07 -13.39
CA GLU B 323 -21.96 7.89 -14.82
C GLU B 323 -22.08 6.41 -15.15
N PHE B 324 -23.07 6.09 -15.97
CA PHE B 324 -23.35 4.72 -16.37
C PHE B 324 -22.89 4.60 -17.81
N PRO B 325 -21.75 3.96 -18.09
CA PRO B 325 -21.24 3.93 -19.46
C PRO B 325 -22.06 2.99 -20.34
N ALA B 326 -21.70 2.96 -21.62
CA ALA B 326 -22.38 2.10 -22.59
C ALA B 326 -22.21 0.63 -22.26
N THR B 327 -21.07 0.27 -21.67
CA THR B 327 -20.78 -1.12 -21.31
C THR B 327 -21.66 -1.61 -20.17
N GLY B 328 -22.08 -0.73 -19.29
CA GLY B 328 -22.74 -1.09 -18.05
C GLY B 328 -21.99 -0.55 -16.85
N GLY B 329 -22.52 -0.90 -15.69
CA GLY B 329 -21.89 -0.57 -14.44
C GLY B 329 -22.09 0.88 -14.04
N ALA B 330 -21.16 1.36 -13.23
CA ALA B 330 -21.07 2.75 -12.82
C ALA B 330 -19.65 3.01 -12.37
N ILE B 331 -19.05 4.07 -12.89
CA ILE B 331 -17.67 4.41 -12.53
C ILE B 331 -17.60 5.83 -11.98
N PRO B 332 -17.76 6.01 -10.67
CA PRO B 332 -18.10 7.33 -10.14
C PRO B 332 -16.90 8.27 -10.11
N SER B 333 -17.23 9.56 -10.08
CA SER B 333 -16.25 10.60 -9.88
C SER B 333 -16.92 11.72 -9.11
N TRP B 334 -16.11 12.53 -8.45
CA TRP B 334 -16.56 13.66 -7.65
C TRP B 334 -15.81 14.89 -8.11
N GLN B 335 -16.30 16.05 -7.67
CA GLN B 335 -15.59 17.30 -7.93
C GLN B 335 -15.94 18.25 -6.80
N ILE B 336 -15.05 18.40 -5.83
CA ILE B 336 -15.24 19.30 -4.69
C ILE B 336 -14.29 20.48 -4.87
N ARG B 337 -14.84 21.68 -4.96
CA ARG B 337 -14.06 22.89 -5.13
C ARG B 337 -14.45 23.86 -4.01
N THR B 338 -13.46 24.51 -3.40
CA THR B 338 -13.67 25.29 -2.18
C THR B 338 -12.91 26.61 -2.32
N VAL B 339 -13.62 27.71 -2.56
CA VAL B 339 -12.96 29.00 -2.72
C VAL B 339 -13.66 30.12 -1.97
N LYS B 340 -13.11 31.33 -2.03
CA LYS B 340 -13.60 32.47 -1.23
C LYS B 340 -15.01 33.02 -1.46
N LEU B 341 -15.38 33.22 -2.72
CA LEU B 341 -16.69 33.74 -3.06
C LEU B 341 -16.77 35.25 -2.80
N ILE B 342 -16.26 35.67 -1.66
CA ILE B 342 -16.26 37.09 -1.29
C ILE B 342 -14.84 37.63 -1.14
N ARG B 343 -14.58 38.76 -1.79
CA ARG B 343 -13.27 39.38 -1.72
C ARG B 343 -12.16 38.36 -1.97
N PHE B 351 -12.19 46.23 4.88
CA PHE B 351 -11.10 46.35 3.92
C PHE B 351 -10.74 45.00 3.32
N ILE B 352 -11.32 44.69 2.16
CA ILE B 352 -11.02 43.47 1.44
C ILE B 352 -10.77 43.79 -0.03
N VAL B 353 -11.02 45.04 -0.43
CA VAL B 353 -11.04 45.42 -1.83
C VAL B 353 -9.98 46.43 -2.23
N GLY B 354 -9.39 47.19 -1.29
CA GLY B 354 -8.50 48.27 -1.68
C GLY B 354 -7.13 47.87 -2.15
N CYS B 355 -6.73 46.62 -1.95
CA CYS B 355 -5.45 46.14 -2.46
C CYS B 355 -5.46 45.91 -3.96
N GLU B 356 -6.63 45.90 -4.58
CA GLU B 356 -6.79 45.58 -6.00
C GLU B 356 -6.65 46.79 -6.90
N VAL B 357 -6.91 48.00 -6.39
CA VAL B 357 -6.86 49.17 -7.25
C VAL B 357 -5.43 49.57 -7.59
N ILE B 358 -4.45 49.14 -6.79
CA ILE B 358 -3.07 49.31 -7.23
C ILE B 358 -2.69 48.24 -8.24
N PHE B 359 -3.28 47.04 -8.15
CA PHE B 359 -3.03 45.98 -9.12
C PHE B 359 -3.61 46.32 -10.48
N CYS B 360 -4.74 47.02 -10.51
CA CYS B 360 -5.35 47.44 -11.77
C CYS B 360 -4.49 48.45 -12.52
N VAL B 361 -3.59 49.15 -11.83
CA VAL B 361 -2.70 50.11 -12.48
C VAL B 361 -1.69 49.40 -13.37
N PHE B 362 -1.19 48.24 -12.93
CA PHE B 362 -0.02 47.63 -13.56
C PHE B 362 -0.32 47.07 -14.94
N ILE B 363 -1.57 46.72 -15.23
CA ILE B 363 -1.94 46.28 -16.58
C ILE B 363 -1.67 47.40 -17.59
N PHE B 364 -2.22 48.58 -17.33
CA PHE B 364 -1.97 49.73 -18.18
C PHE B 364 -0.53 50.21 -18.08
N TYR B 365 0.14 49.95 -16.95
CA TYR B 365 1.54 50.32 -16.80
C TYR B 365 2.43 49.50 -17.72
N TYR B 366 2.13 48.21 -17.90
CA TYR B 366 3.00 47.34 -18.68
C TYR B 366 2.59 47.16 -20.12
N VAL B 367 1.31 47.35 -20.48
CA VAL B 367 0.95 47.24 -21.89
C VAL B 367 1.56 48.37 -22.70
N VAL B 368 1.72 49.56 -22.09
CA VAL B 368 2.32 50.69 -22.78
C VAL B 368 3.81 50.46 -22.99
N GLU B 369 4.50 49.96 -21.96
CA GLU B 369 5.92 49.66 -22.10
C GLU B 369 6.17 48.49 -23.03
N GLU B 370 5.19 47.60 -23.21
CA GLU B 370 5.32 46.57 -24.24
C GLU B 370 5.13 47.15 -25.64
N ILE B 371 4.08 47.97 -25.83
CA ILE B 371 3.75 48.38 -27.20
C ILE B 371 4.67 49.50 -27.67
N LEU B 372 5.26 50.29 -26.78
CA LEU B 372 6.24 51.29 -27.20
C LEU B 372 7.50 50.63 -27.74
N GLU B 373 7.85 49.46 -27.21
CA GLU B 373 8.85 48.63 -27.86
C GLU B 373 8.31 48.02 -29.15
N LEU B 374 7.01 47.68 -29.17
CA LEU B 374 6.42 47.06 -30.34
C LEU B 374 6.02 48.06 -31.42
N HIS B 375 5.87 49.35 -31.08
CA HIS B 375 5.45 50.32 -32.09
C HIS B 375 6.60 50.68 -33.03
N ILE B 376 7.81 50.85 -32.49
CA ILE B 376 8.96 51.27 -33.28
C ILE B 376 9.87 50.05 -33.36
N HIS B 377 9.25 48.88 -33.41
CA HIS B 377 9.97 47.61 -33.39
C HIS B 377 10.74 47.39 -34.69
N ARG B 378 11.85 46.66 -34.59
CA ARG B 378 12.59 46.25 -35.76
C ARG B 378 11.88 45.09 -36.45
N LEU B 379 12.42 44.66 -37.59
CA LEU B 379 11.84 43.57 -38.38
C LEU B 379 12.19 42.18 -37.84
N ARG B 380 12.69 42.09 -36.61
CA ARG B 380 13.10 40.82 -36.00
C ARG B 380 12.67 40.88 -34.53
N TYR B 381 11.52 40.29 -34.23
CA TYR B 381 11.02 40.26 -32.87
C TYR B 381 11.31 38.92 -32.20
N SER B 384 12.54 37.21 -29.53
CA SER B 384 12.90 36.16 -28.58
C SER B 384 11.69 35.74 -27.76
N ILE B 385 11.86 34.71 -26.93
CA ILE B 385 10.76 34.18 -26.15
C ILE B 385 10.46 34.99 -24.90
N TRP B 386 11.26 36.02 -24.61
CA TRP B 386 10.90 36.92 -23.53
C TRP B 386 9.72 37.82 -23.91
N ASN B 387 9.48 38.04 -25.20
CA ASN B 387 8.32 38.81 -25.64
C ASN B 387 7.02 38.06 -25.35
N ILE B 388 6.97 36.76 -25.69
CA ILE B 388 5.79 35.97 -25.35
C ILE B 388 5.75 35.66 -23.86
N LEU B 389 6.89 35.73 -23.18
CA LEU B 389 6.90 35.67 -21.72
C LEU B 389 6.20 36.88 -21.10
N ASP B 390 6.44 38.07 -21.67
CA ASP B 390 5.66 39.24 -21.28
C ASP B 390 4.19 39.06 -21.63
N LEU B 391 3.91 38.52 -22.83
CA LEU B 391 2.53 38.47 -23.33
C LEU B 391 1.68 37.49 -22.53
N VAL B 392 2.24 36.36 -22.11
CA VAL B 392 1.43 35.35 -21.44
C VAL B 392 1.07 35.79 -20.02
N VAL B 393 1.89 36.66 -19.41
CA VAL B 393 1.55 37.17 -18.08
C VAL B 393 0.74 38.46 -18.17
N ILE B 394 0.80 39.17 -19.31
CA ILE B 394 -0.05 40.34 -19.48
C ILE B 394 -1.49 39.94 -19.81
N LEU B 395 -1.65 39.02 -20.77
CA LEU B 395 -2.98 38.66 -21.25
C LEU B 395 -3.83 37.95 -20.20
N LEU B 396 -3.20 37.21 -19.29
CA LEU B 396 -3.95 36.60 -18.20
C LEU B 396 -4.45 37.62 -17.17
N SER B 397 -3.81 38.78 -17.08
CA SER B 397 -4.18 39.76 -16.07
C SER B 397 -5.53 40.40 -16.37
N ILE B 398 -5.82 40.68 -17.64
CA ILE B 398 -7.11 41.25 -18.02
C ILE B 398 -8.22 40.22 -17.81
N VAL B 399 -7.94 38.95 -18.12
CA VAL B 399 -8.88 37.86 -17.89
C VAL B 399 -9.15 37.71 -16.40
N ALA B 400 -8.12 37.93 -15.57
CA ALA B 400 -8.29 37.87 -14.13
C ALA B 400 -9.16 39.01 -13.63
N VAL B 401 -8.83 40.26 -14.01
CA VAL B 401 -9.55 41.41 -13.50
C VAL B 401 -10.96 41.52 -14.06
N GLY B 402 -11.27 40.83 -15.16
CA GLY B 402 -12.64 40.79 -15.63
C GLY B 402 -13.55 39.96 -14.75
N PHE B 403 -13.00 38.94 -14.08
CA PHE B 403 -13.81 38.01 -13.31
C PHE B 403 -14.40 38.63 -12.05
N HIS B 404 -13.80 39.70 -11.53
CA HIS B 404 -14.28 40.29 -10.27
C HIS B 404 -15.65 40.93 -10.44
N ILE B 405 -15.86 41.61 -11.57
CA ILE B 405 -17.15 42.23 -11.86
C ILE B 405 -18.22 41.16 -12.01
N PHE B 406 -17.86 40.04 -12.66
CA PHE B 406 -18.80 38.94 -12.85
C PHE B 406 -19.14 38.28 -11.52
N ARG B 407 -18.16 38.18 -10.61
CA ARG B 407 -18.46 37.68 -9.28
C ARG B 407 -19.38 38.61 -8.52
N THR B 408 -19.10 39.92 -8.56
CA THR B 408 -19.89 40.87 -7.79
C THR B 408 -21.30 41.01 -8.35
N LEU B 409 -21.51 40.71 -9.63
CA LEU B 409 -22.87 40.61 -10.13
C LEU B 409 -23.51 39.28 -9.73
N GLU B 410 -22.82 38.16 -9.94
CA GLU B 410 -23.48 36.86 -9.84
C GLU B 410 -23.70 36.42 -8.40
N VAL B 411 -22.75 36.66 -7.50
CA VAL B 411 -22.92 36.29 -6.10
C VAL B 411 -24.08 37.07 -5.48
N ASN B 412 -24.19 38.35 -5.84
CA ASN B 412 -25.30 39.18 -5.37
C ASN B 412 -26.62 38.73 -5.97
N ARG B 413 -26.63 38.39 -7.26
CA ARG B 413 -27.84 37.86 -7.89
C ARG B 413 -28.28 36.55 -7.27
N LEU B 414 -27.33 35.69 -6.92
CA LEU B 414 -27.67 34.37 -6.39
C LEU B 414 -28.20 34.46 -4.98
N MET B 415 -27.64 35.33 -4.14
CA MET B 415 -28.30 35.48 -2.84
C MET B 415 -29.56 36.32 -2.92
N GLY B 416 -29.72 37.17 -3.93
CA GLY B 416 -30.99 37.82 -4.14
C GLY B 416 -32.07 36.85 -4.58
N LYS B 417 -31.67 35.81 -5.30
CA LYS B 417 -32.59 34.77 -5.76
C LYS B 417 -33.07 33.90 -4.60
N LEU B 418 -32.38 33.94 -3.47
CA LEU B 418 -32.57 32.94 -2.41
C LEU B 418 -33.27 33.47 -1.17
N LEU B 419 -33.13 34.75 -0.80
CA LEU B 419 -33.73 35.20 0.44
C LEU B 419 -35.25 35.34 0.32
N GLN B 420 -35.74 35.64 -0.87
CA GLN B 420 -37.11 35.30 -1.23
C GLN B 420 -37.05 34.04 -2.09
N GLN B 421 -38.12 33.23 -2.04
CA GLN B 421 -38.22 31.88 -2.61
C GLN B 421 -37.04 31.02 -2.17
N PRO B 422 -36.98 30.60 -0.90
CA PRO B 422 -35.77 29.93 -0.40
C PRO B 422 -35.61 28.50 -0.85
N ASN B 423 -36.61 27.90 -1.49
CA ASN B 423 -36.53 26.52 -1.93
C ASN B 423 -36.14 26.44 -3.41
N THR B 424 -34.94 26.89 -3.75
CA THR B 424 -34.52 26.87 -5.13
C THR B 424 -33.02 26.66 -5.24
N TYR B 425 -32.60 26.05 -6.35
CA TYR B 425 -31.19 25.79 -6.61
C TYR B 425 -30.53 27.06 -7.11
N ALA B 426 -29.71 27.67 -6.26
CA ALA B 426 -28.87 28.76 -6.72
C ALA B 426 -27.62 28.17 -7.37
N ASP B 427 -27.46 28.42 -8.66
CA ASP B 427 -26.37 27.79 -9.41
C ASP B 427 -25.02 28.40 -9.09
N PHE B 428 -24.27 27.77 -8.19
CA PHE B 428 -22.93 28.22 -7.88
C PHE B 428 -21.86 27.50 -8.68
N GLU B 429 -22.22 26.46 -9.42
CA GLU B 429 -21.22 25.63 -10.07
C GLU B 429 -20.53 26.35 -11.22
N PHE B 430 -21.23 27.27 -11.88
CA PHE B 430 -20.66 27.98 -13.02
C PHE B 430 -19.52 28.89 -12.59
N LEU B 431 -19.82 29.87 -11.73
CA LEU B 431 -18.74 30.73 -11.25
C LEU B 431 -17.83 30.01 -10.27
N ALA B 432 -18.23 28.87 -9.74
CA ALA B 432 -17.31 28.05 -8.97
C ALA B 432 -16.22 27.47 -9.84
N PHE B 433 -16.61 26.89 -10.98
CA PHE B 433 -15.64 26.38 -11.95
C PHE B 433 -14.79 27.52 -12.52
N TRP B 434 -15.41 28.67 -12.76
CA TRP B 434 -14.63 29.77 -13.33
C TRP B 434 -13.74 30.45 -12.29
N GLN B 435 -14.16 30.50 -11.02
CA GLN B 435 -13.29 30.93 -9.94
C GLN B 435 -12.15 29.95 -9.72
N THR B 436 -12.39 28.66 -9.93
CA THR B 436 -11.33 27.69 -9.75
C THR B 436 -10.31 27.80 -10.88
N GLN B 437 -10.77 27.90 -12.13
CA GLN B 437 -9.83 28.18 -13.22
C GLN B 437 -9.24 29.59 -13.12
N TYR B 438 -9.92 30.49 -12.40
CA TYR B 438 -9.38 31.83 -12.14
C TYR B 438 -8.18 31.78 -11.22
N ASN B 439 -8.29 31.14 -10.05
CA ASN B 439 -7.10 31.14 -9.20
C ASN B 439 -6.07 30.11 -9.66
N ASN B 440 -6.46 29.14 -10.49
CA ASN B 440 -5.46 28.38 -11.26
C ASN B 440 -4.68 29.31 -12.19
N MET B 441 -5.37 30.20 -12.90
CA MET B 441 -4.68 31.12 -13.80
C MET B 441 -3.85 32.14 -13.02
N ASN B 442 -4.29 32.49 -11.81
CA ASN B 442 -3.49 33.35 -10.95
C ASN B 442 -2.23 32.63 -10.50
N ALA B 443 -2.33 31.33 -10.22
CA ALA B 443 -1.15 30.55 -9.90
C ALA B 443 -0.20 30.47 -11.09
N VAL B 444 -0.75 30.31 -12.30
CA VAL B 444 0.08 30.13 -13.48
C VAL B 444 0.77 31.44 -13.88
N ASN B 445 0.05 32.56 -13.87
CA ASN B 445 0.74 33.80 -14.23
C ASN B 445 1.62 34.32 -13.09
N LEU B 446 1.31 33.96 -11.84
CA LEU B 446 2.22 34.21 -10.75
C LEU B 446 3.52 33.44 -10.93
N PHE B 447 3.42 32.17 -11.36
CA PHE B 447 4.62 31.38 -11.64
C PHE B 447 5.41 31.95 -12.82
N PHE B 448 4.70 32.47 -13.83
CA PHE B 448 5.40 33.10 -14.95
C PHE B 448 6.08 34.38 -14.52
N ALA B 449 5.48 35.11 -13.57
CA ALA B 449 6.13 36.28 -13.00
C ALA B 449 7.38 35.88 -12.22
N TRP B 450 7.30 34.79 -11.44
CA TRP B 450 8.47 34.30 -10.72
C TRP B 450 9.57 33.81 -11.66
N ILE B 451 9.20 33.26 -12.81
CA ILE B 451 10.20 32.87 -13.79
C ILE B 451 10.74 34.08 -14.54
N LYS B 452 9.98 35.18 -14.58
CA LYS B 452 10.39 36.39 -15.28
C LYS B 452 11.34 37.27 -14.47
N ILE B 453 11.77 36.82 -13.29
CA ILE B 453 12.72 37.59 -12.49
C ILE B 453 14.11 37.56 -13.14
N PHE B 454 14.36 36.61 -14.04
CA PHE B 454 15.65 36.49 -14.72
C PHE B 454 15.92 37.57 -15.76
N LYS B 455 15.01 38.52 -15.95
CA LYS B 455 15.29 39.70 -16.77
C LYS B 455 16.21 40.61 -15.97
N TYR B 456 17.51 40.45 -16.17
CA TYR B 456 18.50 41.21 -15.42
C TYR B 456 18.96 42.45 -16.20
N PHE B 480 19.11 13.89 -29.15
CA PHE B 480 18.41 14.42 -30.31
C PHE B 480 16.95 13.96 -30.32
N ALA B 481 16.71 12.78 -29.76
CA ALA B 481 15.41 12.22 -29.38
C ALA B 481 14.48 11.92 -30.55
N VAL B 482 14.93 12.09 -31.80
CA VAL B 482 14.13 11.68 -32.94
C VAL B 482 14.05 10.16 -33.00
N MET B 483 15.13 9.47 -32.65
CA MET B 483 15.14 8.03 -32.47
C MET B 483 14.66 7.60 -31.09
N PHE B 484 14.04 8.51 -30.34
CA PHE B 484 13.50 8.20 -29.02
C PHE B 484 12.00 8.38 -28.93
N PHE B 485 11.45 9.44 -29.54
CA PHE B 485 10.01 9.67 -29.45
C PHE B 485 9.21 8.67 -30.31
N ILE B 486 9.70 8.35 -31.50
CA ILE B 486 8.93 7.50 -32.39
C ILE B 486 8.89 6.06 -31.91
N VAL B 487 9.88 5.64 -31.11
CA VAL B 487 9.81 4.36 -30.41
C VAL B 487 9.17 4.49 -29.03
N PHE B 488 9.18 5.69 -28.44
CA PHE B 488 8.50 5.93 -27.17
C PHE B 488 7.00 5.75 -27.32
N PHE B 489 6.42 6.44 -28.31
CA PHE B 489 5.00 6.25 -28.61
C PHE B 489 4.74 4.88 -29.24
N ALA B 490 5.75 4.23 -29.81
CA ALA B 490 5.57 2.86 -30.29
C ALA B 490 5.38 1.88 -29.14
N TYR B 491 6.22 1.99 -28.10
CA TYR B 491 6.01 1.20 -26.89
C TYR B 491 4.71 1.57 -26.20
N ALA B 492 4.31 2.85 -26.27
CA ALA B 492 3.01 3.26 -25.74
C ALA B 492 1.87 2.58 -26.50
N GLN B 493 2.01 2.47 -27.81
CA GLN B 493 1.01 1.84 -28.66
C GLN B 493 0.95 0.34 -28.42
N LEU B 494 2.11 -0.29 -28.23
CA LEU B 494 2.18 -1.70 -27.89
C LEU B 494 1.55 -1.95 -26.53
N GLY B 495 1.78 -1.06 -25.57
CA GLY B 495 1.18 -1.21 -24.26
C GLY B 495 -0.31 -0.96 -24.29
N TYR B 496 -0.77 -0.07 -25.17
CA TYR B 496 -2.21 0.14 -25.28
C TYR B 496 -2.91 -1.04 -25.94
N LEU B 497 -2.25 -1.73 -26.86
CA LEU B 497 -2.93 -2.83 -27.54
C LEU B 497 -2.81 -4.15 -26.78
N LEU B 498 -1.64 -4.44 -26.20
CA LEU B 498 -1.53 -5.56 -25.25
C LEU B 498 -2.37 -5.32 -24.01
N PHE B 499 -2.10 -4.22 -23.32
CA PHE B 499 -2.76 -3.85 -22.08
C PHE B 499 -3.83 -2.85 -22.49
N GLY B 500 -4.94 -3.38 -22.97
CA GLY B 500 -6.09 -2.62 -23.39
C GLY B 500 -6.96 -2.66 -22.18
N THR B 501 -7.73 -3.73 -22.08
CA THR B 501 -8.43 -4.03 -20.85
C THR B 501 -7.44 -4.59 -19.81
N GLN B 502 -8.01 -5.10 -18.72
CA GLN B 502 -7.36 -5.79 -17.60
C GLN B 502 -6.55 -4.87 -16.70
N VAL B 503 -6.39 -3.61 -17.08
CA VAL B 503 -5.64 -2.66 -16.28
C VAL B 503 -6.29 -1.30 -16.46
N GLU B 504 -6.54 -0.59 -15.37
CA GLU B 504 -7.19 0.69 -15.48
C GLU B 504 -6.17 1.81 -15.62
N ASN B 505 -4.92 1.47 -15.46
CA ASN B 505 -3.84 2.19 -16.08
C ASN B 505 -3.69 1.67 -17.51
N PHE B 506 -2.75 2.23 -18.28
CA PHE B 506 -2.45 1.85 -19.66
C PHE B 506 -3.66 1.91 -20.60
N SER B 507 -4.69 2.68 -20.30
CA SER B 507 -6.01 2.32 -20.80
C SER B 507 -6.50 3.20 -21.94
N THR B 508 -6.04 4.43 -22.03
CA THR B 508 -6.16 5.22 -23.24
C THR B 508 -4.77 5.45 -23.76
N PHE B 509 -4.64 6.23 -24.83
CA PHE B 509 -3.30 6.39 -25.37
C PHE B 509 -2.46 7.36 -24.54
N ILE B 510 -3.10 8.41 -24.03
CA ILE B 510 -2.41 9.40 -23.22
C ILE B 510 -1.86 8.74 -21.96
N LYS B 511 -2.71 7.96 -21.29
CA LYS B 511 -2.30 7.27 -20.09
C LYS B 511 -1.18 6.28 -20.35
N CYS B 512 -1.02 5.83 -21.60
CA CYS B 512 0.18 5.09 -21.98
C CYS B 512 1.37 5.99 -22.29
N ILE B 513 1.28 7.30 -22.13
CA ILE B 513 2.47 8.10 -21.97
C ILE B 513 2.73 8.42 -20.50
N PHE B 514 1.66 8.59 -19.72
CA PHE B 514 1.87 8.93 -18.31
C PHE B 514 2.38 7.73 -17.52
N THR B 515 1.84 6.54 -17.77
CA THR B 515 2.33 5.33 -17.11
C THR B 515 3.73 4.98 -17.57
N GLN B 516 3.94 5.03 -18.87
CA GLN B 516 5.20 4.68 -19.49
C GLN B 516 6.26 5.75 -19.28
N PHE B 517 5.86 6.90 -18.72
CA PHE B 517 6.77 7.90 -18.16
C PHE B 517 7.01 7.70 -16.66
N ARG B 518 5.98 7.32 -15.90
CA ARG B 518 6.16 6.96 -14.49
C ARG B 518 7.10 5.76 -14.33
N ILE B 519 7.13 4.87 -15.31
CA ILE B 519 8.07 3.74 -15.29
C ILE B 519 9.52 4.22 -15.38
N ILE B 520 9.76 5.38 -16.00
CA ILE B 520 11.11 5.93 -16.01
C ILE B 520 11.47 6.45 -14.62
N LEU B 521 10.48 6.85 -13.83
CA LEU B 521 10.75 7.33 -12.48
C LEU B 521 10.81 6.18 -11.49
N GLY B 522 9.81 5.31 -11.49
CA GLY B 522 9.87 4.16 -10.61
C GLY B 522 8.55 3.76 -10.01
N ASP B 523 7.49 4.50 -10.29
CA ASP B 523 6.15 4.08 -9.87
C ASP B 523 5.59 3.19 -10.98
N PHE B 524 5.45 1.90 -10.69
CA PHE B 524 4.86 0.96 -11.62
C PHE B 524 4.23 -0.20 -10.85
N ASP B 525 3.34 -0.91 -11.51
CA ASP B 525 2.61 -2.03 -10.91
C ASP B 525 2.88 -3.23 -11.78
N TYR B 526 3.96 -3.95 -11.46
CA TYR B 526 4.35 -5.12 -12.23
C TYR B 526 3.44 -6.31 -11.96
N ASN B 527 2.72 -6.29 -10.84
CA ASN B 527 1.77 -7.35 -10.51
C ASN B 527 0.42 -7.17 -11.22
N ALA B 528 0.34 -6.26 -12.20
CA ALA B 528 -0.78 -6.20 -13.13
C ALA B 528 -0.33 -6.08 -14.57
N ILE B 529 0.98 -6.01 -14.82
CA ILE B 529 1.53 -6.32 -16.13
C ILE B 529 1.74 -7.83 -16.25
N ASP B 530 2.29 -8.46 -15.23
CA ASP B 530 2.49 -9.91 -15.22
C ASP B 530 1.18 -10.66 -14.97
N ASN B 531 0.14 -9.98 -14.51
CA ASN B 531 -1.16 -10.62 -14.30
C ASN B 531 -2.10 -10.35 -15.47
N ALA B 532 -1.58 -9.99 -16.63
CA ALA B 532 -2.38 -9.67 -17.80
C ALA B 532 -2.28 -10.73 -18.88
N ASN B 533 -1.07 -11.06 -19.32
CA ASN B 533 -0.86 -12.09 -20.32
C ASN B 533 0.17 -13.15 -19.95
N ARG B 534 1.15 -12.82 -19.11
CA ARG B 534 2.22 -13.64 -18.54
C ARG B 534 3.34 -13.98 -19.52
N ILE B 535 3.22 -13.63 -20.79
CA ILE B 535 4.24 -13.97 -21.80
C ILE B 535 4.86 -12.72 -22.42
N LEU B 536 4.03 -11.79 -22.87
CA LEU B 536 4.54 -10.58 -23.49
C LEU B 536 4.64 -9.40 -22.52
N GLY B 537 3.96 -9.48 -21.37
CA GLY B 537 4.06 -8.48 -20.34
C GLY B 537 5.47 -8.24 -19.82
N PRO B 538 6.09 -9.28 -19.27
CA PRO B 538 7.52 -9.17 -18.92
C PRO B 538 8.42 -8.95 -20.11
N ALA B 539 8.02 -9.42 -21.29
CA ALA B 539 8.84 -9.23 -22.49
C ALA B 539 8.84 -7.79 -22.92
N TYR B 540 7.68 -7.13 -22.84
CA TYR B 540 7.59 -5.68 -23.00
C TYR B 540 8.42 -4.97 -21.93
N PHE B 541 8.26 -5.39 -20.67
CA PHE B 541 8.79 -4.62 -19.54
C PHE B 541 10.31 -4.60 -19.53
N VAL B 542 10.94 -5.77 -19.64
CA VAL B 542 12.39 -5.88 -19.48
C VAL B 542 13.12 -5.16 -20.60
N THR B 543 12.65 -5.32 -21.84
CA THR B 543 13.36 -4.66 -22.93
C THR B 543 13.00 -3.19 -23.04
N TYR B 544 11.85 -2.75 -22.51
CA TYR B 544 11.58 -1.33 -22.46
C TYR B 544 12.47 -0.63 -21.44
N VAL B 545 12.64 -1.26 -20.28
CA VAL B 545 13.52 -0.71 -19.25
C VAL B 545 14.97 -0.70 -19.73
N PHE B 546 15.38 -1.75 -20.47
CA PHE B 546 16.73 -1.75 -21.03
C PHE B 546 16.89 -0.71 -22.13
N PHE B 547 15.81 -0.45 -22.89
CA PHE B 547 15.85 0.61 -23.89
C PHE B 547 16.00 1.98 -23.24
N VAL B 548 15.26 2.22 -22.15
CA VAL B 548 15.33 3.50 -21.46
C VAL B 548 16.73 3.71 -20.89
N PHE B 549 17.33 2.65 -20.32
CA PHE B 549 18.68 2.79 -19.80
C PHE B 549 19.70 3.00 -20.92
N PHE B 550 19.49 2.35 -22.07
CA PHE B 550 20.42 2.51 -23.19
C PHE B 550 20.35 3.91 -23.78
N VAL B 551 19.15 4.48 -23.88
CA VAL B 551 19.04 5.80 -24.49
C VAL B 551 19.39 6.90 -23.49
N LEU B 552 19.23 6.65 -22.18
CA LEU B 552 19.71 7.60 -21.20
C LEU B 552 21.22 7.54 -21.03
N LEU B 553 21.84 6.41 -21.36
CA LEU B 553 23.30 6.35 -21.30
C LEU B 553 23.97 6.87 -22.56
N ASN B 554 23.38 6.64 -23.74
CA ASN B 554 24.04 6.92 -25.01
C ASN B 554 24.31 8.40 -25.24
N MET B 555 23.43 9.28 -24.76
CA MET B 555 23.53 10.70 -25.07
C MET B 555 24.68 11.38 -24.32
N PHE B 556 25.09 10.85 -23.18
CA PHE B 556 26.02 11.54 -22.29
C PHE B 556 27.48 11.35 -22.67
N LEU B 557 27.83 10.22 -23.30
CA LEU B 557 29.24 9.89 -23.58
C LEU B 557 29.86 10.84 -24.59
N ALA B 558 29.09 11.29 -25.58
CA ALA B 558 29.64 12.25 -26.53
C ALA B 558 29.38 13.69 -26.12
N ILE B 559 28.50 13.93 -25.15
CA ILE B 559 28.17 15.27 -24.70
C ILE B 559 28.96 15.67 -23.47
N ILE B 560 29.72 14.75 -22.89
CA ILE B 560 30.52 15.07 -21.71
C ILE B 560 31.68 16.02 -22.04
N ASN B 561 32.12 16.08 -23.30
CA ASN B 561 33.24 16.94 -23.67
C ASN B 561 32.82 18.04 -24.64
N LEU C 101 39.10 -29.25 -19.57
CA LEU C 101 40.51 -29.38 -19.16
C LEU C 101 40.59 -30.43 -18.05
N ARG C 102 41.81 -30.79 -17.65
CA ARG C 102 41.97 -31.80 -16.63
C ARG C 102 41.81 -31.27 -15.23
N GLU C 103 41.73 -29.95 -15.08
CA GLU C 103 41.55 -29.31 -13.80
C GLU C 103 40.28 -28.45 -13.72
N LEU C 104 39.76 -28.01 -14.86
CA LEU C 104 38.61 -27.13 -14.89
C LEU C 104 37.32 -27.88 -15.12
N LEU C 105 37.32 -28.85 -16.03
CA LEU C 105 36.12 -29.63 -16.38
C LEU C 105 35.74 -30.60 -15.27
N VAL C 106 36.69 -30.98 -14.42
CA VAL C 106 36.41 -31.78 -13.25
C VAL C 106 35.54 -30.99 -12.27
N TYR C 107 35.81 -29.69 -12.17
CA TYR C 107 35.04 -28.81 -11.31
C TYR C 107 33.65 -28.61 -11.87
N ILE C 108 33.49 -28.64 -13.19
CA ILE C 108 32.16 -28.54 -13.80
C ILE C 108 31.36 -29.81 -13.49
N VAL C 109 32.00 -30.96 -13.58
CA VAL C 109 31.40 -32.22 -13.15
C VAL C 109 31.07 -32.15 -11.68
N PHE C 110 31.96 -31.57 -10.87
CA PHE C 110 31.66 -31.30 -9.46
C PHE C 110 30.52 -30.32 -9.29
N LEU C 111 30.43 -29.30 -10.15
CA LEU C 111 29.28 -28.38 -10.11
C LEU C 111 27.96 -29.10 -10.36
N VAL C 112 27.86 -29.79 -11.49
CA VAL C 112 26.64 -30.46 -11.92
C VAL C 112 26.25 -31.58 -10.96
N ASP C 113 27.22 -32.23 -10.32
CA ASP C 113 26.86 -33.14 -9.24
C ASP C 113 26.34 -32.40 -8.01
N ILE C 114 27.03 -31.32 -7.60
CA ILE C 114 26.57 -30.58 -6.41
C ILE C 114 25.34 -29.75 -6.74
N CYS C 115 25.12 -29.40 -8.01
CA CYS C 115 23.84 -28.80 -8.36
C CYS C 115 22.71 -29.81 -8.24
N LEU C 116 22.90 -30.97 -8.88
CA LEU C 116 21.85 -32.00 -8.88
C LEU C 116 21.63 -32.58 -7.49
N LEU C 117 22.64 -32.50 -6.64
CA LEU C 117 22.46 -32.95 -5.27
C LEU C 117 21.60 -31.98 -4.45
N THR C 118 21.81 -30.67 -4.61
CA THR C 118 21.00 -29.69 -3.86
C THR C 118 19.56 -29.65 -4.34
N TYR C 119 19.39 -29.91 -5.63
CA TYR C 119 18.08 -29.89 -6.25
C TYR C 119 17.45 -31.26 -6.18
N GLY C 120 18.18 -32.18 -5.54
CA GLY C 120 17.72 -33.54 -5.37
C GLY C 120 16.46 -33.51 -4.55
N MET C 121 16.44 -32.62 -3.57
CA MET C 121 15.29 -32.45 -2.70
C MET C 121 14.93 -30.97 -2.69
N THR C 122 14.41 -30.50 -3.82
CA THR C 122 14.01 -29.13 -4.00
C THR C 122 12.61 -29.17 -4.60
N SER C 123 11.66 -29.58 -3.78
CA SER C 123 10.26 -29.71 -4.18
C SER C 123 9.83 -28.41 -4.83
N SER C 124 9.36 -28.47 -6.07
CA SER C 124 8.96 -27.27 -6.76
C SER C 124 7.53 -27.04 -6.39
N SER C 125 7.03 -27.91 -5.52
CA SER C 125 5.64 -27.77 -5.10
C SER C 125 5.55 -27.51 -3.61
N ALA C 126 6.43 -26.64 -3.10
CA ALA C 126 6.50 -26.40 -1.67
C ALA C 126 5.95 -25.05 -1.23
N TYR C 127 6.09 -24.00 -2.03
CA TYR C 127 5.69 -22.69 -1.55
C TYR C 127 4.18 -22.51 -1.57
N TYR C 128 3.47 -23.25 -2.42
CA TYR C 128 2.01 -23.26 -2.27
C TYR C 128 1.57 -24.07 -1.06
N TYR C 129 2.37 -25.05 -0.65
CA TYR C 129 2.08 -25.78 0.58
C TYR C 129 2.29 -24.88 1.78
N THR C 130 3.29 -24.02 1.69
CA THR C 130 3.49 -22.99 2.70
C THR C 130 2.39 -21.94 2.68
N LYS C 131 1.87 -21.59 1.49
CA LYS C 131 0.69 -20.72 1.42
C LYS C 131 -0.50 -21.31 2.15
N VAL C 132 -0.88 -22.54 1.82
CA VAL C 132 -2.06 -23.15 2.43
C VAL C 132 -1.84 -23.34 3.91
N MET C 133 -0.63 -23.72 4.31
CA MET C 133 -0.38 -24.03 5.69
C MET C 133 -0.25 -22.79 6.56
N SER C 134 0.45 -21.76 6.06
CA SER C 134 0.51 -20.47 6.73
C SER C 134 -0.86 -19.84 6.83
N GLU C 135 -1.51 -19.60 5.68
CA GLU C 135 -2.81 -18.93 5.68
C GLU C 135 -3.97 -19.84 6.07
N LEU C 136 -3.72 -21.03 6.60
CA LEU C 136 -4.81 -21.77 7.23
C LEU C 136 -4.88 -21.51 8.72
N PHE C 137 -3.74 -21.28 9.39
CA PHE C 137 -3.72 -21.02 10.82
C PHE C 137 -3.48 -19.56 11.17
N LEU C 138 -2.57 -18.89 10.45
CA LEU C 138 -2.27 -17.49 10.71
C LEU C 138 -3.47 -16.59 10.44
N HIS C 139 -3.92 -16.54 9.18
CA HIS C 139 -4.83 -15.50 8.73
C HIS C 139 -6.29 -15.87 8.94
N THR C 140 -6.58 -16.95 9.62
CA THR C 140 -7.96 -17.36 9.81
C THR C 140 -8.60 -16.53 10.91
N PRO C 141 -9.75 -15.91 10.67
CA PRO C 141 -10.44 -15.18 11.74
C PRO C 141 -11.19 -16.12 12.67
N SER C 142 -11.30 -15.68 13.92
CA SER C 142 -12.02 -16.41 14.95
C SER C 142 -13.52 -16.13 14.84
N ASP C 143 -14.26 -16.52 15.87
CA ASP C 143 -15.66 -16.11 15.97
C ASP C 143 -15.76 -14.61 16.23
N THR C 144 -15.01 -14.12 17.21
CA THR C 144 -14.95 -12.69 17.49
C THR C 144 -13.93 -11.96 16.62
N GLY C 145 -13.25 -12.66 15.72
CA GLY C 145 -12.45 -11.99 14.71
C GLY C 145 -11.04 -11.65 15.12
N VAL C 146 -10.29 -12.63 15.63
CA VAL C 146 -8.87 -12.43 15.94
C VAL C 146 -8.05 -13.43 15.14
N SER C 147 -6.98 -12.95 14.52
CA SER C 147 -6.08 -13.75 13.71
C SER C 147 -4.69 -13.72 14.33
N PHE C 148 -3.85 -14.67 13.92
CA PHE C 148 -2.57 -14.86 14.58
C PHE C 148 -1.59 -13.74 14.28
N GLN C 149 -1.66 -13.14 13.10
CA GLN C 149 -0.75 -12.03 12.83
C GLN C 149 -1.24 -10.75 13.49
N ALA C 150 -2.47 -10.72 13.98
CA ALA C 150 -3.06 -9.57 14.65
C ALA C 150 -3.60 -9.96 16.03
N ILE C 151 -2.80 -10.68 16.81
CA ILE C 151 -3.06 -10.88 18.23
C ILE C 151 -2.14 -9.95 19.01
N SER C 152 -2.71 -9.25 20.00
CA SER C 152 -1.89 -8.43 20.89
C SER C 152 -2.26 -8.55 22.36
N SER C 153 -3.47 -8.98 22.70
CA SER C 153 -3.87 -9.08 24.09
C SER C 153 -3.52 -10.47 24.61
N MET C 154 -4.04 -10.80 25.79
CA MET C 154 -3.90 -12.13 26.35
C MET C 154 -5.22 -12.88 26.41
N ALA C 155 -6.33 -12.18 26.62
CA ALA C 155 -7.63 -12.86 26.67
C ALA C 155 -8.13 -13.27 25.30
N ASP C 156 -7.50 -12.80 24.23
CA ASP C 156 -7.87 -13.20 22.88
C ASP C 156 -6.94 -14.25 22.29
N PHE C 157 -5.76 -14.47 22.90
CA PHE C 157 -5.00 -15.68 22.65
C PHE C 157 -5.82 -16.92 22.96
N TRP C 158 -6.61 -16.88 24.03
CA TRP C 158 -7.51 -17.98 24.35
C TRP C 158 -8.80 -17.98 23.55
N ASP C 159 -8.97 -17.05 22.62
CA ASP C 159 -9.95 -17.23 21.57
C ASP C 159 -9.31 -17.78 20.30
N PHE C 160 -8.06 -17.36 20.03
CA PHE C 160 -7.30 -17.91 18.91
C PHE C 160 -7.03 -19.39 19.08
N ALA C 161 -6.75 -19.82 20.30
CA ALA C 161 -6.43 -21.22 20.55
C ALA C 161 -7.65 -22.03 20.93
N GLN C 162 -8.86 -21.53 20.65
CA GLN C 162 -10.06 -22.33 20.85
C GLN C 162 -11.00 -22.26 19.66
N GLY C 163 -10.96 -21.19 18.87
CA GLY C 163 -11.73 -21.15 17.65
C GLY C 163 -10.97 -21.51 16.38
N PRO C 164 -9.98 -20.68 15.99
CA PRO C 164 -9.30 -20.92 14.71
C PRO C 164 -8.08 -21.82 14.78
N LEU C 165 -7.91 -22.55 15.88
CA LEU C 165 -6.93 -23.61 15.92
C LEU C 165 -7.47 -24.89 16.55
N LEU C 166 -8.60 -24.84 17.23
CA LEU C 166 -9.29 -26.04 17.65
C LEU C 166 -10.43 -26.42 16.72
N ASP C 167 -11.11 -25.44 16.14
CA ASP C 167 -12.03 -25.68 15.04
C ASP C 167 -11.34 -25.60 13.69
N SER C 168 -10.01 -25.69 13.67
CA SER C 168 -9.26 -25.67 12.43
C SER C 168 -8.14 -26.70 12.44
N LEU C 169 -8.32 -27.80 13.18
CA LEU C 169 -7.33 -28.86 13.25
C LEU C 169 -7.93 -30.26 13.17
N TYR C 170 -9.21 -30.43 13.54
CA TYR C 170 -9.82 -31.72 13.79
C TYR C 170 -11.00 -31.91 12.85
N TRP C 171 -10.77 -32.60 11.73
CA TRP C 171 -11.77 -32.79 10.69
C TRP C 171 -12.34 -34.20 10.75
N THR C 172 -13.66 -34.29 10.61
CA THR C 172 -14.35 -35.58 10.55
C THR C 172 -15.67 -35.42 9.81
N GLY C 181 -9.64 -38.61 2.00
CA GLY C 181 -10.77 -39.03 2.81
C GLY C 181 -10.65 -38.61 4.26
N HIS C 182 -11.20 -39.40 5.17
CA HIS C 182 -11.11 -39.12 6.60
C HIS C 182 -11.19 -40.41 7.40
N GLY C 183 -10.19 -40.65 8.25
CA GLY C 183 -10.17 -41.76 9.16
C GLY C 183 -10.15 -41.31 10.61
N SER C 184 -9.01 -41.48 11.29
CA SER C 184 -8.85 -40.92 12.63
C SER C 184 -7.45 -40.35 12.85
N HIS C 185 -6.75 -39.94 11.79
CA HIS C 185 -5.42 -39.36 11.89
C HIS C 185 -5.42 -37.86 11.61
N SER C 186 -6.60 -37.25 11.46
CA SER C 186 -6.82 -35.81 11.38
C SER C 186 -6.07 -35.18 10.19
N PHE C 187 -6.51 -35.56 9.01
CA PHE C 187 -6.14 -34.82 7.81
C PHE C 187 -6.77 -33.43 7.87
N ILE C 188 -5.92 -32.39 7.82
CA ILE C 188 -6.34 -31.03 8.08
C ILE C 188 -6.94 -30.37 6.85
N TYR C 189 -6.50 -30.75 5.65
CA TYR C 189 -7.15 -30.27 4.44
C TYR C 189 -8.09 -31.29 3.82
N TYR C 190 -7.95 -32.58 4.22
CA TYR C 190 -8.24 -33.85 3.53
C TYR C 190 -7.11 -34.30 2.63
N GLU C 191 -5.95 -33.65 2.67
CA GLU C 191 -4.85 -34.06 1.82
C GLU C 191 -3.48 -34.08 2.50
N ASN C 192 -3.42 -33.95 3.83
CA ASN C 192 -2.17 -33.99 4.57
C ASN C 192 -2.44 -34.32 6.03
N MET C 193 -1.68 -35.27 6.56
CA MET C 193 -1.99 -35.88 7.84
C MET C 193 -1.30 -35.16 8.99
N LEU C 194 -1.97 -35.16 10.14
CA LEU C 194 -1.40 -34.65 11.38
C LEU C 194 -0.67 -35.78 12.09
N LEU C 195 0.65 -35.70 12.12
CA LEU C 195 1.48 -36.76 12.70
C LEU C 195 1.90 -36.35 14.11
N GLY C 196 1.49 -37.13 15.08
CA GLY C 196 1.71 -36.77 16.46
C GLY C 196 0.61 -35.87 16.97
N VAL C 197 0.96 -35.10 18.00
CA VAL C 197 0.06 -34.11 18.60
C VAL C 197 0.86 -32.87 18.96
N PRO C 198 0.22 -31.70 18.94
CA PRO C 198 0.93 -30.46 19.28
C PRO C 198 1.29 -30.38 20.75
N ARG C 199 2.20 -29.45 21.05
CA ARG C 199 2.44 -29.14 22.46
C ARG C 199 2.74 -27.66 22.65
N LEU C 200 2.54 -27.23 23.90
CA LEU C 200 2.46 -25.83 24.32
C LEU C 200 3.46 -25.59 25.44
N ARG C 201 4.71 -25.32 25.13
CA ARG C 201 5.68 -25.10 26.18
C ARG C 201 5.81 -23.61 26.46
N GLN C 202 5.82 -23.27 27.76
CA GLN C 202 5.71 -21.91 28.27
C GLN C 202 6.94 -21.57 29.10
N LEU C 203 7.60 -20.47 28.77
CA LEU C 203 8.61 -19.98 29.71
C LEU C 203 7.96 -19.03 30.69
N LYS C 204 8.57 -18.90 31.87
CA LYS C 204 8.15 -17.89 32.83
C LYS C 204 9.39 -17.25 33.44
N VAL C 205 9.17 -16.18 34.20
CA VAL C 205 10.21 -15.53 34.98
C VAL C 205 9.65 -15.23 36.37
N ARG C 206 10.55 -15.05 37.32
CA ARG C 206 10.17 -15.09 38.73
C ARG C 206 9.96 -13.69 39.31
N ASN C 207 9.25 -13.65 40.46
CA ASN C 207 8.85 -12.39 41.12
C ASN C 207 9.94 -11.46 41.64
N ASP C 208 10.92 -11.99 42.37
CA ASP C 208 12.06 -11.17 42.77
C ASP C 208 13.20 -11.21 41.75
N SER C 209 12.88 -10.88 40.50
CA SER C 209 13.90 -10.92 39.45
C SER C 209 14.78 -9.67 39.49
N CYS C 210 14.14 -8.51 39.65
CA CYS C 210 14.84 -7.27 39.97
C CYS C 210 13.97 -6.48 40.93
N VAL C 211 14.58 -5.50 41.60
CA VAL C 211 13.91 -4.78 42.66
C VAL C 211 13.45 -3.42 42.13
N VAL C 212 12.25 -3.01 42.54
CA VAL C 212 11.72 -1.71 42.14
C VAL C 212 12.50 -0.61 42.82
N HIS C 213 12.51 0.57 42.22
CA HIS C 213 13.16 1.71 42.89
C HIS C 213 12.26 2.25 43.99
N GLU C 214 12.89 2.80 45.03
CA GLU C 214 12.26 3.04 46.33
C GLU C 214 11.19 4.12 46.31
N ASP C 215 11.09 4.91 45.24
CA ASP C 215 10.00 5.87 45.13
C ASP C 215 8.66 5.17 44.97
N PHE C 216 8.64 4.00 44.33
CA PHE C 216 7.43 3.20 44.14
C PHE C 216 7.53 1.93 44.98
N ARG C 217 6.79 1.89 46.07
CA ARG C 217 6.59 0.70 46.88
C ARG C 217 5.11 0.59 47.20
N GLU C 218 4.77 -0.35 48.09
CA GLU C 218 3.50 -0.49 48.80
C GLU C 218 2.31 -0.88 47.90
N ASP C 219 2.49 -0.80 46.58
CA ASP C 219 1.44 -1.13 45.61
C ASP C 219 1.95 -1.95 44.45
N ILE C 220 3.25 -1.95 44.20
CA ILE C 220 3.85 -2.38 42.94
C ILE C 220 4.87 -3.48 43.27
N LEU C 221 4.53 -4.27 44.30
CA LEU C 221 5.47 -5.11 45.02
C LEU C 221 6.08 -6.24 44.19
N SER C 222 5.35 -6.76 43.20
CA SER C 222 5.83 -7.85 42.37
C SER C 222 6.43 -7.29 41.08
N CYS C 223 7.65 -7.69 40.77
CA CYS C 223 8.45 -7.02 39.73
C CYS C 223 9.10 -8.04 38.79
N TYR C 224 8.39 -8.39 37.72
CA TYR C 224 8.86 -9.33 36.71
C TYR C 224 9.88 -8.62 35.81
N ASP C 225 10.41 -9.29 34.78
CA ASP C 225 11.58 -8.73 34.12
C ASP C 225 11.65 -9.23 32.68
N VAL C 226 12.54 -8.59 31.91
CA VAL C 226 12.82 -9.03 30.55
C VAL C 226 13.49 -10.41 30.61
N TYR C 227 13.36 -11.17 29.53
CA TYR C 227 13.83 -12.55 29.55
C TYR C 227 15.33 -12.60 29.36
N SER C 228 15.96 -13.49 30.12
CA SER C 228 17.38 -13.79 30.06
C SER C 228 17.51 -15.30 30.22
N PRO C 229 18.68 -15.88 29.90
CA PRO C 229 18.89 -17.29 30.27
C PRO C 229 18.86 -17.58 31.76
N ASP C 230 19.04 -16.56 32.61
CA ASP C 230 18.80 -16.68 34.03
C ASP C 230 17.33 -16.34 34.32
N LYS C 231 17.00 -16.19 35.60
CA LYS C 231 15.79 -15.54 36.09
C LYS C 231 14.49 -16.28 35.73
N GLU C 232 14.54 -17.55 35.36
CA GLU C 232 13.30 -18.27 35.05
C GLU C 232 12.62 -18.73 36.34
N GLU C 233 11.61 -19.58 36.20
CA GLU C 233 10.96 -20.24 37.32
C GLU C 233 11.12 -21.74 37.15
N GLN C 234 12.05 -22.34 37.90
CA GLN C 234 12.11 -23.79 37.98
C GLN C 234 11.23 -24.31 39.11
N LEU C 235 9.97 -23.87 39.17
CA LEU C 235 9.12 -24.21 40.29
C LEU C 235 7.70 -24.52 39.81
N PRO C 236 7.07 -25.54 40.36
CA PRO C 236 5.65 -25.76 40.08
C PRO C 236 4.78 -24.75 40.80
N PHE C 237 3.63 -24.44 40.18
CA PHE C 237 2.71 -23.45 40.73
C PHE C 237 1.25 -23.86 40.75
N GLY C 238 0.82 -24.81 39.92
CA GLY C 238 -0.58 -25.14 39.81
C GLY C 238 -1.07 -26.03 40.94
N PRO C 239 -2.30 -26.54 40.80
CA PRO C 239 -2.88 -27.38 41.85
C PRO C 239 -2.19 -28.72 42.06
N PHE C 240 -2.07 -29.53 41.02
CA PHE C 240 -1.54 -30.88 41.16
C PHE C 240 -0.75 -31.21 39.90
N ASN C 241 0.12 -32.22 40.01
CA ASN C 241 0.96 -32.71 38.92
C ASN C 241 0.14 -33.10 37.71
N GLY C 242 0.30 -32.35 36.62
CA GLY C 242 -0.31 -32.71 35.35
C GLY C 242 0.58 -32.37 34.17
N THR C 243 1.86 -32.13 34.47
CA THR C 243 2.86 -31.83 33.44
C THR C 243 2.83 -30.41 32.86
N ALA C 244 1.66 -29.80 32.89
CA ALA C 244 1.44 -28.47 32.35
C ALA C 244 1.73 -27.38 33.38
N TRP C 245 1.88 -27.77 34.65
CA TRP C 245 2.14 -26.83 35.73
C TRP C 245 3.48 -27.07 36.41
N THR C 246 4.27 -28.02 35.93
CA THR C 246 5.55 -28.38 36.54
C THR C 246 6.65 -28.12 35.54
N TYR C 247 7.72 -27.48 36.00
CA TYR C 247 8.86 -27.19 35.13
C TYR C 247 9.56 -28.48 34.72
N HIS C 248 10.08 -28.47 33.50
CA HIS C 248 10.90 -29.54 32.96
C HIS C 248 12.15 -28.93 32.37
N SER C 249 13.27 -29.64 32.47
CA SER C 249 14.57 -29.02 32.23
C SER C 249 14.81 -28.81 30.74
N GLN C 250 16.00 -28.30 30.42
CA GLN C 250 16.36 -28.10 29.03
C GLN C 250 16.71 -29.42 28.35
N ASP C 251 17.11 -30.43 29.12
CA ASP C 251 17.49 -31.72 28.56
C ASP C 251 16.55 -32.84 28.94
N GLU C 252 15.42 -32.55 29.56
CA GLU C 252 14.34 -33.51 29.60
C GLU C 252 13.52 -33.49 28.31
N LEU C 253 13.60 -32.41 27.55
CA LEU C 253 12.79 -32.25 26.36
C LEU C 253 13.65 -32.17 25.11
N GLY C 254 14.83 -31.57 25.24
CA GLY C 254 15.77 -31.57 24.15
C GLY C 254 15.58 -30.48 23.13
N GLY C 255 14.59 -29.60 23.32
CA GLY C 255 14.34 -28.54 22.36
C GLY C 255 15.45 -27.52 22.38
N PHE C 256 15.93 -27.13 21.19
CA PHE C 256 17.00 -26.18 21.04
C PHE C 256 16.52 -24.78 21.47
N SER C 257 17.47 -23.86 21.62
CA SER C 257 17.18 -22.46 21.93
C SER C 257 16.44 -21.83 20.74
N HIS C 258 15.16 -21.58 20.91
CA HIS C 258 14.39 -20.81 19.94
C HIS C 258 14.90 -19.37 19.89
N TRP C 259 14.87 -18.80 18.69
CA TRP C 259 15.19 -17.38 18.54
C TRP C 259 13.92 -16.66 18.12
N GLY C 260 13.35 -15.90 19.06
CA GLY C 260 12.17 -15.11 18.81
C GLY C 260 12.54 -13.75 18.25
N ARG C 261 11.63 -12.79 18.44
CA ARG C 261 11.86 -11.47 17.88
C ARG C 261 12.77 -10.63 18.77
N LEU C 262 12.59 -10.68 20.10
CA LEU C 262 13.35 -9.80 20.97
C LEU C 262 14.75 -10.36 21.24
N THR C 263 14.81 -11.49 21.94
CA THR C 263 16.05 -12.17 22.33
C THR C 263 15.84 -13.66 22.21
N SER C 264 16.90 -14.43 22.41
CA SER C 264 16.85 -15.89 22.33
C SER C 264 16.07 -16.48 23.50
N TYR C 265 15.89 -17.79 23.48
CA TYR C 265 15.14 -18.48 24.54
C TYR C 265 15.87 -19.78 24.85
N SER C 266 15.21 -20.70 25.55
CA SER C 266 15.82 -21.96 25.92
C SER C 266 14.78 -23.06 25.86
N GLY C 267 15.14 -24.25 26.33
CA GLY C 267 14.26 -25.40 26.34
C GLY C 267 13.38 -25.48 27.56
N GLY C 268 12.38 -24.60 27.65
CA GLY C 268 11.66 -24.40 28.88
C GLY C 268 10.61 -25.45 29.13
N GLY C 269 9.85 -25.24 30.21
CA GLY C 269 9.02 -26.27 30.77
C GLY C 269 7.55 -26.04 30.53
N TYR C 270 6.73 -26.55 31.45
CA TYR C 270 5.30 -26.26 31.61
C TYR C 270 4.45 -26.78 30.46
N TYR C 271 5.00 -27.64 29.61
CA TYR C 271 4.40 -28.01 28.35
C TYR C 271 3.15 -28.87 28.56
N LEU C 272 2.31 -28.91 27.53
CA LEU C 272 1.10 -29.74 27.56
C LEU C 272 0.99 -30.40 26.19
N ASP C 273 1.26 -31.71 26.14
CA ASP C 273 0.97 -32.49 24.94
C ASP C 273 -0.54 -32.59 24.78
N LEU C 274 -1.03 -32.15 23.64
CA LEU C 274 -2.48 -32.12 23.43
C LEU C 274 -3.03 -33.51 23.17
N PRO C 275 -4.30 -33.74 23.47
CA PRO C 275 -4.97 -34.96 23.02
C PRO C 275 -5.30 -34.88 21.53
N GLY C 276 -5.99 -35.90 21.04
CA GLY C 276 -6.23 -36.01 19.61
C GLY C 276 -7.68 -36.05 19.20
N SER C 277 -8.52 -35.23 19.82
CA SER C 277 -9.93 -35.20 19.48
C SER C 277 -10.48 -33.81 19.72
N ARG C 278 -11.61 -33.52 19.07
CA ARG C 278 -12.21 -32.18 19.12
C ARG C 278 -12.74 -31.87 20.52
N GLN C 279 -13.50 -32.79 21.11
CA GLN C 279 -14.00 -32.59 22.45
C GLN C 279 -12.87 -32.64 23.48
N GLY C 280 -11.84 -33.45 23.21
CA GLY C 280 -10.77 -33.64 24.18
C GLY C 280 -9.91 -32.40 24.35
N SER C 281 -9.54 -31.75 23.26
CA SER C 281 -8.69 -30.57 23.36
C SER C 281 -9.46 -29.38 23.94
N ALA C 282 -10.76 -29.31 23.68
CA ALA C 282 -11.57 -28.25 24.27
C ALA C 282 -11.77 -28.47 25.76
N GLU C 283 -12.00 -29.72 26.18
CA GLU C 283 -12.08 -29.99 27.61
C GLU C 283 -10.74 -29.88 28.30
N ALA C 284 -9.64 -29.98 27.55
CA ALA C 284 -8.33 -29.68 28.12
C ALA C 284 -8.16 -28.18 28.32
N LEU C 285 -8.32 -27.38 27.26
CA LEU C 285 -7.98 -25.96 27.33
C LEU C 285 -9.00 -25.15 28.13
N ARG C 286 -10.28 -25.53 28.12
CA ARG C 286 -11.26 -24.80 28.92
C ARG C 286 -11.02 -25.04 30.41
N ALA C 287 -10.64 -26.26 30.78
CA ALA C 287 -10.21 -26.51 32.15
C ALA C 287 -8.86 -25.88 32.45
N LEU C 288 -8.07 -25.59 31.41
CA LEU C 288 -6.80 -24.92 31.60
C LEU C 288 -6.96 -23.42 31.77
N GLN C 289 -8.10 -22.86 31.38
CA GLN C 289 -8.33 -21.42 31.57
C GLN C 289 -8.46 -21.06 33.05
N GLU C 290 -9.36 -21.73 33.79
CA GLU C 290 -9.61 -21.33 35.17
C GLU C 290 -8.43 -21.62 36.09
N GLY C 291 -7.54 -22.52 35.68
CA GLY C 291 -6.28 -22.68 36.38
C GLY C 291 -5.31 -21.53 36.18
N LEU C 292 -5.56 -20.70 35.16
CA LEU C 292 -4.72 -19.56 34.79
C LEU C 292 -3.29 -19.99 34.50
N TRP C 293 -3.17 -20.88 33.51
CA TRP C 293 -1.85 -21.35 33.10
C TRP C 293 -1.04 -20.26 32.44
N LEU C 294 -1.71 -19.29 31.83
CA LEU C 294 -1.07 -18.13 31.26
C LEU C 294 -1.17 -16.95 32.22
N ASP C 295 -0.28 -16.94 33.20
CA ASP C 295 -0.32 -15.91 34.22
C ASP C 295 0.70 -14.80 33.99
N ARG C 296 0.65 -13.84 34.90
CA ARG C 296 1.07 -12.46 34.70
C ARG C 296 2.58 -12.43 34.91
N GLY C 297 3.33 -12.55 33.83
CA GLY C 297 4.76 -12.74 33.94
C GLY C 297 5.28 -13.82 33.02
N THR C 298 4.43 -14.26 32.09
CA THR C 298 4.85 -15.15 31.02
C THR C 298 5.78 -14.38 30.08
N ARG C 299 6.67 -15.09 29.40
CA ARG C 299 7.51 -14.45 28.41
C ARG C 299 7.34 -15.02 27.01
N VAL C 300 7.26 -16.34 26.84
CA VAL C 300 6.83 -16.96 25.59
C VAL C 300 5.85 -18.08 25.88
N VAL C 301 4.82 -18.19 25.05
CA VAL C 301 4.02 -19.38 24.93
C VAL C 301 4.23 -19.90 23.52
N PHE C 302 4.71 -21.14 23.41
CA PHE C 302 4.83 -21.76 22.11
C PHE C 302 3.61 -22.62 21.83
N ILE C 303 3.42 -22.94 20.55
CA ILE C 303 2.62 -24.08 20.16
C ILE C 303 3.24 -24.67 18.91
N ASP C 304 3.56 -25.96 18.96
CA ASP C 304 4.31 -26.61 17.90
C ASP C 304 3.56 -27.86 17.46
N PHE C 305 3.37 -28.00 16.14
CA PHE C 305 3.08 -29.31 15.56
C PHE C 305 3.55 -29.30 14.12
N SER C 306 3.21 -30.35 13.38
CA SER C 306 3.74 -30.52 12.03
C SER C 306 2.80 -31.44 11.27
N VAL C 307 2.79 -31.28 9.94
CA VAL C 307 1.96 -32.09 9.07
C VAL C 307 2.76 -32.51 7.83
N TYR C 308 2.41 -33.69 7.31
CA TYR C 308 3.07 -34.37 6.21
C TYR C 308 2.02 -34.88 5.23
N ASN C 309 2.26 -34.67 3.94
CA ASN C 309 1.41 -35.21 2.89
C ASN C 309 2.15 -36.27 2.09
N ALA C 310 1.37 -37.22 1.53
CA ALA C 310 1.92 -38.28 0.71
C ALA C 310 2.28 -37.81 -0.69
N ASN C 311 1.59 -36.79 -1.18
CA ASN C 311 1.46 -36.54 -2.61
C ASN C 311 2.73 -36.03 -3.24
N ILE C 312 3.58 -35.33 -2.48
CA ILE C 312 4.85 -34.82 -2.98
C ILE C 312 6.00 -35.10 -2.02
N ASN C 313 5.74 -35.79 -0.90
CA ASN C 313 6.73 -36.21 0.10
C ASN C 313 7.46 -35.00 0.70
N LEU C 314 6.69 -34.18 1.43
CA LEU C 314 7.24 -33.05 2.15
C LEU C 314 6.72 -33.01 3.57
N PHE C 315 7.64 -32.84 4.53
CA PHE C 315 7.30 -32.53 5.90
C PHE C 315 7.28 -31.02 6.05
N CYS C 316 6.16 -30.47 6.50
CA CYS C 316 6.17 -29.08 6.93
C CYS C 316 5.95 -29.01 8.43
N VAL C 317 6.73 -28.16 9.08
CA VAL C 317 6.70 -27.99 10.52
C VAL C 317 6.17 -26.60 10.82
N LEU C 318 5.45 -26.46 11.92
CA LEU C 318 4.85 -25.20 12.25
C LEU C 318 5.09 -24.91 13.73
N ARG C 319 5.82 -23.81 13.95
CA ARG C 319 6.11 -23.24 15.25
C ARG C 319 5.41 -21.90 15.34
N LEU C 320 4.55 -21.74 16.34
CA LEU C 320 3.77 -20.52 16.50
C LEU C 320 4.08 -19.92 17.87
N VAL C 321 4.62 -18.71 17.86
CA VAL C 321 5.16 -18.05 19.05
C VAL C 321 4.21 -16.92 19.44
N VAL C 322 3.79 -16.89 20.70
CA VAL C 322 3.03 -15.77 21.26
C VAL C 322 3.83 -15.29 22.46
N GLU C 323 4.62 -14.25 22.27
CA GLU C 323 5.52 -13.79 23.30
C GLU C 323 4.95 -12.57 24.00
N PHE C 324 4.96 -12.60 25.32
CA PHE C 324 4.44 -11.52 26.13
C PHE C 324 5.64 -10.80 26.72
N PRO C 325 6.01 -9.61 26.22
CA PRO C 325 7.23 -8.96 26.70
C PRO C 325 7.03 -8.39 28.10
N ALA C 326 8.13 -7.84 28.63
CA ALA C 326 8.11 -7.23 29.96
C ALA C 326 7.18 -6.03 30.02
N THR C 327 7.05 -5.30 28.91
CA THR C 327 6.19 -4.13 28.84
C THR C 327 4.72 -4.48 28.92
N GLY C 328 4.34 -5.65 28.45
CA GLY C 328 2.95 -6.02 28.27
C GLY C 328 2.66 -6.40 26.83
N GLY C 329 1.40 -6.69 26.60
CA GLY C 329 0.92 -6.97 25.26
C GLY C 329 1.28 -8.35 24.80
N ALA C 330 1.33 -8.49 23.47
CA ALA C 330 1.78 -9.69 22.78
C ALA C 330 2.20 -9.28 21.38
N ILE C 331 3.39 -9.70 20.97
CA ILE C 331 3.90 -9.36 19.65
C ILE C 331 4.25 -10.63 18.87
N PRO C 332 3.30 -11.21 18.13
CA PRO C 332 3.44 -12.59 17.70
C PRO C 332 4.43 -12.75 16.55
N SER C 333 4.93 -13.98 16.44
CA SER C 333 5.74 -14.37 15.31
C SER C 333 5.45 -15.85 15.03
N TRP C 334 5.73 -16.25 13.80
CA TRP C 334 5.52 -17.62 13.35
C TRP C 334 6.83 -18.12 12.75
N GLN C 335 6.88 -19.43 12.53
CA GLN C 335 8.03 -20.01 11.84
C GLN C 335 7.53 -21.27 11.15
N ILE C 336 7.28 -21.19 9.84
CA ILE C 336 6.82 -22.33 9.05
C ILE C 336 7.96 -22.75 8.14
N ARG C 337 8.41 -24.00 8.28
CA ARG C 337 9.50 -24.54 7.49
C ARG C 337 9.00 -25.82 6.82
N THR C 338 9.32 -26.00 5.54
CA THR C 338 8.73 -27.07 4.74
C THR C 338 9.83 -27.72 3.91
N VAL C 339 10.27 -28.91 4.29
CA VAL C 339 11.34 -29.59 3.56
C VAL C 339 11.06 -31.06 3.31
N LYS C 340 11.96 -31.74 2.62
CA LYS C 340 11.75 -33.14 2.19
C LYS C 340 11.59 -34.25 3.22
N LEU C 341 12.47 -34.27 4.22
CA LEU C 341 12.41 -35.28 5.27
C LEU C 341 12.97 -36.62 4.77
N ILE C 342 12.56 -37.01 3.57
CA ILE C 342 13.02 -38.25 2.97
C ILE C 342 13.80 -38.00 1.68
N ARG C 343 14.97 -38.62 1.59
CA ARG C 343 15.81 -38.47 0.41
C ARG C 343 15.95 -37.00 0.01
N PHE C 351 14.92 -45.25 -6.29
CA PHE C 351 16.17 -44.53 -6.53
C PHE C 351 16.07 -43.08 -6.07
N ILE C 352 16.52 -42.82 -4.84
CA ILE C 352 16.56 -41.48 -4.30
C ILE C 352 17.92 -41.22 -3.66
N VAL C 353 18.74 -42.27 -3.56
CA VAL C 353 19.97 -42.21 -2.77
C VAL C 353 21.24 -42.38 -3.60
N GLY C 354 21.19 -42.94 -4.80
CA GLY C 354 22.42 -43.28 -5.51
C GLY C 354 23.16 -42.11 -6.13
N CYS C 355 22.54 -40.94 -6.22
CA CYS C 355 23.22 -39.75 -6.72
C CYS C 355 24.21 -39.17 -5.72
N GLU C 356 24.16 -39.60 -4.47
CA GLU C 356 24.97 -39.04 -3.39
C GLU C 356 26.33 -39.71 -3.25
N VAL C 357 26.45 -40.97 -3.70
CA VAL C 357 27.72 -41.67 -3.52
C VAL C 357 28.79 -41.17 -4.48
N ILE C 358 28.41 -40.53 -5.58
CA ILE C 358 29.41 -39.85 -6.38
C ILE C 358 29.78 -38.50 -5.74
N PHE C 359 28.83 -37.86 -5.05
CA PHE C 359 29.11 -36.61 -4.36
C PHE C 359 30.04 -36.82 -3.17
N CYS C 360 29.94 -37.97 -2.50
CA CYS C 360 30.83 -38.28 -1.39
C CYS C 360 32.27 -38.46 -1.82
N VAL C 361 32.51 -38.75 -3.10
CA VAL C 361 33.87 -38.91 -3.61
C VAL C 361 34.60 -37.57 -3.62
N PHE C 362 33.90 -36.49 -3.96
CA PHE C 362 34.55 -35.22 -4.28
C PHE C 362 35.16 -34.55 -3.05
N ILE C 363 34.65 -34.83 -1.85
CA ILE C 363 35.26 -34.31 -0.62
C ILE C 363 36.70 -34.81 -0.50
N PHE C 364 36.88 -36.13 -0.57
CA PHE C 364 38.21 -36.70 -0.53
C PHE C 364 39.01 -36.38 -1.79
N TYR C 365 38.32 -36.12 -2.91
CA TYR C 365 39.01 -35.75 -4.14
C TYR C 365 39.66 -34.37 -4.01
N TYR C 366 38.99 -33.43 -3.34
CA TYR C 366 39.50 -32.07 -3.26
C TYR C 366 40.30 -31.75 -2.02
N VAL C 367 40.10 -32.47 -0.91
CA VAL C 367 40.94 -32.19 0.27
C VAL C 367 42.38 -32.58 0.01
N VAL C 368 42.61 -33.63 -0.80
CA VAL C 368 43.97 -34.06 -1.12
C VAL C 368 44.65 -33.05 -2.03
N GLU C 369 43.92 -32.56 -3.04
CA GLU C 369 44.48 -31.54 -3.93
C GLU C 369 44.68 -30.21 -3.23
N GLU C 370 43.93 -29.94 -2.16
CA GLU C 370 44.22 -28.76 -1.34
C GLU C 370 45.47 -28.96 -0.49
N ILE C 371 45.58 -30.12 0.19
CA ILE C 371 46.66 -30.25 1.16
C ILE C 371 47.98 -30.57 0.49
N LEU C 372 47.99 -31.15 -0.72
CA LEU C 372 49.24 -31.35 -1.44
C LEU C 372 49.84 -30.02 -1.87
N GLU C 373 49.00 -29.02 -2.14
CA GLU C 373 49.49 -27.66 -2.26
C GLU C 373 49.89 -27.10 -0.91
N LEU C 374 49.17 -27.49 0.15
CA LEU C 374 49.46 -26.97 1.48
C LEU C 374 50.61 -27.71 2.18
N HIS C 375 50.95 -28.93 1.74
CA HIS C 375 52.02 -29.66 2.41
C HIS C 375 53.40 -29.12 2.05
N ILE C 376 53.61 -28.77 0.79
CA ILE C 376 54.91 -28.32 0.30
C ILE C 376 54.73 -26.83 0.00
N HIS C 377 53.89 -26.18 0.80
CA HIS C 377 53.54 -24.78 0.59
C HIS C 377 54.73 -23.86 0.89
N ARG C 378 54.75 -22.72 0.20
CA ARG C 378 55.73 -21.69 0.48
C ARG C 378 55.33 -20.93 1.74
N LEU C 379 56.19 -20.00 2.16
CA LEU C 379 55.96 -19.20 3.37
C LEU C 379 55.00 -18.03 3.15
N ARG C 380 54.26 -18.02 2.04
CA ARG C 380 53.33 -16.94 1.70
C ARG C 380 52.09 -17.60 1.10
N TYR C 381 51.07 -17.80 1.91
CA TYR C 381 49.83 -18.40 1.46
C TYR C 381 48.77 -17.32 1.18
N SER C 384 46.44 -16.01 -0.93
CA SER C 384 45.35 -15.22 -1.50
C SER C 384 44.01 -15.72 -1.00
N ILE C 385 42.94 -15.01 -1.37
CA ILE C 385 41.60 -15.36 -0.89
C ILE C 385 40.97 -16.51 -1.66
N TRP C 386 41.63 -17.01 -2.71
CA TRP C 386 41.14 -18.22 -3.34
C TRP C 386 41.37 -19.46 -2.48
N ASN C 387 42.34 -19.41 -1.55
CA ASN C 387 42.56 -20.52 -0.63
C ASN C 387 41.40 -20.65 0.35
N ILE C 388 40.96 -19.54 0.94
CA ILE C 388 39.79 -19.59 1.82
C ILE C 388 38.51 -19.75 1.01
N LEU C 389 38.53 -19.41 -0.28
CA LEU C 389 37.42 -19.74 -1.17
C LEU C 389 37.29 -21.24 -1.36
N ASP C 390 38.43 -21.94 -1.49
CA ASP C 390 38.41 -23.40 -1.47
C ASP C 390 37.94 -23.92 -0.12
N LEU C 391 38.42 -23.31 0.97
CA LEU C 391 38.17 -23.84 2.31
C LEU C 391 36.70 -23.70 2.71
N VAL C 392 36.06 -22.60 2.34
CA VAL C 392 34.68 -22.37 2.79
C VAL C 392 33.71 -23.30 2.06
N VAL C 393 34.06 -23.74 0.85
CA VAL C 393 33.19 -24.68 0.15
C VAL C 393 33.57 -26.13 0.45
N ILE C 394 34.80 -26.38 0.92
CA ILE C 394 35.17 -27.72 1.35
C ILE C 394 34.58 -28.05 2.72
N LEU C 395 34.75 -27.12 3.68
CA LEU C 395 34.35 -27.39 5.05
C LEU C 395 32.83 -27.53 5.22
N LEU C 396 32.05 -26.84 4.39
CA LEU C 396 30.60 -27.02 4.44
C LEU C 396 30.15 -28.38 3.91
N SER C 397 30.97 -29.03 3.06
CA SER C 397 30.56 -30.28 2.45
C SER C 397 30.52 -31.41 3.47
N ILE C 398 31.49 -31.45 4.39
CA ILE C 398 31.49 -32.48 5.43
C ILE C 398 30.33 -32.27 6.39
N VAL C 399 30.03 -31.01 6.71
CA VAL C 399 28.89 -30.67 7.56
C VAL C 399 27.59 -31.08 6.87
N ALA C 400 27.54 -30.94 5.55
CA ALA C 400 26.37 -31.37 4.79
C ALA C 400 26.21 -32.89 4.83
N VAL C 401 27.28 -33.63 4.48
CA VAL C 401 27.18 -35.08 4.40
C VAL C 401 27.05 -35.74 5.76
N GLY C 402 27.37 -35.04 6.85
CA GLY C 402 27.10 -35.59 8.16
C GLY C 402 25.63 -35.62 8.52
N PHE C 403 24.85 -34.68 7.96
CA PHE C 403 23.44 -34.54 8.33
C PHE C 403 22.57 -35.69 7.82
N HIS C 404 23.00 -36.40 6.78
CA HIS C 404 22.17 -37.45 6.20
C HIS C 404 22.03 -38.63 7.14
N ILE C 405 23.13 -39.00 7.82
CA ILE C 405 23.10 -40.09 8.79
C ILE C 405 22.20 -39.73 9.96
N PHE C 406 22.26 -38.46 10.39
CA PHE C 406 21.43 -38.00 11.49
C PHE C 406 19.96 -37.99 11.10
N ARG C 407 19.65 -37.64 9.84
CA ARG C 407 18.28 -37.74 9.37
C ARG C 407 17.80 -39.18 9.34
N THR C 408 18.62 -40.09 8.80
CA THR C 408 18.20 -41.48 8.66
C THR C 408 18.09 -42.17 10.01
N LEU C 409 18.78 -41.69 11.04
CA LEU C 409 18.51 -42.17 12.39
C LEU C 409 17.25 -41.53 12.97
N GLU C 410 17.13 -40.20 12.88
CA GLU C 410 16.10 -39.51 13.65
C GLU C 410 14.72 -39.65 13.05
N VAL C 411 14.58 -39.59 11.73
CA VAL C 411 13.28 -39.76 11.08
C VAL C 411 12.73 -41.15 11.35
N ASN C 412 13.60 -42.16 11.31
CA ASN C 412 13.20 -43.53 11.62
C ASN C 412 12.84 -43.68 13.09
N ARG C 413 13.61 -43.06 13.98
CA ARG C 413 13.29 -43.10 15.41
C ARG C 413 11.96 -42.41 15.70
N LEU C 414 11.67 -41.32 15.00
CA LEU C 414 10.45 -40.56 15.28
C LEU C 414 9.22 -41.28 14.78
N MET C 415 9.29 -41.93 13.61
CA MET C 415 8.12 -42.73 13.26
C MET C 415 8.07 -44.04 14.02
N GLY C 416 9.19 -44.55 14.53
CA GLY C 416 9.12 -45.68 15.43
C GLY C 416 8.49 -45.33 16.76
N LYS C 417 8.66 -44.09 17.19
CA LYS C 417 8.06 -43.59 18.42
C LYS C 417 6.55 -43.43 18.29
N LEU C 418 6.02 -43.40 17.07
CA LEU C 418 4.66 -42.98 16.83
C LEU C 418 3.70 -44.10 16.44
N LEU C 419 4.15 -45.17 15.77
CA LEU C 419 3.20 -46.17 15.32
C LEU C 419 2.70 -47.04 16.49
N GLN C 420 3.53 -47.22 17.50
CA GLN C 420 3.03 -47.54 18.83
C GLN C 420 3.04 -46.26 19.65
N GLN C 421 2.12 -46.17 20.63
CA GLN C 421 1.81 -44.97 21.41
C GLN C 421 1.55 -43.78 20.50
N PRO C 422 0.42 -43.75 19.78
CA PRO C 422 0.22 -42.71 18.75
C PRO C 422 -0.11 -41.33 19.30
N ASN C 423 -0.37 -41.20 20.59
CA ASN C 423 -0.73 -39.91 21.17
C ASN C 423 0.50 -39.25 21.82
N THR C 424 1.50 -38.93 21.01
CA THR C 424 2.70 -38.30 21.57
C THR C 424 3.31 -37.34 20.58
N TYR C 425 4.00 -36.33 21.12
CA TYR C 425 4.67 -35.32 20.31
C TYR C 425 5.98 -35.88 19.78
N ALA C 426 6.03 -36.18 18.49
CA ALA C 426 7.29 -36.52 17.86
C ALA C 426 8.01 -35.22 17.50
N ASP C 427 9.16 -35.00 18.11
CA ASP C 427 9.85 -33.72 17.93
C ASP C 427 10.52 -33.61 16.58
N PHE C 428 9.86 -32.96 15.63
CA PHE C 428 10.44 -32.71 14.33
C PHE C 428 11.13 -31.37 14.22
N GLU C 429 10.98 -30.50 15.22
CA GLU C 429 11.47 -29.13 15.11
C GLU C 429 12.99 -29.06 15.12
N PHE C 430 13.65 -30.00 15.80
CA PHE C 430 15.10 -29.98 15.89
C PHE C 430 15.75 -30.25 14.53
N LEU C 431 15.49 -31.43 13.97
CA LEU C 431 16.04 -31.70 12.64
C LEU C 431 15.34 -30.91 11.56
N ALA C 432 14.18 -30.32 11.83
CA ALA C 432 13.59 -29.39 10.89
C ALA C 432 14.41 -28.12 10.78
N PHE C 433 14.79 -27.55 11.92
CA PHE C 433 15.66 -26.38 11.93
C PHE C 433 17.03 -26.71 11.37
N TRP C 434 17.54 -27.91 11.66
CA TRP C 434 18.86 -28.25 11.14
C TRP C 434 18.82 -28.63 9.66
N GLN C 435 17.74 -29.22 9.18
CA GLN C 435 17.53 -29.41 7.75
C GLN C 435 17.36 -28.08 7.03
N THR C 436 16.74 -27.10 7.68
CA THR C 436 16.58 -25.81 7.04
C THR C 436 17.91 -25.07 6.96
N GLN C 437 18.68 -25.05 8.04
CA GLN C 437 20.04 -24.51 7.95
C GLN C 437 20.94 -25.39 7.08
N TYR C 438 20.59 -26.66 6.89
CA TYR C 438 21.32 -27.54 5.98
C TYR C 438 21.13 -27.13 4.53
N ASN C 439 19.89 -26.97 4.06
CA ASN C 439 19.77 -26.58 2.66
C ASN C 439 20.02 -25.09 2.45
N ASN C 440 19.97 -24.28 3.51
CA ASN C 440 20.59 -22.96 3.46
C ASN C 440 22.09 -23.05 3.20
N MET C 441 22.77 -23.94 3.92
CA MET C 441 24.21 -24.10 3.71
C MET C 441 24.52 -24.71 2.35
N ASN C 442 23.61 -25.55 1.83
CA ASN C 442 23.77 -26.06 0.48
C ASN C 442 23.61 -24.95 -0.54
N ALA C 443 22.69 -24.02 -0.29
CA ALA C 443 22.56 -22.85 -1.16
C ALA C 443 23.81 -21.98 -1.10
N VAL C 444 24.39 -21.81 0.10
CA VAL C 444 25.53 -20.92 0.26
C VAL C 444 26.79 -21.53 -0.35
N ASN C 445 27.06 -22.82 -0.12
CA ASN C 445 28.26 -23.38 -0.75
C ASN C 445 28.06 -23.65 -2.23
N LEU C 446 26.82 -23.85 -2.68
CA LEU C 446 26.53 -23.87 -4.10
C LEU C 446 26.83 -22.53 -4.75
N PHE C 447 26.46 -21.43 -4.07
CA PHE C 447 26.77 -20.10 -4.57
C PHE C 447 28.28 -19.84 -4.58
N PHE C 448 28.99 -20.36 -3.57
CA PHE C 448 30.44 -20.21 -3.55
C PHE C 448 31.08 -21.03 -4.67
N ALA C 449 30.50 -22.18 -5.00
CA ALA C 449 30.96 -22.95 -6.15
C ALA C 449 30.71 -22.19 -7.45
N TRP C 450 29.54 -21.54 -7.58
CA TRP C 450 29.26 -20.73 -8.77
C TRP C 450 30.18 -19.53 -8.86
N ILE C 451 30.59 -18.96 -7.73
CA ILE C 451 31.54 -17.87 -7.77
C ILE C 451 32.96 -18.38 -8.03
N LYS C 452 33.22 -19.65 -7.73
CA LYS C 452 34.54 -20.24 -7.92
C LYS C 452 34.81 -20.68 -9.36
N ILE C 453 33.89 -20.41 -10.29
CA ILE C 453 34.11 -20.76 -11.69
C ILE C 453 35.17 -19.85 -12.31
N PHE C 454 35.46 -18.70 -11.69
CA PHE C 454 36.45 -17.76 -12.19
C PHE C 454 37.90 -18.23 -12.03
N LYS C 455 38.14 -19.42 -11.50
CA LYS C 455 39.48 -20.02 -11.51
C LYS C 455 39.75 -20.50 -12.92
N TYR C 456 40.37 -19.65 -13.72
CA TYR C 456 40.65 -19.95 -15.11
C TYR C 456 42.06 -20.52 -15.30
N PHE C 480 36.99 6.27 0.17
CA PHE C 480 37.82 5.79 1.27
C PHE C 480 36.96 5.41 2.48
N ALA C 481 35.83 6.12 2.63
CA ALA C 481 34.70 5.79 3.50
C ALA C 481 35.01 5.86 5.00
N VAL C 482 36.21 6.29 5.38
CA VAL C 482 36.50 6.52 6.79
C VAL C 482 35.73 7.73 7.30
N MET C 483 35.59 8.76 6.46
CA MET C 483 34.72 9.89 6.73
C MET C 483 33.27 9.61 6.34
N PHE C 484 32.91 8.36 6.10
CA PHE C 484 31.54 7.99 5.77
C PHE C 484 30.92 7.04 6.77
N PHE C 485 31.67 6.06 7.28
CA PHE C 485 31.09 5.12 8.22
C PHE C 485 30.88 5.73 9.61
N ILE C 486 31.81 6.57 10.06
CA ILE C 486 31.69 7.10 11.42
C ILE C 486 30.58 8.12 11.53
N VAL C 487 30.20 8.77 10.42
CA VAL C 487 28.99 9.58 10.37
C VAL C 487 27.77 8.78 9.96
N PHE C 488 27.95 7.65 9.27
CA PHE C 488 26.83 6.77 8.92
C PHE C 488 26.20 6.18 10.18
N PHE C 489 27.04 5.59 11.03
CA PHE C 489 26.55 5.10 12.32
C PHE C 489 26.20 6.24 13.27
N ALA C 490 26.72 7.45 13.04
CA ALA C 490 26.29 8.59 13.84
C ALA C 490 24.86 8.99 13.52
N TYR C 491 24.51 9.05 12.23
CA TYR C 491 23.11 9.27 11.85
C TYR C 491 22.23 8.11 12.29
N ALA C 492 22.76 6.88 12.29
CA ALA C 492 22.03 5.74 12.81
C ALA C 492 21.75 5.91 14.30
N GLN C 493 22.72 6.42 15.04
CA GLN C 493 22.59 6.64 16.47
C GLN C 493 21.62 7.77 16.77
N LEU C 494 21.66 8.83 15.96
CA LEU C 494 20.71 9.93 16.07
C LEU C 494 19.29 9.44 15.77
N GLY C 495 19.14 8.58 14.76
CA GLY C 495 17.84 8.04 14.44
C GLY C 495 17.34 7.08 15.48
N TYR C 496 18.25 6.35 16.14
CA TYR C 496 17.82 5.47 17.22
C TYR C 496 17.40 6.25 18.46
N LEU C 497 18.01 7.40 18.72
CA LEU C 497 17.65 8.12 19.94
C LEU C 497 16.46 9.06 19.73
N LEU C 498 16.38 9.74 18.57
CA LEU C 498 15.16 10.45 18.20
C LEU C 498 14.00 9.50 18.00
N PHE C 499 14.17 8.56 17.08
CA PHE C 499 13.15 7.59 16.71
C PHE C 499 13.51 6.32 17.48
N GLY C 500 13.12 6.31 18.74
CA GLY C 500 13.32 5.22 19.66
C GLY C 500 12.03 4.48 19.56
N THR C 501 11.07 4.93 20.36
CA THR C 501 9.70 4.49 20.19
C THR C 501 9.07 5.17 18.97
N GLN C 502 7.76 5.01 18.85
CA GLN C 502 6.85 5.62 17.86
C GLN C 502 7.01 5.04 16.46
N VAL C 503 8.01 4.20 16.23
CA VAL C 503 8.23 3.60 14.94
C VAL C 503 8.79 2.20 15.18
N GLU C 504 8.23 1.20 14.49
CA GLU C 504 8.70 -0.15 14.70
C GLU C 504 9.82 -0.50 13.74
N ASN C 505 10.07 0.38 12.81
CA ASN C 505 11.36 0.52 12.19
C ASN C 505 12.21 1.39 13.10
N PHE C 506 13.48 1.63 12.73
CA PHE C 506 14.44 2.47 13.47
C PHE C 506 14.64 2.04 14.93
N SER C 507 14.37 0.80 15.30
CA SER C 507 13.98 0.55 16.68
C SER C 507 15.07 -0.12 17.51
N THR C 508 15.96 -0.87 16.90
CA THR C 508 17.22 -1.25 17.52
C THR C 508 18.33 -0.58 16.76
N PHE C 509 19.57 -0.86 17.12
CA PHE C 509 20.64 -0.16 16.42
C PHE C 509 20.88 -0.74 15.03
N ILE C 510 20.77 -2.06 14.90
CA ILE C 510 20.98 -2.72 13.63
C ILE C 510 19.94 -2.24 12.62
N LYS C 511 18.68 -2.22 13.05
CA LYS C 511 17.61 -1.77 12.18
C LYS C 511 17.78 -0.32 11.78
N CYS C 512 18.54 0.48 12.54
CA CYS C 512 18.97 1.79 12.10
C CYS C 512 20.17 1.75 11.17
N ILE C 513 20.68 0.59 10.79
CA ILE C 513 21.50 0.51 9.59
C ILE C 513 20.69 0.00 8.41
N PHE C 514 19.74 -0.90 8.67
CA PHE C 514 18.96 -1.45 7.56
C PHE C 514 17.97 -0.42 7.01
N THR C 515 17.31 0.34 7.88
CA THR C 515 16.41 1.41 7.44
C THR C 515 17.18 2.54 6.78
N GLN C 516 18.26 2.95 7.41
CA GLN C 516 19.07 4.06 6.95
C GLN C 516 19.93 3.67 5.75
N PHE C 517 19.94 2.38 5.40
CA PHE C 517 20.43 1.88 4.11
C PHE C 517 19.33 1.77 3.06
N ARG C 518 18.12 1.35 3.45
CA ARG C 518 16.97 1.36 2.55
C ARG C 518 16.64 2.77 2.07
N ILE C 519 16.92 3.78 2.89
CA ILE C 519 16.73 5.18 2.48
C ILE C 519 17.67 5.54 1.33
N ILE C 520 18.83 4.90 1.23
CA ILE C 520 19.70 5.15 0.09
C ILE C 520 19.10 4.54 -1.17
N LEU C 521 18.30 3.50 -1.03
CA LEU C 521 17.66 2.88 -2.19
C LEU C 521 16.36 3.59 -2.55
N GLY C 522 15.48 3.78 -1.57
CA GLY C 522 14.27 4.51 -1.85
C GLY C 522 13.04 3.99 -1.14
N ASP C 523 13.17 2.92 -0.38
CA ASP C 523 12.07 2.47 0.47
C ASP C 523 12.19 3.20 1.80
N PHE C 524 11.24 4.10 2.07
CA PHE C 524 11.19 4.81 3.33
C PHE C 524 9.75 5.22 3.62
N ASP C 525 9.49 5.53 4.88
CA ASP C 525 8.16 5.90 5.34
C ASP C 525 8.29 7.25 6.01
N TYR C 526 8.16 8.31 5.20
CA TYR C 526 8.30 9.67 5.70
C TYR C 526 7.09 10.10 6.52
N ASN C 527 5.95 9.41 6.36
CA ASN C 527 4.75 9.69 7.14
C ASN C 527 4.80 9.04 8.53
N ALA C 528 5.95 8.51 8.95
CA ALA C 528 6.18 8.14 10.34
C ALA C 528 7.51 8.66 10.86
N ILE C 529 8.30 9.34 10.03
CA ILE C 529 9.34 10.23 10.51
C ILE C 529 8.74 11.60 10.84
N ASP C 530 7.90 12.13 9.96
CA ASP C 530 7.23 13.40 10.20
C ASP C 530 6.10 13.28 11.21
N ASN C 531 5.65 12.06 11.52
CA ASN C 531 4.61 11.86 12.52
C ASN C 531 5.20 11.46 13.87
N ALA C 532 6.47 11.75 14.10
CA ALA C 532 7.16 11.39 15.34
C ALA C 532 7.46 12.59 16.21
N ASN C 533 8.13 13.60 15.67
CA ASN C 533 8.44 14.81 16.41
C ASN C 533 8.06 16.10 15.70
N ARG C 534 8.03 16.12 14.37
CA ARG C 534 7.65 17.19 13.44
C ARG C 534 8.69 18.30 13.32
N ILE C 535 9.76 18.30 14.10
CA ILE C 535 10.76 19.37 14.05
C ILE C 535 12.14 18.83 13.65
N LEU C 536 12.60 17.76 14.28
CA LEU C 536 13.90 17.20 13.97
C LEU C 536 13.83 16.04 12.98
N GLY C 537 12.65 15.45 12.80
CA GLY C 537 12.44 14.41 11.82
C GLY C 537 12.79 14.80 10.40
N PRO C 538 12.11 15.82 9.87
CA PRO C 538 12.53 16.38 8.57
C PRO C 538 13.91 16.98 8.58
N ALA C 539 14.37 17.48 9.73
CA ALA C 539 15.71 18.06 9.81
C ALA C 539 16.78 16.99 9.70
N TYR C 540 16.55 15.84 10.33
CA TYR C 540 17.38 14.66 10.10
C TYR C 540 17.31 14.22 8.64
N PHE C 541 16.10 14.14 8.09
CA PHE C 541 15.88 13.49 6.80
C PHE C 541 16.54 14.25 5.66
N VAL C 542 16.30 15.56 5.59
CA VAL C 542 16.75 16.36 4.44
C VAL C 542 18.27 16.44 4.39
N THR C 543 18.89 16.66 5.55
CA THR C 543 20.35 16.78 5.52
C THR C 543 21.03 15.42 5.46
N TYR C 544 20.37 14.33 5.88
CA TYR C 544 20.95 13.02 5.67
C TYR C 544 20.94 12.63 4.19
N VAL C 545 19.83 12.93 3.51
CA VAL C 545 19.73 12.66 2.08
C VAL C 545 20.72 13.53 1.30
N PHE C 546 20.90 14.78 1.74
CA PHE C 546 21.90 15.64 1.08
C PHE C 546 23.32 15.16 1.37
N PHE C 547 23.55 14.60 2.56
CA PHE C 547 24.85 14.01 2.87
C PHE C 547 25.14 12.81 2.00
N VAL C 548 24.14 11.94 1.81
CA VAL C 548 24.32 10.75 0.98
C VAL C 548 24.61 11.15 -0.46
N PHE C 549 23.90 12.16 -0.96
CA PHE C 549 24.17 12.61 -2.33
C PHE C 549 25.55 13.26 -2.45
N PHE C 550 25.98 13.99 -1.41
CA PHE C 550 27.29 14.64 -1.44
C PHE C 550 28.42 13.62 -1.41
N VAL C 551 28.26 12.57 -0.61
CA VAL C 551 29.35 11.59 -0.49
C VAL C 551 29.33 10.61 -1.67
N LEU C 552 28.16 10.38 -2.29
CA LEU C 552 28.13 9.60 -3.50
C LEU C 552 28.62 10.38 -4.71
N LEU C 553 28.56 11.71 -4.67
CA LEU C 553 29.11 12.49 -5.77
C LEU C 553 30.61 12.74 -5.62
N ASN C 554 31.10 12.94 -4.39
CA ASN C 554 32.47 13.41 -4.17
C ASN C 554 33.52 12.38 -4.62
N MET C 555 33.23 11.09 -4.50
CA MET C 555 34.24 10.07 -4.77
C MET C 555 34.54 9.91 -6.25
N PHE C 556 33.60 10.25 -7.13
CA PHE C 556 33.70 9.92 -8.55
C PHE C 556 34.51 10.93 -9.35
N LEU C 557 34.55 12.20 -8.91
CA LEU C 557 35.19 13.27 -9.69
C LEU C 557 36.70 13.08 -9.79
N ALA C 558 37.33 12.59 -8.72
CA ALA C 558 38.77 12.34 -8.79
C ALA C 558 39.10 10.92 -9.24
N ILE C 559 38.12 10.02 -9.24
CA ILE C 559 38.33 8.63 -9.64
C ILE C 559 37.96 8.38 -11.09
N ILE C 560 37.39 9.39 -11.77
CA ILE C 560 37.04 9.21 -13.17
C ILE C 560 38.27 9.11 -14.08
N ASN C 561 39.42 9.64 -13.65
CA ASN C 561 40.62 9.60 -14.47
C ASN C 561 41.74 8.75 -13.85
N LEU D 101 8.98 9.44 -50.97
CA LEU D 101 9.88 8.77 -51.93
C LEU D 101 9.14 7.57 -52.52
N ARG D 102 9.73 6.93 -53.52
CA ARG D 102 9.07 5.81 -54.17
C ARG D 102 9.23 4.51 -53.41
N GLU D 103 10.09 4.51 -52.38
CA GLU D 103 10.32 3.34 -51.55
C GLU D 103 9.99 3.56 -50.08
N LEU D 104 10.00 4.82 -49.63
CA LEU D 104 9.79 5.14 -48.23
C LEU D 104 8.36 5.53 -47.94
N LEU D 105 7.75 6.33 -48.81
CA LEU D 105 6.38 6.82 -48.62
C LEU D 105 5.35 5.70 -48.84
N VAL D 106 5.71 4.66 -49.59
CA VAL D 106 4.88 3.50 -49.75
C VAL D 106 4.74 2.77 -48.41
N TYR D 107 5.84 2.74 -47.65
CA TYR D 107 5.83 2.12 -46.34
C TYR D 107 5.01 2.93 -45.36
N ILE D 108 4.97 4.26 -45.53
CA ILE D 108 4.13 5.10 -44.68
C ILE D 108 2.65 4.82 -44.98
N VAL D 109 2.32 4.69 -46.25
CA VAL D 109 0.98 4.26 -46.67
C VAL D 109 0.70 2.88 -46.12
N PHE D 110 1.68 1.98 -46.16
CA PHE D 110 1.56 0.69 -45.48
C PHE D 110 1.42 0.82 -43.98
N LEU D 111 2.12 1.77 -43.35
CA LEU D 111 1.93 2.02 -41.92
C LEU D 111 0.50 2.43 -41.59
N VAL D 112 0.02 3.50 -42.24
CA VAL D 112 -1.29 4.08 -41.97
C VAL D 112 -2.41 3.10 -42.33
N ASP D 113 -2.21 2.24 -43.32
CA ASP D 113 -3.17 1.16 -43.52
C ASP D 113 -3.10 0.11 -42.40
N ILE D 114 -1.89 -0.31 -42.02
CA ILE D 114 -1.78 -1.32 -40.96
C ILE D 114 -2.07 -0.70 -39.59
N CYS D 115 -1.89 0.61 -39.44
CA CYS D 115 -2.37 1.24 -38.21
C CYS D 115 -3.89 1.24 -38.15
N LEU D 116 -4.52 1.71 -39.23
CA LEU D 116 -5.99 1.82 -39.25
C LEU D 116 -6.64 0.44 -39.26
N LEU D 117 -5.91 -0.57 -39.72
CA LEU D 117 -6.44 -1.93 -39.66
C LEU D 117 -6.44 -2.48 -38.23
N THR D 118 -5.38 -2.24 -37.47
CA THR D 118 -5.32 -2.74 -36.08
C THR D 118 -6.30 -2.00 -35.17
N TYR D 119 -6.52 -0.73 -35.49
CA TYR D 119 -7.40 0.11 -34.71
C TYR D 119 -8.80 0.02 -35.25
N GLY D 120 -8.96 -0.81 -36.27
CA GLY D 120 -10.25 -1.03 -36.91
C GLY D 120 -11.19 -1.60 -35.88
N MET D 121 -10.64 -2.48 -35.04
CA MET D 121 -11.40 -3.10 -33.97
C MET D 121 -10.64 -2.92 -32.68
N THR D 122 -10.61 -1.67 -32.22
CA THR D 122 -9.93 -1.29 -30.99
C THR D 122 -10.92 -0.46 -30.19
N SER D 123 -11.95 -1.12 -29.69
CA SER D 123 -13.01 -0.50 -28.91
C SER D 123 -12.37 0.34 -27.82
N SER D 124 -12.68 1.63 -27.79
CA SER D 124 -12.08 2.49 -26.79
C SER D 124 -12.97 2.40 -25.59
N SER D 125 -13.99 1.56 -25.70
CA SER D 125 -14.92 1.41 -24.59
C SER D 125 -14.89 -0.01 -24.06
N ALA D 126 -13.69 -0.58 -23.93
CA ALA D 126 -13.57 -1.98 -23.54
C ALA D 126 -13.06 -2.18 -22.12
N TYR D 127 -12.17 -1.32 -21.62
CA TYR D 127 -11.58 -1.60 -20.32
C TYR D 127 -12.54 -1.30 -19.18
N TYR D 128 -13.51 -0.40 -19.39
CA TYR D 128 -14.56 -0.28 -18.38
C TYR D 128 -15.52 -1.47 -18.44
N TYR D 129 -15.65 -2.11 -19.59
CA TYR D 129 -16.46 -3.33 -19.68
C TYR D 129 -15.76 -4.46 -18.96
N THR D 130 -14.44 -4.47 -19.04
CA THR D 130 -13.64 -5.41 -18.25
C THR D 130 -13.70 -5.08 -16.75
N LYS D 131 -13.76 -3.79 -16.38
CA LYS D 131 -13.99 -3.43 -14.97
C LYS D 131 -15.30 -3.98 -14.45
N VAL D 132 -16.41 -3.71 -15.14
CA VAL D 132 -17.72 -4.15 -14.67
C VAL D 132 -17.79 -5.66 -14.67
N MET D 133 -17.21 -6.30 -15.68
CA MET D 133 -17.34 -7.73 -15.80
C MET D 133 -16.44 -8.49 -14.84
N SER D 134 -15.19 -8.03 -14.67
CA SER D 134 -14.30 -8.58 -13.66
C SER D 134 -14.84 -8.36 -12.26
N GLU D 135 -15.07 -7.11 -11.88
CA GLU D 135 -15.54 -6.81 -10.53
C GLU D 135 -17.03 -7.07 -10.32
N LEU D 136 -17.70 -7.74 -11.24
CA LEU D 136 -19.04 -8.23 -10.91
C LEU D 136 -19.01 -9.66 -10.39
N PHE D 137 -18.07 -10.49 -10.86
CA PHE D 137 -17.97 -11.87 -10.42
C PHE D 137 -16.81 -12.12 -9.47
N LEU D 138 -15.65 -11.52 -9.75
CA LEU D 138 -14.48 -11.70 -8.90
C LEU D 138 -14.70 -11.13 -7.50
N HIS D 139 -14.90 -9.82 -7.41
CA HIS D 139 -14.80 -9.12 -6.15
C HIS D 139 -16.12 -9.09 -5.38
N THR D 140 -17.12 -9.81 -5.82
CA THR D 140 -18.40 -9.79 -5.14
C THR D 140 -18.36 -10.67 -3.91
N PRO D 141 -18.74 -10.17 -2.74
CA PRO D 141 -18.80 -11.03 -1.55
C PRO D 141 -20.05 -11.89 -1.54
N SER D 142 -19.90 -13.06 -0.91
CA SER D 142 -20.99 -14.00 -0.75
C SER D 142 -21.86 -13.60 0.45
N ASP D 143 -22.74 -14.51 0.86
CA ASP D 143 -23.46 -14.32 2.11
C ASP D 143 -22.50 -14.42 3.30
N THR D 144 -21.70 -15.47 3.33
CA THR D 144 -20.67 -15.62 4.37
C THR D 144 -19.38 -14.88 4.03
N GLY D 145 -19.32 -14.19 2.91
CA GLY D 145 -18.22 -13.28 2.65
C GLY D 145 -16.99 -13.91 2.02
N VAL D 146 -17.17 -14.63 0.91
CA VAL D 146 -16.04 -15.17 0.16
C VAL D 146 -16.09 -14.63 -1.26
N SER D 147 -14.95 -14.17 -1.75
CA SER D 147 -14.80 -13.61 -3.09
C SER D 147 -13.83 -14.47 -3.89
N PHE D 148 -13.87 -14.30 -5.21
CA PHE D 148 -13.12 -15.20 -6.09
C PHE D 148 -11.62 -14.97 -6.00
N GLN D 149 -11.18 -13.75 -5.76
CA GLN D 149 -9.74 -13.55 -5.62
C GLN D 149 -9.24 -13.99 -4.26
N ALA D 150 -10.14 -14.24 -3.31
CA ALA D 150 -9.80 -14.69 -1.97
C ALA D 150 -10.54 -15.97 -1.61
N ILE D 151 -10.53 -16.95 -2.52
CA ILE D 151 -10.95 -18.31 -2.22
C ILE D 151 -9.69 -19.16 -2.02
N SER D 152 -9.68 -19.96 -0.96
CA SER D 152 -8.58 -20.90 -0.74
C SER D 152 -9.03 -22.29 -0.31
N SER D 153 -10.22 -22.44 0.26
CA SER D 153 -10.66 -23.74 0.73
C SER D 153 -11.42 -24.44 -0.39
N MET D 154 -12.09 -25.53 -0.05
CA MET D 154 -12.95 -26.23 -0.99
C MET D 154 -14.42 -26.12 -0.63
N ALA D 155 -14.75 -26.06 0.66
CA ALA D 155 -16.15 -25.94 1.07
C ALA D 155 -16.71 -24.55 0.85
N ASP D 156 -15.85 -23.57 0.55
CA ASP D 156 -16.31 -22.21 0.26
C ASP D 156 -16.33 -21.90 -1.23
N PHE D 157 -15.68 -22.74 -2.07
CA PHE D 157 -15.96 -22.73 -3.50
C PHE D 157 -17.43 -23.01 -3.77
N TRP D 158 -18.05 -23.91 -3.00
CA TRP D 158 -19.47 -24.17 -3.12
C TRP D 158 -20.34 -23.15 -2.41
N ASP D 159 -19.76 -22.12 -1.80
CA ASP D 159 -20.51 -20.93 -1.47
C ASP D 159 -20.35 -19.86 -2.53
N PHE D 160 -19.15 -19.77 -3.12
CA PHE D 160 -18.91 -18.86 -4.25
C PHE D 160 -19.76 -19.22 -5.45
N ALA D 161 -19.94 -20.51 -5.71
CA ALA D 161 -20.69 -20.94 -6.88
C ALA D 161 -22.16 -21.17 -6.56
N GLN D 162 -22.66 -20.63 -5.44
CA GLN D 162 -24.08 -20.68 -5.17
C GLN D 162 -24.64 -19.34 -4.71
N GLY D 163 -23.81 -18.48 -4.12
CA GLY D 163 -24.25 -17.14 -3.81
C GLY D 163 -23.88 -16.06 -4.82
N PRO D 164 -22.57 -15.78 -4.97
CA PRO D 164 -22.16 -14.68 -5.84
C PRO D 164 -21.92 -15.04 -7.30
N LEU D 165 -22.37 -16.22 -7.72
CA LEU D 165 -22.41 -16.53 -9.13
C LEU D 165 -23.72 -17.18 -9.56
N LEU D 166 -24.55 -17.62 -8.63
CA LEU D 166 -25.90 -18.03 -8.94
C LEU D 166 -26.92 -16.94 -8.63
N ASP D 167 -26.69 -16.17 -7.57
CA ASP D 167 -27.44 -14.94 -7.34
C ASP D 167 -26.80 -13.74 -8.00
N SER D 168 -25.91 -13.96 -8.97
CA SER D 168 -25.28 -12.89 -9.70
C SER D 168 -25.19 -13.19 -11.18
N LEU D 169 -26.13 -13.98 -11.70
CA LEU D 169 -26.17 -14.34 -13.12
C LEU D 169 -27.57 -14.28 -13.72
N TYR D 170 -28.62 -14.43 -12.91
CA TYR D 170 -29.97 -14.68 -13.38
C TYR D 170 -30.89 -13.56 -12.89
N TRP D 171 -31.13 -12.57 -13.76
CA TRP D 171 -31.91 -11.39 -13.42
C TRP D 171 -33.30 -11.48 -14.03
N THR D 172 -34.30 -11.11 -13.23
CA THR D 172 -35.68 -11.05 -13.70
C THR D 172 -36.48 -10.07 -12.83
N GLY D 181 -33.85 -3.81 -20.67
CA GLY D 181 -35.01 -4.43 -20.05
C GLY D 181 -34.72 -5.83 -19.55
N HIS D 182 -35.73 -6.70 -19.57
CA HIS D 182 -35.56 -8.09 -19.16
C HIS D 182 -36.57 -8.97 -19.87
N GLY D 183 -36.08 -10.00 -20.54
CA GLY D 183 -36.89 -11.01 -21.18
C GLY D 183 -36.66 -12.39 -20.60
N SER D 184 -36.00 -13.28 -21.36
CA SER D 184 -35.59 -14.57 -20.82
C SER D 184 -34.21 -14.98 -21.31
N HIS D 185 -33.35 -14.03 -21.69
CA HIS D 185 -32.00 -14.31 -22.15
C HIS D 185 -30.94 -13.90 -21.14
N SER D 186 -31.36 -13.48 -19.94
CA SER D 186 -30.50 -13.24 -18.77
C SER D 186 -29.46 -12.15 -19.06
N PHE D 187 -29.96 -10.94 -19.26
CA PHE D 187 -29.10 -9.77 -19.21
C PHE D 187 -28.58 -9.59 -17.78
N ILE D 188 -27.25 -9.59 -17.63
CA ILE D 188 -26.63 -9.64 -16.32
C ILE D 188 -26.51 -8.27 -15.67
N TYR D 189 -26.39 -7.22 -16.47
CA TYR D 189 -26.43 -5.87 -15.93
C TYR D 189 -27.78 -5.19 -16.14
N TYR D 190 -28.60 -5.72 -17.07
CA TYR D 190 -29.65 -5.11 -17.92
C TYR D 190 -29.09 -4.47 -19.18
N GLU D 191 -27.81 -4.67 -19.49
CA GLU D 191 -27.25 -4.06 -20.69
C GLU D 191 -26.33 -4.98 -21.49
N ASN D 192 -26.28 -6.27 -21.18
CA ASN D 192 -25.47 -7.23 -21.91
C ASN D 192 -25.98 -8.64 -21.69
N MET D 193 -26.13 -9.39 -22.78
CA MET D 193 -26.86 -10.64 -22.75
C MET D 193 -25.94 -11.82 -22.49
N LEU D 194 -26.50 -12.83 -21.82
CA LEU D 194 -25.81 -14.11 -21.60
C LEU D 194 -26.13 -15.03 -22.76
N LEU D 195 -25.13 -15.30 -23.60
CA LEU D 195 -25.30 -16.10 -24.80
C LEU D 195 -24.81 -17.52 -24.52
N GLY D 196 -25.72 -18.47 -24.61
CA GLY D 196 -25.39 -19.83 -24.24
C GLY D 196 -25.59 -20.05 -22.76
N VAL D 197 -24.88 -21.05 -22.25
CA VAL D 197 -24.87 -21.38 -20.82
C VAL D 197 -23.46 -21.76 -20.41
N PRO D 198 -23.11 -21.52 -19.14
CA PRO D 198 -21.76 -21.86 -18.67
C PRO D 198 -21.54 -23.37 -18.58
N ARG D 199 -20.26 -23.74 -18.48
CA ARG D 199 -19.97 -25.13 -18.14
C ARG D 199 -18.74 -25.23 -17.25
N LEU D 200 -18.66 -26.39 -16.57
CA LEU D 200 -17.78 -26.65 -15.44
C LEU D 200 -16.97 -27.90 -15.73
N ARG D 201 -15.86 -27.80 -16.44
CA ARG D 201 -15.08 -28.98 -16.74
C ARG D 201 -13.97 -29.15 -15.71
N GLN D 202 -13.82 -30.39 -15.22
CA GLN D 202 -12.99 -30.74 -14.09
C GLN D 202 -11.92 -31.74 -14.51
N LEU D 203 -10.66 -31.44 -14.24
CA LEU D 203 -9.66 -32.49 -14.38
C LEU D 203 -9.53 -33.25 -13.08
N LYS D 204 -9.08 -34.50 -13.17
CA LYS D 204 -8.75 -35.28 -11.99
C LYS D 204 -7.46 -36.03 -12.25
N VAL D 205 -6.92 -36.64 -11.20
CA VAL D 205 -5.77 -37.53 -11.28
C VAL D 205 -6.05 -38.76 -10.43
N ARG D 206 -5.34 -39.84 -10.72
CA ARG D 206 -5.74 -41.16 -10.22
C ARG D 206 -4.96 -41.55 -8.97
N ASN D 207 -5.51 -42.55 -8.25
CA ASN D 207 -4.97 -43.01 -6.95
C ASN D 207 -3.57 -43.63 -6.93
N ASP D 208 -3.29 -44.57 -7.82
CA ASP D 208 -1.93 -45.09 -7.93
C ASP D 208 -1.08 -44.29 -8.92
N SER D 209 -0.99 -42.98 -8.71
CA SER D 209 -0.22 -42.15 -9.63
C SER D 209 1.27 -42.23 -9.32
N CYS D 210 1.62 -42.16 -8.03
CA CYS D 210 2.96 -42.48 -7.56
C CYS D 210 2.82 -43.19 -6.22
N VAL D 211 3.89 -43.87 -5.81
CA VAL D 211 3.84 -44.72 -4.64
C VAL D 211 4.50 -44.00 -3.46
N VAL D 212 3.89 -44.14 -2.28
CA VAL D 212 4.44 -43.53 -1.07
C VAL D 212 5.72 -44.24 -0.68
N HIS D 213 6.59 -43.55 0.04
CA HIS D 213 7.79 -44.21 0.54
C HIS D 213 7.45 -45.07 1.75
N GLU D 214 8.22 -46.16 1.91
CA GLU D 214 7.85 -47.29 2.76
C GLU D 214 7.83 -46.98 4.24
N ASP D 215 8.38 -45.84 4.67
CA ASP D 215 8.27 -45.45 6.07
C ASP D 215 6.83 -45.12 6.44
N PHE D 216 6.05 -44.60 5.50
CA PHE D 216 4.65 -44.27 5.70
C PHE D 216 3.78 -45.23 4.89
N ARG D 217 3.15 -46.17 5.57
CA ARG D 217 2.13 -47.03 5.01
C ARG D 217 0.97 -47.09 6.00
N GLU D 218 0.01 -47.99 5.72
CA GLU D 218 -1.04 -48.47 6.61
C GLU D 218 -2.10 -47.41 6.97
N ASP D 219 -1.84 -46.14 6.65
CA ASP D 219 -2.75 -45.03 6.93
C ASP D 219 -2.88 -44.06 5.78
N ILE D 220 -1.93 -44.05 4.86
CA ILE D 220 -1.71 -42.96 3.90
C ILE D 220 -1.77 -43.57 2.50
N LEU D 221 -2.63 -44.59 2.36
CA LEU D 221 -2.58 -45.55 1.27
C LEU D 221 -2.89 -44.94 -0.11
N SER D 222 -3.70 -43.89 -0.18
CA SER D 222 -4.06 -43.27 -1.44
C SER D 222 -3.15 -42.06 -1.69
N CYS D 223 -2.54 -42.01 -2.86
CA CYS D 223 -1.43 -41.08 -3.12
C CYS D 223 -1.61 -40.37 -4.46
N TYR D 224 -2.30 -39.22 -4.43
CA TYR D 224 -2.54 -38.40 -5.62
C TYR D 224 -1.26 -37.64 -5.98
N ASP D 225 -1.28 -36.79 -7.00
CA ASP D 225 -0.01 -36.31 -7.52
C ASP D 225 -0.21 -34.95 -8.19
N VAL D 226 0.92 -34.29 -8.49
CA VAL D 226 0.90 -33.06 -9.25
C VAL D 226 0.42 -33.36 -10.67
N TYR D 227 -0.13 -32.35 -11.34
CA TYR D 227 -0.75 -32.58 -12.63
C TYR D 227 0.30 -32.68 -13.72
N SER D 228 0.08 -33.61 -14.63
CA SER D 228 0.90 -33.84 -15.81
C SER D 228 -0.07 -34.15 -16.95
N PRO D 229 0.39 -34.11 -18.21
CA PRO D 229 -0.47 -34.64 -19.29
C PRO D 229 -0.79 -36.12 -19.18
N ASP D 230 -0.01 -36.89 -18.42
CA ASP D 230 -0.36 -38.25 -18.07
C ASP D 230 -1.18 -38.23 -16.78
N LYS D 231 -1.41 -39.42 -16.21
CA LYS D 231 -1.85 -39.62 -14.83
C LYS D 231 -3.27 -39.10 -14.56
N GLU D 232 -4.10 -38.86 -15.57
CA GLU D 232 -5.46 -38.41 -15.31
C GLU D 232 -6.36 -39.59 -14.93
N GLU D 233 -7.66 -39.35 -14.88
CA GLU D 233 -8.65 -40.39 -14.70
C GLU D 233 -9.58 -40.40 -15.92
N GLN D 234 -9.37 -41.35 -16.82
CA GLN D 234 -10.35 -41.57 -17.88
C GLN D 234 -11.41 -42.57 -17.44
N LEU D 235 -12.02 -42.37 -16.27
CA LEU D 235 -12.93 -43.34 -15.72
C LEU D 235 -14.13 -42.64 -15.09
N PRO D 236 -15.33 -43.16 -15.27
CA PRO D 236 -16.48 -42.65 -14.53
C PRO D 236 -16.45 -43.11 -13.08
N PHE D 237 -17.01 -42.26 -12.21
CA PHE D 237 -17.02 -42.55 -10.78
C PHE D 237 -18.35 -42.34 -10.08
N GLY D 238 -19.26 -41.54 -10.63
CA GLY D 238 -20.49 -41.21 -9.94
C GLY D 238 -21.54 -42.31 -10.02
N PRO D 239 -22.76 -41.99 -9.59
CA PRO D 239 -23.83 -43.01 -9.60
C PRO D 239 -24.28 -43.46 -10.98
N PHE D 240 -24.69 -42.54 -11.83
CA PHE D 240 -25.26 -42.89 -13.13
C PHE D 240 -24.83 -41.84 -14.14
N ASN D 241 -24.92 -42.19 -15.42
CA ASN D 241 -24.59 -41.32 -16.55
C ASN D 241 -25.37 -40.02 -16.51
N GLY D 242 -24.66 -38.91 -16.29
CA GLY D 242 -25.27 -37.59 -16.37
C GLY D 242 -24.32 -36.57 -16.96
N THR D 243 -23.25 -37.06 -17.59
CA THR D 243 -22.26 -36.22 -18.25
C THR D 243 -21.25 -35.51 -17.33
N ALA D 244 -21.67 -35.26 -16.09
CA ALA D 244 -20.86 -34.58 -15.10
C ALA D 244 -19.98 -35.54 -14.33
N TRP D 245 -20.22 -36.84 -14.46
CA TRP D 245 -19.45 -37.86 -13.76
C TRP D 245 -18.71 -38.79 -14.70
N THR D 246 -18.76 -38.55 -16.01
CA THR D 246 -18.14 -39.41 -17.00
C THR D 246 -17.10 -38.61 -17.76
N TYR D 247 -15.92 -39.19 -17.94
CA TYR D 247 -14.85 -38.51 -18.66
C TYR D 247 -15.22 -38.35 -20.13
N HIS D 248 -14.75 -37.25 -20.71
CA HIS D 248 -14.88 -36.97 -22.13
C HIS D 248 -13.52 -36.57 -22.65
N SER D 249 -13.21 -36.93 -23.88
CA SER D 249 -11.84 -36.87 -24.37
C SER D 249 -11.42 -35.44 -24.67
N GLN D 250 -10.20 -35.29 -25.16
CA GLN D 250 -9.70 -33.97 -25.53
C GLN D 250 -10.33 -33.49 -26.84
N ASP D 251 -10.79 -34.41 -27.68
CA ASP D 251 -11.38 -34.05 -28.96
C ASP D 251 -12.85 -34.35 -29.06
N GLU D 252 -13.50 -34.73 -27.97
CA GLU D 252 -14.95 -34.66 -27.92
C GLU D 252 -15.44 -33.26 -27.60
N LEU D 253 -14.58 -32.43 -27.03
CA LEU D 253 -14.97 -31.10 -26.60
C LEU D 253 -14.22 -30.03 -27.36
N GLY D 254 -12.96 -30.30 -27.70
CA GLY D 254 -12.21 -29.40 -28.54
C GLY D 254 -11.53 -28.27 -27.82
N GLY D 255 -11.64 -28.20 -26.50
CA GLY D 255 -11.02 -27.12 -25.76
C GLY D 255 -9.52 -27.24 -25.77
N PHE D 256 -8.83 -26.13 -26.05
CA PHE D 256 -7.38 -26.08 -26.12
C PHE D 256 -6.79 -26.29 -24.72
N SER D 257 -5.47 -26.52 -24.67
CA SER D 257 -4.74 -26.64 -23.41
C SER D 257 -4.74 -25.29 -22.70
N HIS D 258 -5.51 -25.20 -21.62
CA HIS D 258 -5.46 -24.04 -20.74
C HIS D 258 -4.09 -23.95 -20.06
N TRP D 259 -3.63 -22.72 -19.87
CA TRP D 259 -2.41 -22.50 -19.09
C TRP D 259 -2.79 -21.79 -17.81
N GLY D 260 -2.73 -22.54 -16.70
CA GLY D 260 -3.01 -22.01 -15.39
C GLY D 260 -1.77 -21.40 -14.78
N ARG D 261 -1.76 -21.34 -13.44
CA ARG D 261 -0.65 -20.70 -12.76
C ARG D 261 0.53 -21.66 -12.61
N LEU D 262 0.28 -22.93 -12.27
CA LEU D 262 1.38 -23.85 -11.99
C LEU D 262 1.98 -24.41 -13.28
N THR D 263 1.19 -25.21 -13.99
CA THR D 263 1.58 -25.87 -15.23
C THR D 263 0.40 -25.86 -16.18
N SER D 264 0.61 -26.32 -17.41
CA SER D 264 -0.43 -26.36 -18.43
C SER D 264 -1.47 -27.43 -18.10
N TYR D 265 -2.52 -27.50 -18.92
CA TYR D 265 -3.60 -28.46 -18.71
C TYR D 265 -4.00 -29.02 -20.06
N SER D 266 -5.16 -29.67 -20.14
CA SER D 266 -5.62 -30.26 -21.38
C SER D 266 -7.13 -30.11 -21.48
N GLY D 267 -7.72 -30.75 -22.48
CA GLY D 267 -9.15 -30.71 -22.70
C GLY D 267 -9.92 -31.76 -21.93
N GLY D 268 -10.03 -31.58 -20.62
CA GLY D 268 -10.49 -32.63 -19.75
C GLY D 268 -12.00 -32.79 -19.75
N GLY D 269 -12.46 -33.69 -18.88
CA GLY D 269 -13.81 -34.19 -18.94
C GLY D 269 -14.68 -33.66 -17.83
N TYR D 270 -15.69 -34.47 -17.47
CA TYR D 270 -16.52 -34.34 -16.27
C TYR D 270 -17.42 -33.11 -16.29
N TYR D 271 -17.56 -32.46 -17.44
CA TYR D 271 -18.17 -31.14 -17.53
C TYR D 271 -19.67 -31.20 -17.27
N LEU D 272 -20.24 -30.05 -16.92
CA LEU D 272 -21.68 -29.94 -16.70
C LEU D 272 -22.13 -28.64 -17.36
N ASP D 273 -22.84 -28.76 -18.47
CA ASP D 273 -23.51 -27.61 -19.07
C ASP D 273 -24.65 -27.19 -18.16
N LEU D 274 -24.63 -25.94 -17.73
CA LEU D 274 -25.62 -25.48 -16.77
C LEU D 274 -26.97 -25.25 -17.44
N PRO D 275 -28.06 -25.34 -16.69
CA PRO D 275 -29.36 -24.89 -17.19
C PRO D 275 -29.44 -23.36 -17.20
N GLY D 276 -30.61 -22.85 -17.56
CA GLY D 276 -30.76 -21.42 -17.75
C GLY D 276 -31.80 -20.76 -16.88
N SER D 277 -31.87 -21.14 -15.61
CA SER D 277 -32.84 -20.56 -14.70
C SER D 277 -32.29 -20.56 -13.28
N ARG D 278 -32.85 -19.69 -12.45
CA ARG D 278 -32.36 -19.52 -11.09
C ARG D 278 -32.61 -20.76 -10.23
N GLN D 279 -33.84 -21.28 -10.26
CA GLN D 279 -34.14 -22.49 -9.52
C GLN D 279 -33.44 -23.71 -10.13
N GLY D 280 -33.24 -23.70 -11.45
CA GLY D 280 -32.67 -24.86 -12.12
C GLY D 280 -31.21 -25.07 -11.79
N SER D 281 -30.41 -24.00 -11.78
CA SER D 281 -28.99 -24.15 -11.48
C SER D 281 -28.76 -24.46 -10.01
N ALA D 282 -29.63 -23.97 -9.13
CA ALA D 282 -29.51 -24.30 -7.72
C ALA D 282 -29.89 -25.75 -7.45
N GLU D 283 -30.96 -26.24 -8.11
CA GLU D 283 -31.30 -27.64 -7.97
C GLU D 283 -30.31 -28.56 -8.67
N ALA D 284 -29.54 -28.03 -9.63
CA ALA D 284 -28.43 -28.79 -10.19
C ALA D 284 -27.28 -28.88 -9.19
N LEU D 285 -26.77 -27.74 -8.72
CA LEU D 285 -25.55 -27.74 -7.92
C LEU D 285 -25.76 -28.26 -6.50
N ARG D 286 -26.94 -28.06 -5.91
CA ARG D 286 -27.19 -28.60 -4.58
C ARG D 286 -27.29 -30.12 -4.63
N ALA D 287 -27.88 -30.67 -5.68
CA ALA D 287 -27.84 -32.11 -5.88
C ALA D 287 -26.46 -32.58 -6.29
N LEU D 288 -25.62 -31.68 -6.81
CA LEU D 288 -24.26 -32.04 -7.16
C LEU D 288 -23.34 -32.03 -5.95
N GLN D 289 -23.74 -31.39 -4.85
CA GLN D 289 -22.92 -31.41 -3.63
C GLN D 289 -22.85 -32.80 -3.01
N GLU D 290 -24.01 -33.42 -2.74
CA GLU D 290 -24.01 -34.70 -2.01
C GLU D 290 -23.43 -35.83 -2.85
N GLY D 291 -23.39 -35.68 -4.17
CA GLY D 291 -22.64 -36.60 -4.99
C GLY D 291 -21.14 -36.47 -4.87
N LEU D 292 -20.66 -35.35 -4.30
CA LEU D 292 -19.25 -35.03 -4.13
C LEU D 292 -18.51 -35.05 -5.45
N TRP D 293 -18.97 -34.19 -6.36
CA TRP D 293 -18.33 -34.06 -7.66
C TRP D 293 -16.94 -33.46 -7.56
N LEU D 294 -16.71 -32.65 -6.53
CA LEU D 294 -15.41 -32.10 -6.24
C LEU D 294 -14.73 -32.91 -5.15
N ASP D 295 -14.15 -34.03 -5.56
CA ASP D 295 -13.53 -34.93 -4.60
C ASP D 295 -12.01 -34.79 -4.54
N ARG D 296 -11.45 -35.58 -3.65
CA ARG D 296 -10.17 -35.33 -2.99
C ARG D 296 -9.08 -35.80 -3.93
N GLY D 297 -8.56 -34.89 -4.74
CA GLY D 297 -7.67 -35.28 -5.82
C GLY D 297 -7.99 -34.56 -7.11
N THR D 298 -8.84 -33.54 -7.02
CA THR D 298 -9.08 -32.65 -8.15
C THR D 298 -7.82 -31.83 -8.41
N ARG D 299 -7.64 -31.39 -9.65
CA ARG D 299 -6.52 -30.51 -9.94
C ARG D 299 -6.95 -29.16 -10.51
N VAL D 300 -7.91 -29.10 -11.42
CA VAL D 300 -8.56 -27.86 -11.82
C VAL D 300 -10.07 -28.07 -11.90
N VAL D 301 -10.82 -27.08 -11.44
CA VAL D 301 -12.22 -26.93 -11.78
C VAL D 301 -12.34 -25.64 -12.56
N PHE D 302 -12.85 -25.73 -13.79
CA PHE D 302 -13.11 -24.54 -14.56
C PHE D 302 -14.56 -24.12 -14.40
N ILE D 303 -14.83 -22.86 -14.74
CA ILE D 303 -16.17 -22.45 -15.10
C ILE D 303 -16.06 -21.38 -16.17
N ASP D 304 -16.72 -21.61 -17.30
CA ASP D 304 -16.57 -20.77 -18.48
C ASP D 304 -17.95 -20.32 -18.93
N PHE D 305 -18.09 -19.01 -19.16
CA PHE D 305 -19.17 -18.50 -20.01
C PHE D 305 -18.73 -17.18 -20.60
N SER D 306 -19.66 -16.49 -21.26
CA SER D 306 -19.31 -15.28 -22.00
C SER D 306 -20.57 -14.45 -22.17
N VAL D 307 -20.38 -13.13 -22.30
CA VAL D 307 -21.48 -12.21 -22.49
C VAL D 307 -21.12 -11.17 -23.56
N TYR D 308 -22.15 -10.71 -24.26
CA TYR D 308 -22.09 -9.82 -25.40
C TYR D 308 -23.12 -8.71 -25.25
N ASN D 309 -22.72 -7.48 -25.51
CA ASN D 309 -23.63 -6.34 -25.52
C ASN D 309 -23.79 -5.78 -26.92
N ALA D 310 -24.97 -5.19 -27.19
CA ALA D 310 -25.26 -4.58 -28.47
C ALA D 310 -24.58 -3.24 -28.64
N ASN D 311 -24.34 -2.54 -27.55
CA ASN D 311 -24.16 -1.09 -27.56
C ASN D 311 -22.85 -0.65 -28.17
N ILE D 312 -21.82 -1.48 -28.09
CA ILE D 312 -20.52 -1.18 -28.68
C ILE D 312 -19.95 -2.35 -29.47
N ASN D 313 -20.69 -3.46 -29.58
CA ASN D 313 -20.34 -4.66 -30.35
C ASN D 313 -19.01 -5.27 -29.87
N LEU D 314 -19.04 -5.77 -28.63
CA LEU D 314 -17.91 -6.47 -28.04
C LEU D 314 -18.35 -7.76 -27.40
N PHE D 315 -17.64 -8.85 -27.72
CA PHE D 315 -17.75 -10.10 -27.00
C PHE D 315 -16.72 -10.11 -25.88
N CYS D 316 -17.18 -10.30 -24.65
CA CYS D 316 -16.24 -10.59 -23.58
C CYS D 316 -16.45 -12.01 -23.10
N VAL D 317 -15.34 -12.71 -22.90
CA VAL D 317 -15.34 -14.10 -22.47
C VAL D 317 -14.77 -14.16 -21.07
N LEU D 318 -15.26 -15.11 -20.28
CA LEU D 318 -14.84 -15.20 -18.91
C LEU D 318 -14.55 -16.66 -18.57
N ARG D 319 -13.29 -16.90 -18.24
CA ARG D 319 -12.77 -18.19 -17.79
C ARG D 319 -12.34 -18.02 -16.34
N LEU D 320 -12.91 -18.83 -15.45
CA LEU D 320 -12.63 -18.73 -14.03
C LEU D 320 -12.09 -20.08 -13.55
N VAL D 321 -10.86 -20.06 -13.05
CA VAL D 321 -10.09 -21.25 -12.72
C VAL D 321 -10.01 -21.36 -11.20
N VAL D 322 -10.38 -22.52 -10.65
CA VAL D 322 -10.18 -22.82 -9.23
C VAL D 322 -9.36 -24.10 -9.20
N GLU D 323 -8.05 -23.96 -9.03
CA GLU D 323 -7.16 -25.09 -9.11
C GLU D 323 -6.76 -25.55 -7.72
N PHE D 324 -6.86 -26.86 -7.50
CA PHE D 324 -6.54 -27.46 -6.22
C PHE D 324 -5.21 -28.18 -6.40
N PRO D 325 -4.10 -27.65 -5.90
CA PRO D 325 -2.80 -28.28 -6.17
C PRO D 325 -2.63 -29.56 -5.36
N ALA D 326 -1.50 -30.23 -5.60
CA ALA D 326 -1.18 -31.46 -4.90
C ALA D 326 -1.02 -31.25 -3.41
N THR D 327 -0.53 -30.07 -3.02
CA THR D 327 -0.32 -29.74 -1.61
C THR D 327 -1.63 -29.59 -0.85
N GLY D 328 -2.68 -29.16 -1.52
CA GLY D 328 -3.92 -28.78 -0.89
C GLY D 328 -4.30 -27.35 -1.23
N GLY D 329 -5.39 -26.92 -0.63
CA GLY D 329 -5.85 -25.55 -0.77
C GLY D 329 -6.52 -25.29 -2.08
N ALA D 330 -6.49 -24.01 -2.47
CA ALA D 330 -6.95 -23.53 -3.76
C ALA D 330 -6.28 -22.20 -4.02
N ILE D 331 -5.69 -22.05 -5.20
CA ILE D 331 -5.00 -20.81 -5.55
C ILE D 331 -5.58 -20.23 -6.85
N PRO D 332 -6.61 -19.39 -6.76
CA PRO D 332 -7.45 -19.12 -7.92
C PRO D 332 -6.77 -18.19 -8.92
N SER D 333 -7.26 -18.28 -10.15
CA SER D 333 -6.88 -17.36 -11.20
C SER D 333 -8.09 -17.17 -12.11
N TRP D 334 -8.09 -16.06 -12.83
CA TRP D 334 -9.16 -15.69 -13.75
C TRP D 334 -8.53 -15.39 -15.09
N GLN D 335 -9.39 -15.31 -16.11
CA GLN D 335 -8.93 -14.89 -17.43
C GLN D 335 -10.11 -14.24 -18.13
N ILE D 336 -10.15 -12.91 -18.15
CA ILE D 336 -11.22 -12.15 -18.80
C ILE D 336 -10.63 -11.51 -20.04
N ARG D 337 -11.18 -11.84 -21.21
CA ARG D 337 -10.73 -11.31 -22.48
C ARG D 337 -11.93 -10.69 -23.19
N THR D 338 -11.75 -9.51 -23.77
CA THR D 338 -12.86 -8.71 -24.29
C THR D 338 -12.46 -8.16 -25.66
N VAL D 339 -13.01 -8.72 -26.73
CA VAL D 339 -12.66 -8.26 -28.07
C VAL D 339 -13.87 -8.11 -28.98
N LYS D 340 -13.65 -7.65 -30.21
CA LYS D 340 -14.75 -7.32 -31.14
C LYS D 340 -15.70 -8.41 -31.63
N LEU D 341 -15.15 -9.55 -32.04
CA LEU D 341 -15.96 -10.65 -32.53
C LEU D 341 -16.46 -10.39 -33.96
N ILE D 342 -16.94 -9.18 -34.19
CA ILE D 342 -17.44 -8.79 -35.50
C ILE D 342 -16.62 -7.64 -36.09
N ARG D 343 -16.20 -7.82 -37.34
CA ARG D 343 -15.42 -6.80 -38.03
C ARG D 343 -14.27 -6.30 -37.15
N PHE D 351 -20.33 -0.71 -43.55
CA PHE D 351 -18.92 -0.63 -43.92
C PHE D 351 -18.01 -0.93 -42.73
N ILE D 352 -17.59 -2.19 -42.61
CA ILE D 352 -16.67 -2.60 -41.57
C ILE D 352 -15.56 -3.45 -42.19
N VAL D 353 -15.70 -3.79 -43.47
CA VAL D 353 -14.83 -4.77 -44.11
C VAL D 353 -13.99 -4.21 -45.24
N GLY D 354 -14.33 -3.08 -45.84
CA GLY D 354 -13.63 -2.63 -47.04
C GLY D 354 -12.25 -2.05 -46.83
N CYS D 355 -11.88 -1.75 -45.59
CA CYS D 355 -10.53 -1.27 -45.30
C CYS D 355 -9.49 -2.37 -45.36
N GLU D 356 -9.91 -3.63 -45.39
CA GLU D 356 -9.00 -4.77 -45.33
C GLU D 356 -8.51 -5.22 -46.70
N VAL D 357 -9.26 -4.92 -47.77
CA VAL D 357 -8.86 -5.38 -49.09
C VAL D 357 -7.68 -4.59 -49.64
N ILE D 358 -7.43 -3.39 -49.13
CA ILE D 358 -6.18 -2.72 -49.48
C ILE D 358 -5.03 -3.29 -48.64
N PHE D 359 -5.31 -3.74 -47.41
CA PHE D 359 -4.28 -4.34 -46.58
C PHE D 359 -3.84 -5.70 -47.13
N CYS D 360 -4.76 -6.44 -47.75
CA CYS D 360 -4.41 -7.72 -48.35
C CYS D 360 -3.47 -7.57 -49.54
N VAL D 361 -3.42 -6.38 -50.16
CA VAL D 361 -2.52 -6.15 -51.29
C VAL D 361 -1.07 -6.14 -50.82
N PHE D 362 -0.80 -5.58 -49.64
CA PHE D 362 0.57 -5.28 -49.24
C PHE D 362 1.39 -6.52 -48.93
N ILE D 363 0.75 -7.64 -48.57
CA ILE D 363 1.47 -8.90 -48.37
C ILE D 363 2.15 -9.32 -49.67
N PHE D 364 1.36 -9.41 -50.74
CA PHE D 364 1.92 -9.73 -52.05
C PHE D 364 2.80 -8.62 -52.59
N TYR D 365 2.56 -7.37 -52.16
CA TYR D 365 3.39 -6.26 -52.59
C TYR D 365 4.80 -6.37 -52.03
N TYR D 366 4.94 -6.83 -50.77
CA TYR D 366 6.24 -6.86 -50.13
C TYR D 366 6.95 -8.19 -50.20
N VAL D 367 6.24 -9.32 -50.37
CA VAL D 367 6.96 -10.59 -50.51
C VAL D 367 7.74 -10.63 -51.81
N VAL D 368 7.22 -9.98 -52.87
CA VAL D 368 7.92 -9.95 -54.15
C VAL D 368 9.16 -9.09 -54.06
N GLU D 369 9.05 -7.92 -53.42
CA GLU D 369 10.22 -7.06 -53.24
C GLU D 369 11.24 -7.65 -52.29
N GLU D 370 10.82 -8.55 -51.39
CA GLU D 370 11.79 -9.29 -50.59
C GLU D 370 12.49 -10.37 -51.41
N ILE D 371 11.72 -11.16 -52.18
CA ILE D 371 12.34 -12.32 -52.83
C ILE D 371 13.11 -11.92 -54.07
N LEU D 372 12.79 -10.80 -54.71
CA LEU D 372 13.60 -10.33 -55.84
C LEU D 372 14.98 -9.90 -55.38
N GLU D 373 15.09 -9.39 -54.15
CA GLU D 373 16.39 -9.23 -53.53
C GLU D 373 16.98 -10.58 -53.14
N LEU D 374 16.13 -11.52 -52.73
CA LEU D 374 16.60 -12.83 -52.30
C LEU D 374 16.87 -13.78 -53.47
N HIS D 375 16.29 -13.53 -54.66
CA HIS D 375 16.51 -14.45 -55.77
C HIS D 375 17.90 -14.29 -56.38
N ILE D 376 18.38 -13.06 -56.51
CA ILE D 376 19.65 -12.77 -57.16
C ILE D 376 20.57 -12.31 -56.04
N HIS D 377 20.37 -12.88 -54.86
CA HIS D 377 21.11 -12.49 -53.66
C HIS D 377 22.57 -12.91 -53.75
N ARG D 378 23.43 -12.13 -53.09
CA ARG D 378 24.83 -12.49 -52.96
C ARG D 378 24.99 -13.58 -51.90
N LEU D 379 26.23 -14.06 -51.73
CA LEU D 379 26.53 -15.12 -50.78
C LEU D 379 26.67 -14.63 -49.34
N ARG D 380 26.22 -13.41 -49.05
CA ARG D 380 26.33 -12.81 -47.71
C ARG D 380 25.02 -12.06 -47.46
N TYR D 381 24.10 -12.69 -46.76
CA TYR D 381 22.82 -12.08 -46.44
C TYR D 381 22.83 -11.51 -45.01
N SER D 384 22.21 -8.91 -42.90
CA SER D 384 22.02 -8.08 -41.72
C SER D 384 20.67 -8.38 -41.08
N ILE D 385 20.42 -7.76 -39.92
CA ILE D 385 19.20 -8.02 -39.17
C ILE D 385 18.00 -7.26 -39.72
N TRP D 386 18.18 -6.40 -40.72
CA TRP D 386 17.04 -5.80 -41.38
C TRP D 386 16.29 -6.80 -42.25
N ASN D 387 16.95 -7.88 -42.69
CA ASN D 387 16.28 -8.93 -43.45
C ASN D 387 15.29 -9.69 -42.58
N ILE D 388 15.71 -10.09 -41.37
CA ILE D 388 14.78 -10.74 -40.45
C ILE D 388 13.80 -9.73 -39.86
N LEU D 389 14.14 -8.44 -39.88
CA LEU D 389 13.18 -7.40 -39.54
C LEU D 389 12.05 -7.33 -40.56
N ASP D 390 12.39 -7.47 -41.85
CA ASP D 390 11.36 -7.62 -42.87
C ASP D 390 10.57 -8.91 -42.66
N LEU D 391 11.27 -10.01 -42.34
CA LEU D 391 10.63 -11.32 -42.30
C LEU D 391 9.66 -11.44 -41.13
N VAL D 392 9.98 -10.86 -39.98
CA VAL D 392 9.13 -11.03 -38.81
C VAL D 392 7.83 -10.23 -38.95
N VAL D 393 7.85 -9.14 -39.74
CA VAL D 393 6.63 -8.39 -39.96
C VAL D 393 5.88 -8.89 -41.19
N ILE D 394 6.55 -9.59 -42.11
CA ILE D 394 5.85 -10.20 -43.23
C ILE D 394 5.12 -11.47 -42.81
N LEU D 395 5.81 -12.36 -42.07
CA LEU D 395 5.25 -13.65 -41.73
C LEU D 395 4.05 -13.55 -40.78
N LEU D 396 4.03 -12.54 -39.92
CA LEU D 396 2.86 -12.34 -39.06
C LEU D 396 1.64 -11.87 -39.83
N SER D 397 1.83 -11.24 -40.99
CA SER D 397 0.70 -10.69 -41.74
C SER D 397 -0.18 -11.78 -42.33
N ILE D 398 0.42 -12.87 -42.83
CA ILE D 398 -0.36 -13.98 -43.37
C ILE D 398 -1.11 -14.70 -42.25
N VAL D 399 -0.46 -14.84 -41.09
CA VAL D 399 -1.10 -15.43 -39.92
C VAL D 399 -2.27 -14.56 -39.46
N ALA D 400 -2.12 -13.25 -39.58
CA ALA D 400 -3.21 -12.33 -39.24
C ALA D 400 -4.38 -12.47 -40.21
N VAL D 401 -4.11 -12.40 -41.53
CA VAL D 401 -5.18 -12.43 -42.51
C VAL D 401 -5.83 -13.81 -42.63
N GLY D 402 -5.18 -14.86 -42.15
CA GLY D 402 -5.84 -16.15 -42.10
C GLY D 402 -6.94 -16.24 -41.06
N PHE D 403 -6.81 -15.47 -39.97
CA PHE D 403 -7.75 -15.57 -38.86
C PHE D 403 -9.13 -15.02 -39.19
N HIS D 404 -9.25 -14.14 -40.18
CA HIS D 404 -10.54 -13.52 -40.48
C HIS D 404 -11.52 -14.53 -41.05
N ILE D 405 -11.03 -15.42 -41.92
CA ILE D 405 -11.88 -16.46 -42.49
C ILE D 405 -12.34 -17.42 -41.41
N PHE D 406 -11.45 -17.73 -40.46
CA PHE D 406 -11.80 -18.62 -39.36
C PHE D 406 -12.82 -17.97 -38.44
N ARG D 407 -12.71 -16.65 -38.23
CA ARG D 407 -13.74 -15.96 -37.46
C ARG D 407 -15.08 -15.97 -38.17
N THR D 408 -15.08 -15.67 -39.48
CA THR D 408 -16.34 -15.59 -40.21
C THR D 408 -16.99 -16.96 -40.37
N LEU D 409 -16.23 -18.04 -40.30
CA LEU D 409 -16.85 -19.36 -40.20
C LEU D 409 -17.34 -19.64 -38.78
N GLU D 410 -16.49 -19.41 -37.77
CA GLU D 410 -16.81 -19.91 -36.44
C GLU D 410 -17.85 -19.09 -35.72
N VAL D 411 -17.82 -17.77 -35.84
CA VAL D 411 -18.83 -16.91 -35.20
C VAL D 411 -20.21 -17.21 -35.77
N ASN D 412 -20.28 -17.42 -37.09
CA ASN D 412 -21.54 -17.78 -37.73
C ASN D 412 -22.00 -19.17 -37.32
N ARG D 413 -21.08 -20.13 -37.24
CA ARG D 413 -21.43 -21.47 -36.76
C ARG D 413 -21.92 -21.45 -35.32
N LEU D 414 -21.32 -20.61 -34.48
CA LEU D 414 -21.68 -20.59 -33.06
C LEU D 414 -23.03 -19.95 -32.85
N MET D 415 -23.36 -18.88 -33.58
CA MET D 415 -24.73 -18.40 -33.43
C MET D 415 -25.73 -19.25 -34.18
N GLY D 416 -25.32 -20.00 -35.20
CA GLY D 416 -26.20 -20.98 -35.79
C GLY D 416 -26.50 -22.13 -34.86
N LYS D 417 -25.55 -22.47 -34.00
CA LYS D 417 -25.71 -23.53 -33.01
C LYS D 417 -26.68 -23.11 -31.90
N LEU D 418 -26.96 -21.82 -31.77
CA LEU D 418 -27.62 -21.29 -30.59
C LEU D 418 -29.06 -20.84 -30.82
N LEU D 419 -29.43 -20.37 -32.01
CA LEU D 419 -30.79 -19.86 -32.17
C LEU D 419 -31.82 -20.99 -32.23
N GLN D 420 -31.42 -22.15 -32.73
CA GLN D 420 -32.09 -23.39 -32.37
C GLN D 420 -31.25 -24.07 -31.30
N GLN D 421 -31.90 -24.86 -30.43
CA GLN D 421 -31.35 -25.45 -29.21
C GLN D 421 -30.64 -24.40 -28.36
N PRO D 422 -31.38 -23.49 -27.71
CA PRO D 422 -30.74 -22.35 -27.04
C PRO D 422 -30.05 -22.70 -25.73
N ASN D 423 -30.23 -23.91 -25.20
CA ASN D 423 -29.63 -24.29 -23.94
C ASN D 423 -28.34 -25.09 -24.17
N THR D 424 -27.34 -24.45 -24.76
CA THR D 424 -26.09 -25.15 -25.03
C THR D 424 -24.91 -24.20 -24.94
N TYR D 425 -23.76 -24.76 -24.58
CA TYR D 425 -22.52 -24.00 -24.47
C TYR D 425 -21.94 -23.77 -25.85
N ALA D 426 -22.03 -22.54 -26.35
CA ALA D 426 -21.32 -22.18 -27.56
C ALA D 426 -19.88 -21.84 -27.19
N ASP D 427 -18.93 -22.62 -27.68
CA ASP D 427 -17.54 -22.46 -27.28
C ASP D 427 -16.90 -21.23 -27.91
N PHE D 428 -16.86 -20.13 -27.17
CA PHE D 428 -16.18 -18.93 -27.64
C PHE D 428 -14.75 -18.83 -27.16
N GLU D 429 -14.32 -19.70 -26.25
CA GLU D 429 -13.01 -19.55 -25.63
C GLU D 429 -11.87 -19.83 -26.60
N PHE D 430 -12.10 -20.70 -27.58
CA PHE D 430 -11.05 -21.05 -28.53
C PHE D 430 -10.69 -19.86 -29.42
N LEU D 431 -11.65 -19.37 -30.19
CA LEU D 431 -11.36 -18.20 -31.01
C LEU D 431 -11.24 -16.93 -30.19
N ALA D 432 -11.68 -16.94 -28.94
CA ALA D 432 -11.39 -15.82 -28.05
C ALA D 432 -9.92 -15.74 -27.72
N PHE D 433 -9.33 -16.88 -27.34
CA PHE D 433 -7.89 -16.94 -27.10
C PHE D 433 -7.10 -16.66 -28.37
N TRP D 434 -7.58 -17.15 -29.51
CA TRP D 434 -6.84 -16.91 -30.74
C TRP D 434 -7.03 -15.49 -31.27
N GLN D 435 -8.19 -14.88 -31.05
CA GLN D 435 -8.38 -13.46 -31.32
C GLN D 435 -7.52 -12.60 -30.39
N THR D 436 -7.33 -13.04 -29.15
CA THR D 436 -6.51 -12.26 -28.24
C THR D 436 -5.04 -12.35 -28.63
N GLN D 437 -4.55 -13.55 -28.93
CA GLN D 437 -3.19 -13.65 -29.48
C GLN D 437 -3.09 -13.04 -30.88
N TYR D 438 -4.22 -12.91 -31.58
CA TYR D 438 -4.25 -12.23 -32.87
C TYR D 438 -4.00 -10.74 -32.73
N ASN D 439 -4.75 -10.05 -31.87
CA ASN D 439 -4.48 -8.62 -31.79
C ASN D 439 -3.24 -8.32 -30.93
N ASN D 440 -2.79 -9.27 -30.12
CA ASN D 440 -1.42 -9.20 -29.59
C ASN D 440 -0.40 -9.24 -30.72
N MET D 441 -0.57 -10.14 -31.69
CA MET D 441 0.36 -10.21 -32.81
C MET D 441 0.25 -8.99 -33.71
N ASN D 442 -0.95 -8.40 -33.79
CA ASN D 442 -1.10 -7.15 -34.52
C ASN D 442 -0.38 -6.02 -33.82
N ALA D 443 -0.41 -6.01 -32.49
CA ALA D 443 0.37 -5.03 -31.74
C ALA D 443 1.87 -5.23 -31.95
N VAL D 444 2.31 -6.49 -31.98
CA VAL D 444 3.74 -6.77 -32.09
C VAL D 444 4.26 -6.46 -33.49
N ASN D 445 3.54 -6.85 -34.54
CA ASN D 445 4.06 -6.51 -35.87
C ASN D 445 3.82 -5.04 -36.22
N LEU D 446 2.82 -4.40 -35.61
CA LEU D 446 2.69 -2.96 -35.70
C LEU D 446 3.89 -2.25 -35.07
N PHE D 447 4.34 -2.75 -33.90
CA PHE D 447 5.52 -2.19 -33.26
C PHE D 447 6.78 -2.43 -34.10
N PHE D 448 6.86 -3.59 -34.75
CA PHE D 448 8.00 -3.86 -35.62
C PHE D 448 7.97 -2.95 -36.85
N ALA D 449 6.77 -2.63 -37.34
CA ALA D 449 6.64 -1.66 -38.42
C ALA D 449 7.08 -0.27 -37.96
N TRP D 450 6.70 0.12 -36.73
CA TRP D 450 7.14 1.41 -36.20
C TRP D 450 8.65 1.45 -35.97
N ILE D 451 9.25 0.33 -35.62
CA ILE D 451 10.70 0.29 -35.50
C ILE D 451 11.37 0.24 -36.86
N LYS D 452 10.66 -0.21 -37.90
CA LYS D 452 11.21 -0.32 -39.24
C LYS D 452 11.19 1.00 -40.01
N ILE D 453 10.78 2.10 -39.38
CA ILE D 453 10.79 3.40 -40.03
C ILE D 453 12.22 3.91 -40.22
N PHE D 454 13.18 3.35 -39.48
CA PHE D 454 14.58 3.75 -39.57
C PHE D 454 15.28 3.29 -40.85
N LYS D 455 14.59 2.61 -41.76
CA LYS D 455 15.13 2.33 -43.09
C LYS D 455 15.08 3.62 -43.89
N TYR D 456 16.18 4.37 -43.85
CA TYR D 456 16.26 5.66 -44.52
C TYR D 456 16.88 5.53 -45.91
N PHE D 480 30.85 -6.23 -20.43
CA PHE D 480 31.03 -7.50 -21.12
C PHE D 480 30.07 -8.57 -20.58
N ALA D 481 29.75 -8.44 -19.30
CA ALA D 481 28.65 -9.13 -18.59
C ALA D 481 28.83 -10.64 -18.46
N VAL D 482 29.96 -11.19 -18.90
CA VAL D 482 30.23 -12.60 -18.66
C VAL D 482 30.49 -12.85 -17.17
N MET D 483 31.15 -11.91 -16.51
CA MET D 483 31.30 -11.91 -15.07
C MET D 483 30.10 -11.29 -14.35
N PHE D 484 28.98 -11.11 -15.05
CA PHE D 484 27.76 -10.57 -14.46
C PHE D 484 26.60 -11.53 -14.53
N PHE D 485 26.42 -12.26 -15.64
CA PHE D 485 25.29 -13.17 -15.75
C PHE D 485 25.47 -14.42 -14.89
N ILE D 486 26.69 -14.96 -14.84
CA ILE D 486 26.88 -16.22 -14.12
C ILE D 486 26.79 -16.03 -12.62
N VAL D 487 27.04 -14.81 -12.11
CA VAL D 487 26.75 -14.47 -10.73
C VAL D 487 25.34 -13.92 -10.55
N PHE D 488 24.73 -13.39 -11.61
CA PHE D 488 23.34 -12.93 -11.56
C PHE D 488 22.40 -14.10 -11.31
N PHE D 489 22.52 -15.14 -12.13
CA PHE D 489 21.75 -16.36 -11.91
C PHE D 489 22.23 -17.12 -10.67
N ALA D 490 23.46 -16.88 -10.21
CA ALA D 490 23.90 -17.48 -8.95
C ALA D 490 23.16 -16.88 -7.76
N TYR D 491 23.04 -15.54 -7.73
CA TYR D 491 22.22 -14.90 -6.70
C TYR D 491 20.75 -15.28 -6.86
N ALA D 492 20.28 -15.49 -8.09
CA ALA D 492 18.93 -15.97 -8.31
C ALA D 492 18.74 -17.36 -7.71
N GLN D 493 19.75 -18.21 -7.86
CA GLN D 493 19.72 -19.58 -7.34
C GLN D 493 19.78 -19.59 -5.83
N LEU D 494 20.60 -18.70 -5.25
CA LEU D 494 20.67 -18.54 -3.80
C LEU D 494 19.35 -18.03 -3.26
N GLY D 495 18.70 -17.10 -3.96
CA GLY D 495 17.41 -16.60 -3.53
C GLY D 495 16.32 -17.62 -3.68
N TYR D 496 16.42 -18.50 -4.68
CA TYR D 496 15.44 -19.56 -4.82
C TYR D 496 15.59 -20.62 -3.75
N LEU D 497 16.81 -20.89 -3.29
CA LEU D 497 16.97 -21.95 -2.29
C LEU D 497 16.78 -21.44 -0.86
N LEU D 498 17.28 -20.23 -0.55
CA LEU D 498 16.92 -19.58 0.72
C LEU D 498 15.45 -19.27 0.78
N PHE D 499 14.98 -18.48 -0.18
CA PHE D 499 13.60 -18.02 -0.26
C PHE D 499 12.92 -18.96 -1.26
N GLY D 500 12.55 -20.12 -0.76
CA GLY D 500 11.88 -21.16 -1.51
C GLY D 500 10.44 -20.91 -1.17
N THR D 501 10.02 -21.47 -0.06
CA THR D 501 8.74 -21.10 0.52
C THR D 501 8.85 -19.73 1.20
N GLN D 502 7.80 -19.39 1.95
CA GLN D 502 7.64 -18.21 2.79
C GLN D 502 7.44 -16.92 2.01
N VAL D 503 7.59 -16.95 0.69
CA VAL D 503 7.41 -15.78 -0.13
C VAL D 503 6.82 -16.24 -1.46
N GLU D 504 5.78 -15.56 -1.92
CA GLU D 504 5.16 -15.97 -3.16
C GLU D 504 5.78 -15.27 -4.35
N ASN D 505 6.64 -14.31 -4.07
CA ASN D 505 7.69 -13.93 -4.96
C ASN D 505 8.85 -14.90 -4.74
N PHE D 506 9.95 -14.74 -5.50
CA PHE D 506 11.17 -15.56 -5.40
C PHE D 506 10.93 -17.06 -5.56
N SER D 507 9.85 -17.49 -6.20
CA SER D 507 9.30 -18.80 -5.85
C SER D 507 9.56 -19.87 -6.90
N THR D 508 9.73 -19.50 -8.15
CA THR D 508 10.31 -20.37 -9.15
C THR D 508 11.63 -19.76 -9.57
N PHE D 509 12.30 -20.36 -10.54
CA PHE D 509 13.60 -19.80 -10.89
C PHE D 509 13.46 -18.54 -11.73
N ILE D 510 12.47 -18.52 -12.62
CA ILE D 510 12.24 -17.37 -13.48
C ILE D 510 11.90 -16.15 -12.64
N LYS D 511 10.98 -16.34 -11.69
CA LYS D 511 10.59 -15.26 -10.81
C LYS D 511 11.74 -14.76 -9.96
N CYS D 512 12.78 -15.57 -9.77
CA CYS D 512 14.04 -15.09 -9.20
C CYS D 512 14.93 -14.39 -10.21
N ILE D 513 14.52 -14.23 -11.46
CA ILE D 513 15.13 -13.21 -12.30
C ILE D 513 14.27 -11.95 -12.34
N PHE D 514 12.94 -12.12 -12.29
CA PHE D 514 12.08 -10.94 -12.37
C PHE D 514 12.13 -10.13 -11.07
N THR D 515 12.12 -10.80 -9.92
CA THR D 515 12.25 -10.10 -8.64
C THR D 515 13.62 -9.49 -8.48
N GLN D 516 14.64 -10.26 -8.79
CA GLN D 516 16.02 -9.86 -8.65
C GLN D 516 16.45 -8.88 -9.72
N PHE D 517 15.58 -8.64 -10.71
CA PHE D 517 15.68 -7.52 -11.65
C PHE D 517 14.88 -6.30 -11.19
N ARG D 518 13.69 -6.51 -10.60
CA ARG D 518 12.93 -5.42 -9.99
C ARG D 518 13.71 -4.76 -8.85
N ILE D 519 14.56 -5.52 -8.16
CA ILE D 519 15.42 -4.95 -7.11
C ILE D 519 16.42 -3.96 -7.70
N ILE D 520 16.81 -4.14 -8.97
CA ILE D 520 17.68 -3.15 -9.59
C ILE D 520 16.92 -1.87 -9.86
N LEU D 521 15.61 -1.96 -10.04
CA LEU D 521 14.80 -0.76 -10.27
C LEU D 521 14.38 -0.12 -8.96
N GLY D 522 13.82 -0.89 -8.04
CA GLY D 522 13.48 -0.33 -6.75
C GLY D 522 12.19 -0.85 -6.16
N ASP D 523 11.49 -1.72 -6.87
CA ASP D 523 10.33 -2.40 -6.29
C ASP D 523 10.83 -3.65 -5.59
N PHE D 524 10.77 -3.66 -4.26
CA PHE D 524 11.14 -4.83 -3.48
C PHE D 524 10.38 -4.82 -2.16
N ASP D 525 10.32 -5.97 -1.52
CA ASP D 525 9.59 -6.15 -0.27
C ASP D 525 10.58 -6.70 0.73
N TYR D 526 11.28 -5.79 1.42
CA TYR D 526 12.29 -6.18 2.40
C TYR D 526 11.66 -6.72 3.67
N ASN D 527 10.38 -6.43 3.91
CA ASN D 527 9.67 -6.95 5.07
C ASN D 527 9.16 -8.38 4.85
N ALA D 528 9.59 -9.05 3.78
CA ALA D 528 9.40 -10.48 3.61
C ALA D 528 10.68 -11.19 3.19
N ILE D 529 11.77 -10.44 2.99
CA ILE D 529 13.11 -11.03 3.01
C ILE D 529 13.61 -11.11 4.45
N ASP D 530 13.43 -10.05 5.23
CA ASP D 530 13.82 -10.05 6.63
C ASP D 530 12.86 -10.85 7.50
N ASN D 531 11.67 -11.18 7.00
CA ASN D 531 10.72 -11.99 7.75
C ASN D 531 10.78 -13.45 7.32
N ALA D 532 11.87 -13.88 6.71
CA ALA D 532 12.03 -15.25 6.23
C ALA D 532 13.03 -16.05 7.05
N ASN D 533 14.24 -15.55 7.21
CA ASN D 533 15.26 -16.21 8.01
C ASN D 533 15.93 -15.33 9.05
N ARG D 534 16.01 -14.02 8.83
CA ARG D 534 16.54 -12.94 9.67
C ARG D 534 18.06 -12.91 9.75
N ILE D 535 18.78 -13.86 9.17
CA ILE D 535 20.24 -13.90 9.24
C ILE D 535 20.88 -13.80 7.86
N LEU D 536 20.42 -14.61 6.91
CA LEU D 536 20.99 -14.58 5.57
C LEU D 536 20.20 -13.71 4.60
N GLY D 537 18.95 -13.37 4.94
CA GLY D 537 18.15 -12.47 4.15
C GLY D 537 18.76 -11.11 3.93
N PRO D 538 19.02 -10.38 5.01
CA PRO D 538 19.79 -9.13 4.88
C PRO D 538 21.20 -9.33 4.37
N ALA D 539 21.80 -10.49 4.63
CA ALA D 539 23.15 -10.76 4.17
C ALA D 539 23.18 -10.94 2.66
N TYR D 540 22.18 -11.63 2.12
CA TYR D 540 21.97 -11.66 0.67
C TYR D 540 21.71 -10.26 0.13
N PHE D 541 20.82 -9.51 0.78
CA PHE D 541 20.30 -8.26 0.22
C PHE D 541 21.38 -7.20 0.10
N VAL D 542 22.12 -6.96 1.18
CA VAL D 542 23.07 -5.84 1.23
C VAL D 542 24.22 -6.06 0.25
N THR D 543 24.74 -7.29 0.21
CA THR D 543 25.87 -7.51 -0.69
C THR D 543 25.42 -7.70 -2.13
N TYR D 544 24.16 -8.09 -2.38
CA TYR D 544 23.67 -8.11 -3.75
C TYR D 544 23.50 -6.70 -4.30
N VAL D 545 22.95 -5.80 -3.47
CA VAL D 545 22.79 -4.41 -3.87
C VAL D 545 24.15 -3.75 -4.07
N PHE D 546 25.13 -4.08 -3.21
CA PHE D 546 26.48 -3.54 -3.40
C PHE D 546 27.15 -4.12 -4.64
N PHE D 547 26.84 -5.39 -4.97
CA PHE D 547 27.34 -5.97 -6.21
C PHE D 547 26.77 -5.29 -7.43
N VAL D 548 25.46 -5.00 -7.41
CA VAL D 548 24.82 -4.34 -8.54
C VAL D 548 25.40 -2.93 -8.72
N PHE D 549 25.64 -2.22 -7.61
CA PHE D 549 26.23 -0.89 -7.74
C PHE D 549 27.68 -0.96 -8.23
N PHE D 550 28.42 -1.99 -7.80
CA PHE D 550 29.81 -2.13 -8.23
C PHE D 550 29.91 -2.47 -9.71
N VAL D 551 29.02 -3.32 -10.21
CA VAL D 551 29.11 -3.72 -11.61
C VAL D 551 28.49 -2.65 -12.52
N LEU D 552 27.54 -1.86 -12.01
CA LEU D 552 27.05 -0.73 -12.79
C LEU D 552 28.02 0.43 -12.79
N LEU D 553 28.90 0.53 -11.79
CA LEU D 553 29.91 1.58 -11.81
C LEU D 553 31.15 1.19 -12.62
N ASN D 554 31.56 -0.09 -12.57
CA ASN D 554 32.84 -0.51 -13.13
C ASN D 554 32.92 -0.35 -14.65
N MET D 555 31.81 -0.53 -15.35
CA MET D 555 31.84 -0.55 -16.82
C MET D 555 32.04 0.84 -17.41
N PHE D 556 31.66 1.90 -16.70
CA PHE D 556 31.60 3.24 -17.27
C PHE D 556 32.93 3.97 -17.25
N LEU D 557 33.81 3.65 -16.29
CA LEU D 557 35.07 4.40 -16.11
C LEU D 557 36.02 4.20 -17.28
N ALA D 558 36.06 3.00 -17.86
CA ALA D 558 36.92 2.79 -19.01
C ALA D 558 36.20 3.04 -20.33
N ILE D 559 34.88 3.13 -20.32
CA ILE D 559 34.09 3.36 -21.53
C ILE D 559 33.75 4.82 -21.73
N ILE D 560 34.08 5.68 -20.77
CA ILE D 560 33.80 7.10 -20.91
C ILE D 560 34.67 7.77 -21.99
N ASN D 561 35.83 7.18 -22.31
CA ASN D 561 36.73 7.77 -23.30
C ASN D 561 36.89 6.89 -24.53
C1 NAG E . -22.39 33.86 22.42
C2 NAG E . -22.49 35.21 23.12
C3 NAG E . -23.78 35.33 23.94
C4 NAG E . -24.97 34.98 23.07
C5 NAG E . -24.78 33.61 22.43
C6 NAG E . -25.96 33.25 21.54
C7 NAG E . -20.18 35.84 23.50
C8 NAG E . -19.08 36.03 24.50
N2 NAG E . -21.34 35.41 23.98
O3 NAG E . -23.90 36.66 24.43
O4 NAG E . -26.15 34.97 23.87
O5 NAG E . -23.58 33.60 21.65
O6 NAG E . -25.82 31.90 21.09
O7 NAG E . -20.02 36.07 22.30
C1 NAG F . -37.24 3.58 -27.41
C2 NAG F . -38.02 4.14 -28.59
C3 NAG F . -39.51 3.83 -28.46
C4 NAG F . -39.72 2.35 -28.21
C5 NAG F . -38.91 1.90 -27.01
C6 NAG F . -39.09 0.42 -26.75
C7 NAG F . -36.74 6.06 -29.29
C8 NAG F . -36.66 7.56 -29.35
N2 NAG F . -37.81 5.57 -28.70
O3 NAG F . -40.18 4.22 -29.67
O4 NAG F . -41.11 2.10 -27.97
O5 NAG F . -37.52 2.18 -27.22
O6 NAG F . -38.45 0.06 -25.52
O7 NAG F . -35.85 5.35 -29.75
C1 NAG G . 6.01 -14.80 43.54
C2 NAG G . 6.83 -15.35 44.70
C3 NAG G . 5.93 -15.91 45.80
C4 NAG G . 4.89 -14.87 46.20
C5 NAG G . 4.12 -14.40 44.97
C6 NAG G . 3.08 -13.36 45.34
C7 NAG G . 8.89 -16.07 43.67
C8 NAG G . 9.74 -17.23 43.25
N2 NAG G . 7.73 -16.38 44.23
O3 NAG G . 6.73 -16.25 46.94
O4 NAG G . 3.99 -15.44 47.14
O5 NAG G . 5.02 -13.86 44.00
O6 NAG G . 2.27 -13.06 44.20
O7 NAG G . 9.24 -14.91 43.49
C1 NAG H . -8.84 -45.09 -6.29
C2 NAG H . -8.71 -46.42 -7.01
C3 NAG H . -9.81 -47.39 -6.60
C4 NAG H . -9.86 -47.50 -5.08
C5 NAG H . -10.01 -46.11 -4.47
C6 NAG H . -10.05 -46.19 -2.95
C7 NAG H . -7.66 -45.85 -9.12
C8 NAG H . -7.83 -45.70 -10.60
N2 NAG H . -8.74 -46.22 -8.45
O3 NAG H . -9.54 -48.69 -7.16
O4 NAG H . -10.97 -48.32 -4.70
O5 NAG H . -8.92 -45.28 -4.87
O6 NAG H . -10.35 -44.90 -2.41
O7 NAG H . -6.59 -45.63 -8.56
#